data_3MTV
# 
_entry.id   3MTV 
# 
_audit_conform.dict_name       mmcif_pdbx.dic 
_audit_conform.dict_version    5.388 
_audit_conform.dict_location   http://mmcif.pdb.org/dictionaries/ascii/mmcif_pdbx.dic 
# 
loop_
_database_2.database_id 
_database_2.database_code 
_database_2.pdbx_database_accession 
_database_2.pdbx_DOI 
PDB   3MTV         pdb_00003mtv 10.2210/pdb3mtv/pdb 
RCSB  RCSB058988   ?            ?                   
WWPDB D_1000058988 ?            ?                   
# 
loop_
_pdbx_audit_revision_history.ordinal 
_pdbx_audit_revision_history.data_content_type 
_pdbx_audit_revision_history.major_revision 
_pdbx_audit_revision_history.minor_revision 
_pdbx_audit_revision_history.revision_date 
1 'Structure model' 1 0 2010-05-19 
2 'Structure model' 1 1 2011-07-13 
3 'Structure model' 1 2 2024-03-20 
# 
_pdbx_audit_revision_details.ordinal             1 
_pdbx_audit_revision_details.revision_ordinal    1 
_pdbx_audit_revision_details.data_content_type   'Structure model' 
_pdbx_audit_revision_details.provider            repository 
_pdbx_audit_revision_details.type                'Initial release' 
_pdbx_audit_revision_details.description         ? 
_pdbx_audit_revision_details.details             ? 
# 
loop_
_pdbx_audit_revision_group.ordinal 
_pdbx_audit_revision_group.revision_ordinal 
_pdbx_audit_revision_group.data_content_type 
_pdbx_audit_revision_group.group 
1 2 'Structure model' 'Version format compliance' 
2 3 'Structure model' 'Data collection'           
3 3 'Structure model' 'Database references'       
# 
loop_
_pdbx_audit_revision_category.ordinal 
_pdbx_audit_revision_category.revision_ordinal 
_pdbx_audit_revision_category.data_content_type 
_pdbx_audit_revision_category.category 
1 3 'Structure model' chem_comp_atom 
2 3 'Structure model' chem_comp_bond 
3 3 'Structure model' database_2     
# 
loop_
_pdbx_audit_revision_item.ordinal 
_pdbx_audit_revision_item.revision_ordinal 
_pdbx_audit_revision_item.data_content_type 
_pdbx_audit_revision_item.item 
1 3 'Structure model' '_database_2.pdbx_DOI'                
2 3 'Structure model' '_database_2.pdbx_database_accession' 
# 
_pdbx_database_status.status_code                     REL 
_pdbx_database_status.entry_id                        3MTV 
_pdbx_database_status.recvd_initial_deposition_date   2010-04-30 
_pdbx_database_status.deposit_site                    RCSB 
_pdbx_database_status.process_site                    PDBJ 
_pdbx_database_status.status_code_sf                  REL 
_pdbx_database_status.status_code_mr                  ? 
_pdbx_database_status.SG_entry                        ? 
_pdbx_database_status.pdb_format_compatible           Y 
_pdbx_database_status.status_code_cs                  ? 
_pdbx_database_status.status_code_nmr_data            ? 
_pdbx_database_status.methods_development_category    ? 
# 
loop_
_audit_author.name 
_audit_author.pdbx_ordinal 
'Xue, F.'   1 
'Sun, Y.N.' 2 
'Yan, L.M.' 3 
'Zhao, C.'  4 
'Lou, Z.Y.' 5 
'Rao, Z.H.' 6 
# 
_citation.id                        primary 
_citation.title                     
;The crystal structure of porcine reproductive and respiratory syndrome virus nonstructural protein Nsp1beta reveals a novel metal-dependent nuclease
;
_citation.journal_abbrev            J.Virol. 
_citation.journal_volume            84 
_citation.page_first                6461 
_citation.page_last                 6471 
_citation.year                      2010 
_citation.journal_id_ASTM           JOVIAM 
_citation.country                   US 
_citation.journal_id_ISSN           0022-538X 
_citation.journal_id_CSD            0825 
_citation.book_publisher            ? 
_citation.pdbx_database_id_PubMed   20410261 
_citation.pdbx_database_id_DOI      10.1128/JVI.00301-10 
# 
loop_
_citation_author.citation_id 
_citation_author.name 
_citation_author.ordinal 
_citation_author.identifier_ORCID 
primary 'Xue, F.'     1 ? 
primary 'Sun, Y.N.'   2 ? 
primary 'Yan, L.M.'   3 ? 
primary 'Zhao, C.'    4 ? 
primary 'Chen, J.'    5 ? 
primary 'Bartlam, M.' 6 ? 
primary 'Li, X.M.'    7 ? 
primary 'Lou, Z.Y.'   8 ? 
primary 'Rao, Z.H.'   9 ? 
# 
loop_
_entity.id 
_entity.type 
_entity.src_method 
_entity.pdbx_description 
_entity.formula_weight 
_entity.pdbx_number_of_molecules 
_entity.pdbx_ec 
_entity.pdbx_mutation 
_entity.pdbx_fragment 
_entity.details 
1 polymer man 'Papain-like cysteine protease' 23093.434 1  ? ? 'UNP residues 181-383' ? 
2 water   nat water                           18.015    20 ? ? ?                      ? 
# 
_entity_name_com.entity_id   1 
_entity_name_com.name        nsp1b 
# 
_entity_poly.entity_id                      1 
_entity_poly.type                           'polypeptide(L)' 
_entity_poly.nstd_linkage                   no 
_entity_poly.nstd_monomer                   no 
_entity_poly.pdbx_seq_one_letter_code       
;ADVYDIGRGAVMYVAGGKVSWAPRGGNEVKFEPVPKELKLVANRLHTSFPPHHVVDMSKFTFITPGSGVSMRVEYQYGCL
PADTVPEGNCWWRLLDSLPPEVQYKEIRHANQFGYQTKHGVPGKYLQRRLQVNGLRAVTDTHGPIVIQYFSVKESWIRHL
KLVEEPSLPGFEDLLRIRVEPNTSPLAGKDEKIFRFGSHKWYG
;
_entity_poly.pdbx_seq_one_letter_code_can   
;ADVYDIGRGAVMYVAGGKVSWAPRGGNEVKFEPVPKELKLVANRLHTSFPPHHVVDMSKFTFITPGSGVSMRVEYQYGCL
PADTVPEGNCWWRLLDSLPPEVQYKEIRHANQFGYQTKHGVPGKYLQRRLQVNGLRAVTDTHGPIVIQYFSVKESWIRHL
KLVEEPSLPGFEDLLRIRVEPNTSPLAGKDEKIFRFGSHKWYG
;
_entity_poly.pdbx_strand_id                 A 
_entity_poly.pdbx_target_identifier         ? 
# 
_pdbx_entity_nonpoly.entity_id   2 
_pdbx_entity_nonpoly.name        water 
_pdbx_entity_nonpoly.comp_id     HOH 
# 
loop_
_entity_poly_seq.entity_id 
_entity_poly_seq.num 
_entity_poly_seq.mon_id 
_entity_poly_seq.hetero 
1 1   ALA n 
1 2   ASP n 
1 3   VAL n 
1 4   TYR n 
1 5   ASP n 
1 6   ILE n 
1 7   GLY n 
1 8   ARG n 
1 9   GLY n 
1 10  ALA n 
1 11  VAL n 
1 12  MET n 
1 13  TYR n 
1 14  VAL n 
1 15  ALA n 
1 16  GLY n 
1 17  GLY n 
1 18  LYS n 
1 19  VAL n 
1 20  SER n 
1 21  TRP n 
1 22  ALA n 
1 23  PRO n 
1 24  ARG n 
1 25  GLY n 
1 26  GLY n 
1 27  ASN n 
1 28  GLU n 
1 29  VAL n 
1 30  LYS n 
1 31  PHE n 
1 32  GLU n 
1 33  PRO n 
1 34  VAL n 
1 35  PRO n 
1 36  LYS n 
1 37  GLU n 
1 38  LEU n 
1 39  LYS n 
1 40  LEU n 
1 41  VAL n 
1 42  ALA n 
1 43  ASN n 
1 44  ARG n 
1 45  LEU n 
1 46  HIS n 
1 47  THR n 
1 48  SER n 
1 49  PHE n 
1 50  PRO n 
1 51  PRO n 
1 52  HIS n 
1 53  HIS n 
1 54  VAL n 
1 55  VAL n 
1 56  ASP n 
1 57  MET n 
1 58  SER n 
1 59  LYS n 
1 60  PHE n 
1 61  THR n 
1 62  PHE n 
1 63  ILE n 
1 64  THR n 
1 65  PRO n 
1 66  GLY n 
1 67  SER n 
1 68  GLY n 
1 69  VAL n 
1 70  SER n 
1 71  MET n 
1 72  ARG n 
1 73  VAL n 
1 74  GLU n 
1 75  TYR n 
1 76  GLN n 
1 77  TYR n 
1 78  GLY n 
1 79  CYS n 
1 80  LEU n 
1 81  PRO n 
1 82  ALA n 
1 83  ASP n 
1 84  THR n 
1 85  VAL n 
1 86  PRO n 
1 87  GLU n 
1 88  GLY n 
1 89  ASN n 
1 90  CYS n 
1 91  TRP n 
1 92  TRP n 
1 93  ARG n 
1 94  LEU n 
1 95  LEU n 
1 96  ASP n 
1 97  SER n 
1 98  LEU n 
1 99  PRO n 
1 100 PRO n 
1 101 GLU n 
1 102 VAL n 
1 103 GLN n 
1 104 TYR n 
1 105 LYS n 
1 106 GLU n 
1 107 ILE n 
1 108 ARG n 
1 109 HIS n 
1 110 ALA n 
1 111 ASN n 
1 112 GLN n 
1 113 PHE n 
1 114 GLY n 
1 115 TYR n 
1 116 GLN n 
1 117 THR n 
1 118 LYS n 
1 119 HIS n 
1 120 GLY n 
1 121 VAL n 
1 122 PRO n 
1 123 GLY n 
1 124 LYS n 
1 125 TYR n 
1 126 LEU n 
1 127 GLN n 
1 128 ARG n 
1 129 ARG n 
1 130 LEU n 
1 131 GLN n 
1 132 VAL n 
1 133 ASN n 
1 134 GLY n 
1 135 LEU n 
1 136 ARG n 
1 137 ALA n 
1 138 VAL n 
1 139 THR n 
1 140 ASP n 
1 141 THR n 
1 142 HIS n 
1 143 GLY n 
1 144 PRO n 
1 145 ILE n 
1 146 VAL n 
1 147 ILE n 
1 148 GLN n 
1 149 TYR n 
1 150 PHE n 
1 151 SER n 
1 152 VAL n 
1 153 LYS n 
1 154 GLU n 
1 155 SER n 
1 156 TRP n 
1 157 ILE n 
1 158 ARG n 
1 159 HIS n 
1 160 LEU n 
1 161 LYS n 
1 162 LEU n 
1 163 VAL n 
1 164 GLU n 
1 165 GLU n 
1 166 PRO n 
1 167 SER n 
1 168 LEU n 
1 169 PRO n 
1 170 GLY n 
1 171 PHE n 
1 172 GLU n 
1 173 ASP n 
1 174 LEU n 
1 175 LEU n 
1 176 ARG n 
1 177 ILE n 
1 178 ARG n 
1 179 VAL n 
1 180 GLU n 
1 181 PRO n 
1 182 ASN n 
1 183 THR n 
1 184 SER n 
1 185 PRO n 
1 186 LEU n 
1 187 ALA n 
1 188 GLY n 
1 189 LYS n 
1 190 ASP n 
1 191 GLU n 
1 192 LYS n 
1 193 ILE n 
1 194 PHE n 
1 195 ARG n 
1 196 PHE n 
1 197 GLY n 
1 198 SER n 
1 199 HIS n 
1 200 LYS n 
1 201 TRP n 
1 202 TYR n 
1 203 GLY n 
# 
_entity_src_gen.entity_id                          1 
_entity_src_gen.pdbx_src_id                        1 
_entity_src_gen.pdbx_alt_source_flag               sample 
_entity_src_gen.pdbx_seq_type                      ? 
_entity_src_gen.pdbx_beg_seq_num                   ? 
_entity_src_gen.pdbx_end_seq_num                   ? 
_entity_src_gen.gene_src_common_name               PRRSV 
_entity_src_gen.gene_src_genus                     ? 
_entity_src_gen.pdbx_gene_src_gene                 ? 
_entity_src_gen.gene_src_species                   ? 
_entity_src_gen.gene_src_strain                    ? 
_entity_src_gen.gene_src_tissue                    ? 
_entity_src_gen.gene_src_tissue_fraction           ? 
_entity_src_gen.gene_src_details                   ? 
_entity_src_gen.pdbx_gene_src_fragment             ? 
_entity_src_gen.pdbx_gene_src_scientific_name      'Porcine reproductive and respiratory syndrome virus' 
_entity_src_gen.pdbx_gene_src_ncbi_taxonomy_id     28344 
_entity_src_gen.pdbx_gene_src_variant              ? 
_entity_src_gen.pdbx_gene_src_cell_line            ? 
_entity_src_gen.pdbx_gene_src_atcc                 ? 
_entity_src_gen.pdbx_gene_src_organ                ? 
_entity_src_gen.pdbx_gene_src_organelle            ? 
_entity_src_gen.pdbx_gene_src_cell                 ? 
_entity_src_gen.pdbx_gene_src_cellular_location    ? 
_entity_src_gen.host_org_common_name               ? 
_entity_src_gen.pdbx_host_org_scientific_name      'Escherichia coli' 
_entity_src_gen.pdbx_host_org_ncbi_taxonomy_id     469008 
_entity_src_gen.host_org_genus                     ? 
_entity_src_gen.pdbx_host_org_gene                 ? 
_entity_src_gen.pdbx_host_org_organ                ? 
_entity_src_gen.host_org_species                   ? 
_entity_src_gen.pdbx_host_org_tissue               ? 
_entity_src_gen.pdbx_host_org_tissue_fraction      ? 
_entity_src_gen.pdbx_host_org_strain               'BL21 (DE3)' 
_entity_src_gen.pdbx_host_org_variant              ? 
_entity_src_gen.pdbx_host_org_cell_line            ? 
_entity_src_gen.pdbx_host_org_atcc                 ? 
_entity_src_gen.pdbx_host_org_culture_collection   ? 
_entity_src_gen.pdbx_host_org_cell                 ? 
_entity_src_gen.pdbx_host_org_organelle            ? 
_entity_src_gen.pdbx_host_org_cellular_location    ? 
_entity_src_gen.pdbx_host_org_vector_type          plasmid 
_entity_src_gen.pdbx_host_org_vector               ? 
_entity_src_gen.host_org_details                   ? 
_entity_src_gen.expression_system_id               ? 
_entity_src_gen.plasmid_name                       pGEX-6p-1 
_entity_src_gen.plasmid_details                    ? 
_entity_src_gen.pdbx_description                   ? 
# 
loop_
_chem_comp.id 
_chem_comp.type 
_chem_comp.mon_nstd_flag 
_chem_comp.name 
_chem_comp.pdbx_synonyms 
_chem_comp.formula 
_chem_comp.formula_weight 
ALA 'L-peptide linking' y ALANINE         ? 'C3 H7 N O2'     89.093  
ARG 'L-peptide linking' y ARGININE        ? 'C6 H15 N4 O2 1' 175.209 
ASN 'L-peptide linking' y ASPARAGINE      ? 'C4 H8 N2 O3'    132.118 
ASP 'L-peptide linking' y 'ASPARTIC ACID' ? 'C4 H7 N O4'     133.103 
CYS 'L-peptide linking' y CYSTEINE        ? 'C3 H7 N O2 S'   121.158 
GLN 'L-peptide linking' y GLUTAMINE       ? 'C5 H10 N2 O3'   146.144 
GLU 'L-peptide linking' y 'GLUTAMIC ACID' ? 'C5 H9 N O4'     147.129 
GLY 'peptide linking'   y GLYCINE         ? 'C2 H5 N O2'     75.067  
HIS 'L-peptide linking' y HISTIDINE       ? 'C6 H10 N3 O2 1' 156.162 
HOH non-polymer         . WATER           ? 'H2 O'           18.015  
ILE 'L-peptide linking' y ISOLEUCINE      ? 'C6 H13 N O2'    131.173 
LEU 'L-peptide linking' y LEUCINE         ? 'C6 H13 N O2'    131.173 
LYS 'L-peptide linking' y LYSINE          ? 'C6 H15 N2 O2 1' 147.195 
MET 'L-peptide linking' y METHIONINE      ? 'C5 H11 N O2 S'  149.211 
PHE 'L-peptide linking' y PHENYLALANINE   ? 'C9 H11 N O2'    165.189 
PRO 'L-peptide linking' y PROLINE         ? 'C5 H9 N O2'     115.130 
SER 'L-peptide linking' y SERINE          ? 'C3 H7 N O3'     105.093 
THR 'L-peptide linking' y THREONINE       ? 'C4 H9 N O3'     119.119 
TRP 'L-peptide linking' y TRYPTOPHAN      ? 'C11 H12 N2 O2'  204.225 
TYR 'L-peptide linking' y TYROSINE        ? 'C9 H11 N O3'    181.189 
VAL 'L-peptide linking' y VALINE          ? 'C5 H11 N O2'    117.146 
# 
loop_
_pdbx_poly_seq_scheme.asym_id 
_pdbx_poly_seq_scheme.entity_id 
_pdbx_poly_seq_scheme.seq_id 
_pdbx_poly_seq_scheme.mon_id 
_pdbx_poly_seq_scheme.ndb_seq_num 
_pdbx_poly_seq_scheme.pdb_seq_num 
_pdbx_poly_seq_scheme.auth_seq_num 
_pdbx_poly_seq_scheme.pdb_mon_id 
_pdbx_poly_seq_scheme.auth_mon_id 
_pdbx_poly_seq_scheme.pdb_strand_id 
_pdbx_poly_seq_scheme.pdb_ins_code 
_pdbx_poly_seq_scheme.hetero 
A 1 1   ALA 1   1   1   ALA ALA A . n 
A 1 2   ASP 2   2   2   ASP ASP A . n 
A 1 3   VAL 3   3   3   VAL VAL A . n 
A 1 4   TYR 4   4   4   TYR TYR A . n 
A 1 5   ASP 5   5   5   ASP ASP A . n 
A 1 6   ILE 6   6   6   ILE ILE A . n 
A 1 7   GLY 7   7   7   GLY GLY A . n 
A 1 8   ARG 8   8   8   ARG ARG A . n 
A 1 9   GLY 9   9   9   GLY GLY A . n 
A 1 10  ALA 10  10  10  ALA ALA A . n 
A 1 11  VAL 11  11  11  VAL VAL A . n 
A 1 12  MET 12  12  12  MET MET A . n 
A 1 13  TYR 13  13  13  TYR TYR A . n 
A 1 14  VAL 14  14  14  VAL VAL A . n 
A 1 15  ALA 15  15  15  ALA ALA A . n 
A 1 16  GLY 16  16  16  GLY GLY A . n 
A 1 17  GLY 17  17  17  GLY GLY A . n 
A 1 18  LYS 18  18  18  LYS LYS A . n 
A 1 19  VAL 19  19  19  VAL VAL A . n 
A 1 20  SER 20  20  20  SER SER A . n 
A 1 21  TRP 21  21  21  TRP TRP A . n 
A 1 22  ALA 22  22  22  ALA ALA A . n 
A 1 23  PRO 23  23  23  PRO PRO A . n 
A 1 24  ARG 24  24  24  ARG ARG A . n 
A 1 25  GLY 25  25  25  GLY GLY A . n 
A 1 26  GLY 26  26  26  GLY GLY A . n 
A 1 27  ASN 27  27  27  ASN ASN A . n 
A 1 28  GLU 28  28  28  GLU GLU A . n 
A 1 29  VAL 29  29  29  VAL VAL A . n 
A 1 30  LYS 30  30  30  LYS LYS A . n 
A 1 31  PHE 31  31  31  PHE PHE A . n 
A 1 32  GLU 32  32  32  GLU GLU A . n 
A 1 33  PRO 33  33  33  PRO PRO A . n 
A 1 34  VAL 34  34  34  VAL VAL A . n 
A 1 35  PRO 35  35  35  PRO PRO A . n 
A 1 36  LYS 36  36  36  LYS LYS A . n 
A 1 37  GLU 37  37  37  GLU GLU A . n 
A 1 38  LEU 38  38  38  LEU LEU A . n 
A 1 39  LYS 39  39  39  LYS LYS A . n 
A 1 40  LEU 40  40  40  LEU LEU A . n 
A 1 41  VAL 41  41  41  VAL VAL A . n 
A 1 42  ALA 42  42  42  ALA ALA A . n 
A 1 43  ASN 43  43  43  ASN ASN A . n 
A 1 44  ARG 44  44  44  ARG ARG A . n 
A 1 45  LEU 45  45  45  LEU LEU A . n 
A 1 46  HIS 46  46  46  HIS HIS A . n 
A 1 47  THR 47  47  47  THR THR A . n 
A 1 48  SER 48  48  48  SER SER A . n 
A 1 49  PHE 49  49  49  PHE PHE A . n 
A 1 50  PRO 50  50  50  PRO PRO A . n 
A 1 51  PRO 51  51  51  PRO PRO A . n 
A 1 52  HIS 52  52  52  HIS HIS A . n 
A 1 53  HIS 53  53  53  HIS HIS A . n 
A 1 54  VAL 54  54  54  VAL VAL A . n 
A 1 55  VAL 55  55  55  VAL VAL A . n 
A 1 56  ASP 56  56  56  ASP ASP A . n 
A 1 57  MET 57  57  57  MET MET A . n 
A 1 58  SER 58  58  58  SER SER A . n 
A 1 59  LYS 59  59  59  LYS LYS A . n 
A 1 60  PHE 60  60  60  PHE PHE A . n 
A 1 61  THR 61  61  61  THR THR A . n 
A 1 62  PHE 62  62  62  PHE PHE A . n 
A 1 63  ILE 63  63  63  ILE ILE A . n 
A 1 64  THR 64  64  64  THR THR A . n 
A 1 65  PRO 65  65  65  PRO PRO A . n 
A 1 66  GLY 66  66  66  GLY GLY A . n 
A 1 67  SER 67  67  67  SER SER A . n 
A 1 68  GLY 68  68  68  GLY GLY A . n 
A 1 69  VAL 69  69  69  VAL VAL A . n 
A 1 70  SER 70  70  70  SER SER A . n 
A 1 71  MET 71  71  71  MET MET A . n 
A 1 72  ARG 72  72  72  ARG ARG A . n 
A 1 73  VAL 73  73  73  VAL VAL A . n 
A 1 74  GLU 74  74  74  GLU GLU A . n 
A 1 75  TYR 75  75  75  TYR TYR A . n 
A 1 76  GLN 76  76  76  GLN GLN A . n 
A 1 77  TYR 77  77  77  TYR TYR A . n 
A 1 78  GLY 78  78  78  GLY GLY A . n 
A 1 79  CYS 79  79  79  CYS CYS A . n 
A 1 80  LEU 80  80  80  LEU LEU A . n 
A 1 81  PRO 81  81  81  PRO PRO A . n 
A 1 82  ALA 82  82  82  ALA ALA A . n 
A 1 83  ASP 83  83  83  ASP ASP A . n 
A 1 84  THR 84  84  84  THR THR A . n 
A 1 85  VAL 85  85  85  VAL VAL A . n 
A 1 86  PRO 86  86  86  PRO PRO A . n 
A 1 87  GLU 87  87  87  GLU GLU A . n 
A 1 88  GLY 88  88  88  GLY GLY A . n 
A 1 89  ASN 89  89  89  ASN ASN A . n 
A 1 90  CYS 90  90  90  CYS CYS A . n 
A 1 91  TRP 91  91  91  TRP TRP A . n 
A 1 92  TRP 92  92  92  TRP TRP A . n 
A 1 93  ARG 93  93  93  ARG ARG A . n 
A 1 94  LEU 94  94  94  LEU LEU A . n 
A 1 95  LEU 95  95  95  LEU LEU A . n 
A 1 96  ASP 96  96  96  ASP ASP A . n 
A 1 97  SER 97  97  97  SER SER A . n 
A 1 98  LEU 98  98  98  LEU LEU A . n 
A 1 99  PRO 99  99  99  PRO PRO A . n 
A 1 100 PRO 100 100 100 PRO PRO A . n 
A 1 101 GLU 101 101 101 GLU GLU A . n 
A 1 102 VAL 102 102 102 VAL VAL A . n 
A 1 103 GLN 103 103 103 GLN GLN A . n 
A 1 104 TYR 104 104 104 TYR TYR A . n 
A 1 105 LYS 105 105 105 LYS LYS A . n 
A 1 106 GLU 106 106 106 GLU GLU A . n 
A 1 107 ILE 107 107 107 ILE ILE A . n 
A 1 108 ARG 108 108 108 ARG ARG A . n 
A 1 109 HIS 109 109 109 HIS HIS A . n 
A 1 110 ALA 110 110 110 ALA ALA A . n 
A 1 111 ASN 111 111 111 ASN ASN A . n 
A 1 112 GLN 112 112 112 GLN GLN A . n 
A 1 113 PHE 113 113 113 PHE PHE A . n 
A 1 114 GLY 114 114 114 GLY GLY A . n 
A 1 115 TYR 115 115 115 TYR TYR A . n 
A 1 116 GLN 116 116 116 GLN GLN A . n 
A 1 117 THR 117 117 117 THR THR A . n 
A 1 118 LYS 118 118 118 LYS LYS A . n 
A 1 119 HIS 119 119 119 HIS HIS A . n 
A 1 120 GLY 120 120 120 GLY GLY A . n 
A 1 121 VAL 121 121 121 VAL VAL A . n 
A 1 122 PRO 122 122 122 PRO PRO A . n 
A 1 123 GLY 123 123 123 GLY GLY A . n 
A 1 124 LYS 124 124 124 LYS LYS A . n 
A 1 125 TYR 125 125 125 TYR TYR A . n 
A 1 126 LEU 126 126 126 LEU LEU A . n 
A 1 127 GLN 127 127 127 GLN GLN A . n 
A 1 128 ARG 128 128 128 ARG ARG A . n 
A 1 129 ARG 129 129 129 ARG ARG A . n 
A 1 130 LEU 130 130 130 LEU LEU A . n 
A 1 131 GLN 131 131 131 GLN GLN A . n 
A 1 132 VAL 132 132 132 VAL VAL A . n 
A 1 133 ASN 133 133 133 ASN ASN A . n 
A 1 134 GLY 134 134 134 GLY GLY A . n 
A 1 135 LEU 135 135 135 LEU LEU A . n 
A 1 136 ARG 136 136 136 ARG ARG A . n 
A 1 137 ALA 137 137 137 ALA ALA A . n 
A 1 138 VAL 138 138 138 VAL VAL A . n 
A 1 139 THR 139 139 139 THR THR A . n 
A 1 140 ASP 140 140 140 ASP ASP A . n 
A 1 141 THR 141 141 141 THR THR A . n 
A 1 142 HIS 142 142 142 HIS HIS A . n 
A 1 143 GLY 143 143 143 GLY GLY A . n 
A 1 144 PRO 144 144 144 PRO PRO A . n 
A 1 145 ILE 145 145 145 ILE ILE A . n 
A 1 146 VAL 146 146 146 VAL VAL A . n 
A 1 147 ILE 147 147 147 ILE ILE A . n 
A 1 148 GLN 148 148 148 GLN GLN A . n 
A 1 149 TYR 149 149 149 TYR TYR A . n 
A 1 150 PHE 150 150 150 PHE PHE A . n 
A 1 151 SER 151 151 151 SER SER A . n 
A 1 152 VAL 152 152 152 VAL VAL A . n 
A 1 153 LYS 153 153 153 LYS LYS A . n 
A 1 154 GLU 154 154 154 GLU GLU A . n 
A 1 155 SER 155 155 155 SER SER A . n 
A 1 156 TRP 156 156 156 TRP TRP A . n 
A 1 157 ILE 157 157 157 ILE ILE A . n 
A 1 158 ARG 158 158 158 ARG ARG A . n 
A 1 159 HIS 159 159 159 HIS HIS A . n 
A 1 160 LEU 160 160 160 LEU LEU A . n 
A 1 161 LYS 161 161 161 LYS LYS A . n 
A 1 162 LEU 162 162 162 LEU LEU A . n 
A 1 163 VAL 163 163 163 VAL VAL A . n 
A 1 164 GLU 164 164 164 GLU GLU A . n 
A 1 165 GLU 165 165 165 GLU GLU A . n 
A 1 166 PRO 166 166 166 PRO PRO A . n 
A 1 167 SER 167 167 167 SER SER A . n 
A 1 168 LEU 168 168 168 LEU LEU A . n 
A 1 169 PRO 169 169 169 PRO PRO A . n 
A 1 170 GLY 170 170 170 GLY GLY A . n 
A 1 171 PHE 171 171 171 PHE PHE A . n 
A 1 172 GLU 172 172 172 GLU GLU A . n 
A 1 173 ASP 173 173 173 ASP ASP A . n 
A 1 174 LEU 174 174 174 LEU LEU A . n 
A 1 175 LEU 175 175 175 LEU LEU A . n 
A 1 176 ARG 176 176 176 ARG ARG A . n 
A 1 177 ILE 177 177 177 ILE ILE A . n 
A 1 178 ARG 178 178 178 ARG ARG A . n 
A 1 179 VAL 179 179 179 VAL VAL A . n 
A 1 180 GLU 180 180 180 GLU GLU A . n 
A 1 181 PRO 181 181 181 PRO PRO A . n 
A 1 182 ASN 182 182 182 ASN ASN A . n 
A 1 183 THR 183 183 183 THR THR A . n 
A 1 184 SER 184 184 184 SER SER A . n 
A 1 185 PRO 185 185 185 PRO PRO A . n 
A 1 186 LEU 186 186 186 LEU LEU A . n 
A 1 187 ALA 187 187 187 ALA ALA A . n 
A 1 188 GLY 188 188 188 GLY GLY A . n 
A 1 189 LYS 189 189 189 LYS LYS A . n 
A 1 190 ASP 190 190 190 ASP ASP A . n 
A 1 191 GLU 191 191 191 GLU GLU A . n 
A 1 192 LYS 192 192 192 LYS LYS A . n 
A 1 193 ILE 193 193 193 ILE ILE A . n 
A 1 194 PHE 194 194 194 PHE PHE A . n 
A 1 195 ARG 195 195 195 ARG ARG A . n 
A 1 196 PHE 196 196 196 PHE PHE A . n 
A 1 197 GLY 197 197 197 GLY GLY A . n 
A 1 198 SER 198 198 198 SER SER A . n 
A 1 199 HIS 199 199 199 HIS HIS A . n 
A 1 200 LYS 200 200 200 LYS LYS A . n 
A 1 201 TRP 201 201 201 TRP TRP A . n 
A 1 202 TYR 202 202 202 TYR TYR A . n 
A 1 203 GLY 203 203 203 GLY GLY A . n 
# 
loop_
_pdbx_nonpoly_scheme.asym_id 
_pdbx_nonpoly_scheme.entity_id 
_pdbx_nonpoly_scheme.mon_id 
_pdbx_nonpoly_scheme.ndb_seq_num 
_pdbx_nonpoly_scheme.pdb_seq_num 
_pdbx_nonpoly_scheme.auth_seq_num 
_pdbx_nonpoly_scheme.pdb_mon_id 
_pdbx_nonpoly_scheme.auth_mon_id 
_pdbx_nonpoly_scheme.pdb_strand_id 
_pdbx_nonpoly_scheme.pdb_ins_code 
B 2 HOH 1  204 1  HOH HOH A . 
B 2 HOH 2  205 2  HOH HOH A . 
B 2 HOH 3  206 3  HOH HOH A . 
B 2 HOH 4  207 4  HOH HOH A . 
B 2 HOH 5  208 5  HOH HOH A . 
B 2 HOH 6  209 6  HOH HOH A . 
B 2 HOH 7  210 7  HOH HOH A . 
B 2 HOH 8  211 8  HOH HOH A . 
B 2 HOH 9  212 9  HOH HOH A . 
B 2 HOH 10 213 10 HOH HOH A . 
B 2 HOH 11 214 11 HOH HOH A . 
B 2 HOH 12 215 12 HOH HOH A . 
B 2 HOH 13 216 13 HOH HOH A . 
B 2 HOH 14 217 14 HOH HOH A . 
B 2 HOH 15 218 15 HOH HOH A . 
B 2 HOH 16 219 16 HOH HOH A . 
B 2 HOH 17 220 17 HOH HOH A . 
B 2 HOH 18 221 18 HOH HOH A . 
B 2 HOH 19 222 19 HOH HOH A . 
B 2 HOH 20 223 20 HOH HOH A . 
# 
_pdbx_unobs_or_zero_occ_atoms.id               1 
_pdbx_unobs_or_zero_occ_atoms.PDB_model_num    1 
_pdbx_unobs_or_zero_occ_atoms.polymer_flag     Y 
_pdbx_unobs_or_zero_occ_atoms.occupancy_flag   1 
_pdbx_unobs_or_zero_occ_atoms.auth_asym_id     A 
_pdbx_unobs_or_zero_occ_atoms.auth_comp_id     GLY 
_pdbx_unobs_or_zero_occ_atoms.auth_seq_id      203 
_pdbx_unobs_or_zero_occ_atoms.PDB_ins_code     ? 
_pdbx_unobs_or_zero_occ_atoms.auth_atom_id     O 
_pdbx_unobs_or_zero_occ_atoms.label_alt_id     ? 
_pdbx_unobs_or_zero_occ_atoms.label_asym_id    A 
_pdbx_unobs_or_zero_occ_atoms.label_comp_id    GLY 
_pdbx_unobs_or_zero_occ_atoms.label_seq_id     203 
_pdbx_unobs_or_zero_occ_atoms.label_atom_id    O 
# 
loop_
_software.name 
_software.classification 
_software.version 
_software.citation_id 
_software.pdbx_ordinal 
ADSC     'data collection' Quantum                      ? 1 
PHENIX   'model building'  .                            ? 2 
PHENIX   refinement        '(phenix.refine: 1.6.1_357)' ? 3 
HKL-2000 'data reduction'  .                            ? 4 
HKL-2000 'data scaling'    .                            ? 5 
PHENIX   phasing           .                            ? 6 
# 
_cell.entry_id           3MTV 
_cell.length_a           100.895 
_cell.length_b           100.895 
_cell.length_c           81.685 
_cell.angle_alpha        90.00 
_cell.angle_beta         90.00 
_cell.angle_gamma        90.00 
_cell.Z_PDB              8 
_cell.pdbx_unique_axis   ? 
_cell.length_a_esd       ? 
_cell.length_b_esd       ? 
_cell.length_c_esd       ? 
_cell.angle_alpha_esd    ? 
_cell.angle_beta_esd     ? 
_cell.angle_gamma_esd    ? 
# 
_symmetry.entry_id                         3MTV 
_symmetry.space_group_name_H-M             'P 41 21 2' 
_symmetry.pdbx_full_space_group_name_H-M   ? 
_symmetry.cell_setting                     ? 
_symmetry.Int_Tables_number                92 
_symmetry.space_group_name_Hall            ? 
# 
_exptl.entry_id          3MTV 
_exptl.method            'X-RAY DIFFRACTION' 
_exptl.crystals_number   2 
# 
_exptl_crystal.id                    1 
_exptl_crystal.density_meas          ? 
_exptl_crystal.density_Matthews      4.50 
_exptl_crystal.density_percent_sol   72.67 
_exptl_crystal.description           ? 
_exptl_crystal.F_000                 ? 
_exptl_crystal.preparation           ? 
# 
_exptl_crystal_grow.crystal_id      1 
_exptl_crystal_grow.method          'VAPOR DIFFUSION, HANGING DROP' 
_exptl_crystal_grow.temp            291 
_exptl_crystal_grow.temp_details    ? 
_exptl_crystal_grow.pH              6.0 
_exptl_crystal_grow.pdbx_details    '100mM HEPES (pH 7.0), VAPOR DIFFUSION, HANGING DROP, temperature 291K' 
_exptl_crystal_grow.pdbx_pH_range   . 
# 
loop_
_diffrn.id 
_diffrn.ambient_temp 
_diffrn.ambient_temp_details 
_diffrn.crystal_id 
1 100 ? 1 
2 100 ? 1 
# 
loop_
_diffrn_detector.diffrn_id 
_diffrn_detector.detector 
_diffrn_detector.type 
_diffrn_detector.pdbx_collection_date 
_diffrn_detector.details 
1 CCD 'ADSC QUANTUM 315' 2009-03-15 ? 
2 CCD 'ADSC QUANTUM 270' 2009-03-15 ? 
# 
loop_
_diffrn_radiation.diffrn_id 
_diffrn_radiation.wavelength_id 
_diffrn_radiation.pdbx_monochromatic_or_laue_m_l 
_diffrn_radiation.monochromator 
_diffrn_radiation.pdbx_diffrn_protocol 
_diffrn_radiation.pdbx_scattering_type 
1 1 M 'Si 111 CHANNEL' 'SINGLE WAVELENGTH' x-ray 
2 1 M 'Si 111 CHANNEL' MAD                 x-ray 
# 
loop_
_diffrn_radiation_wavelength.id 
_diffrn_radiation_wavelength.wavelength 
_diffrn_radiation_wavelength.wt 
1 1.0000 1.0 
2 0.9798 1.0 
3 0.9795 1.0 
4 0.960  1.0 
# 
loop_
_diffrn_source.diffrn_id 
_diffrn_source.source 
_diffrn_source.type 
_diffrn_source.pdbx_synchrotron_site 
_diffrn_source.pdbx_synchrotron_beamline 
_diffrn_source.pdbx_wavelength 
_diffrn_source.pdbx_wavelength_list 
1 SYNCHROTRON 'PHOTON FACTORY BEAMLINE BL-5A'  'Photon Factory' BL-5A  ? 1.0000                  
2 SYNCHROTRON 'PHOTON FACTORY BEAMLINE BL-17A' 'Photon Factory' BL-17A ? '0.9798, 0.9795, 0.960' 
# 
_reflns.entry_id                     3MTV 
_reflns.observed_criterion_sigma_I   0 
_reflns.observed_criterion_sigma_F   0 
_reflns.d_resolution_low             31.91 
_reflns.d_resolution_high            2.8 
_reflns.number_obs                   12021 
_reflns.number_all                   12120 
_reflns.percent_possible_obs         99 
_reflns.pdbx_Rmerge_I_obs            0.097 
_reflns.pdbx_Rsym_value              ? 
_reflns.pdbx_netI_over_sigmaI        ? 
_reflns.B_iso_Wilson_estimate        74.950 
_reflns.pdbx_redundancy              18.1 
_reflns.R_free_details               ? 
_reflns.limit_h_max                  ? 
_reflns.limit_h_min                  ? 
_reflns.limit_k_max                  ? 
_reflns.limit_k_min                  ? 
_reflns.limit_l_max                  ? 
_reflns.limit_l_min                  ? 
_reflns.observed_criterion_F_max     ? 
_reflns.observed_criterion_F_min     ? 
_reflns.pdbx_chi_squared             ? 
_reflns.pdbx_scaling_rejects         ? 
_reflns.pdbx_diffrn_id               1,2 
_reflns.pdbx_ordinal                 1 
# 
_reflns_shell.d_res_high             2.8 
_reflns_shell.d_res_low              2.8 
_reflns_shell.percent_possible_all   99.6 
_reflns_shell.Rmerge_I_obs           ? 
_reflns_shell.pdbx_Rsym_value        0.421 
_reflns_shell.meanI_over_sigI_obs    ? 
_reflns_shell.pdbx_redundancy        11.2 
_reflns_shell.percent_possible_obs   ? 
_reflns_shell.number_unique_all      1189 
_reflns_shell.number_measured_all    ? 
_reflns_shell.number_measured_obs    ? 
_reflns_shell.number_unique_obs      ? 
_reflns_shell.pdbx_chi_squared       ? 
_reflns_shell.pdbx_diffrn_id         ? 
_reflns_shell.pdbx_ordinal           1 
# 
_refine.entry_id                                 3MTV 
_refine.ls_number_reflns_obs                     10604 
_refine.ls_number_reflns_all                     12120 
_refine.pdbx_ls_sigma_I                          ? 
_refine.pdbx_ls_sigma_F                          0.22 
_refine.pdbx_data_cutoff_high_absF               ? 
_refine.pdbx_data_cutoff_low_absF                ? 
_refine.pdbx_data_cutoff_high_rms_absF           ? 
_refine.ls_d_res_low                             31.906 
_refine.ls_d_res_high                            2.800 
_refine.ls_percent_reflns_obs                    97.72 
_refine.ls_R_factor_obs                          0.2035 
_refine.ls_R_factor_all                          ? 
_refine.ls_R_factor_R_work                       0.2005 
_refine.ls_R_factor_R_free                       0.2607 
_refine.ls_R_factor_R_free_error                 ? 
_refine.ls_R_factor_R_free_error_details         ? 
_refine.ls_percent_reflns_R_free                 4.77 
_refine.ls_number_reflns_R_free                  506 
_refine.ls_number_parameters                     ? 
_refine.ls_number_restraints                     ? 
_refine.ls_number_reflns_R_work                  10098 
_refine.correlation_coeff_Fo_to_Fc               ? 
_refine.correlation_coeff_Fo_to_Fc_free          ? 
_refine.B_iso_mean                               68.325 
_refine.aniso_B[1][1]                            3.4730 
_refine.aniso_B[2][2]                            3.4730 
_refine.aniso_B[3][3]                            -6.9461 
_refine.aniso_B[1][2]                            0.0000 
_refine.aniso_B[1][3]                            -0.0000 
_refine.aniso_B[2][3]                            0.0000 
_refine.solvent_model_details                    'FLAT BULK SOLVENT MODEL' 
_refine.solvent_model_param_ksol                 0.289 
_refine.solvent_model_param_bsol                 39.127 
_refine.pdbx_solvent_vdw_probe_radii             1.11 
_refine.pdbx_solvent_ion_probe_radii             ? 
_refine.pdbx_solvent_shrinkage_radii             0.90 
_refine.pdbx_ls_cross_valid_method               THROUGHOUT 
_refine.details                                  ? 
_refine.pdbx_starting_model                      ? 
_refine.pdbx_method_to_determine_struct          MAD 
_refine.pdbx_isotropic_thermal_model             ? 
_refine.pdbx_stereochemistry_target_values       ML 
_refine.pdbx_stereochem_target_val_spec_case     ? 
_refine.pdbx_R_Free_selection_details            random 
_refine.pdbx_overall_ESU_R_Free                  ? 
_refine.overall_SU_ML                            0.52 
_refine.overall_SU_B                             ? 
_refine.overall_SU_R_Cruickshank_DPI             ? 
_refine.ls_redundancy_reflns_obs                 ? 
_refine.overall_SU_R_free                        ? 
_refine.ls_wR_factor_R_free                      ? 
_refine.ls_wR_factor_R_work                      ? 
_refine.overall_FOM_free_R_set                   ? 
_refine.overall_FOM_work_R_set                   0.780 
_refine.B_iso_max                                161.46 
_refine.B_iso_min                                21.76 
_refine.pdbx_overall_phase_error                 27.470 
_refine.occupancy_max                            1.00 
_refine.occupancy_min                            1.00 
_refine.pdbx_refine_id                           'X-RAY DIFFRACTION' 
_refine.pdbx_overall_ESU_R                       ? 
_refine.pdbx_diffrn_id                           1 
_refine.pdbx_TLS_residual_ADP_flag               ? 
_refine.pdbx_overall_SU_R_free_Cruickshank_DPI   ? 
_refine.pdbx_overall_SU_R_Blow_DPI               ? 
_refine.pdbx_overall_SU_R_free_Blow_DPI          ? 
# 
_refine_hist.pdbx_refine_id                   'X-RAY DIFFRACTION' 
_refine_hist.cycle_id                         LAST 
_refine_hist.pdbx_number_atoms_protein        1632 
_refine_hist.pdbx_number_atoms_nucleic_acid   0 
_refine_hist.pdbx_number_atoms_ligand         0 
_refine_hist.number_atoms_solvent             20 
_refine_hist.number_atoms_total               1652 
_refine_hist.d_res_high                       2.800 
_refine_hist.d_res_low                        31.906 
# 
loop_
_refine_ls_restr.type 
_refine_ls_restr.dev_ideal 
_refine_ls_restr.dev_ideal_target 
_refine_ls_restr.weight 
_refine_ls_restr.number 
_refine_ls_restr.pdbx_refine_id 
_refine_ls_restr.pdbx_restraint_function 
f_bond_d           0.038  ? ? 1683 'X-RAY DIFFRACTION' ? 
f_angle_d          3.426  ? ? 2285 'X-RAY DIFFRACTION' ? 
f_dihedral_angle_d 21.951 ? ? 625  'X-RAY DIFFRACTION' ? 
f_chiral_restr     0.188  ? ? 236  'X-RAY DIFFRACTION' ? 
f_plane_restr      0.018  ? ? 296  'X-RAY DIFFRACTION' ? 
# 
loop_
_refine_ls_shell.pdbx_total_number_of_bins_used 
_refine_ls_shell.d_res_high 
_refine_ls_shell.d_res_low 
_refine_ls_shell.number_reflns_R_work 
_refine_ls_shell.R_factor_R_work 
_refine_ls_shell.percent_reflns_obs 
_refine_ls_shell.R_factor_R_free 
_refine_ls_shell.R_factor_R_free_error 
_refine_ls_shell.percent_reflns_R_free 
_refine_ls_shell.number_reflns_R_free 
_refine_ls_shell.number_reflns_all 
_refine_ls_shell.R_factor_all 
_refine_ls_shell.number_reflns_obs 
_refine_ls_shell.redundancy_reflns_obs 
_refine_ls_shell.pdbx_refine_id 
. 2.8000 3.0816  2362 0.2668 93.00  0.3572 . . 111 . . . . 'X-RAY DIFFRACTION' 
. 3.0816 3.5270  2492 0.2280 98.00  0.3036 . . 122 . . . . 'X-RAY DIFFRACTION' 
. 3.5270 4.4418  2549 0.1804 100.00 0.2612 . . 135 . . . . 'X-RAY DIFFRACTION' 
. 4.4418 31.9079 2695 0.1814 100.00 0.2179 . . 138 . . . . 'X-RAY DIFFRACTION' 
# 
_struct.entry_id                  3MTV 
_struct.title                     'The Crystal Structure of the PRRSV Nonstructural Protein Nsp1' 
_struct.pdbx_model_details        ? 
_struct.pdbx_CASP_flag            ? 
_struct.pdbx_model_type_details   ? 
# 
_struct_keywords.entry_id        3MTV 
_struct_keywords.pdbx_keywords   HYDROLASE 
_struct_keywords.text            'PRRSV, nsp1, nuclease, papain-like cysteine protease, HYDROLASE' 
# 
loop_
_struct_asym.id 
_struct_asym.pdbx_blank_PDB_chainid_flag 
_struct_asym.pdbx_modified 
_struct_asym.entity_id 
_struct_asym.details 
A N N 1 ? 
B N N 2 ? 
# 
_struct_ref.id                         1 
_struct_ref.db_name                    UNP 
_struct_ref.db_code                    B2ZAB4_PRRSV 
_struct_ref.pdbx_db_accession          B2ZAB4 
_struct_ref.entity_id                  1 
_struct_ref.pdbx_seq_one_letter_code   
;ADVYDIGRGAVMYVAGGKVSWAPRGGNEVKFEPVPKELKLVANRLHTSFPPHHVVDMSKFTFITPGSGVSMRVEYQYGCL
PADTVPEGNCWWRLLDSLPPEVQYKEIRHANQFGYQTKHGVPGKYLQRRLQVNGLRAVTDTHGPIVIQYFSVKESWIRHL
KLVEEPSLPGFEDLLRIRVEPNTSPLAGKDEKIFRFGSHKWYG
;
_struct_ref.pdbx_align_begin           181 
_struct_ref.pdbx_db_isoform            ? 
# 
_struct_ref_seq.align_id                      1 
_struct_ref_seq.ref_id                        1 
_struct_ref_seq.pdbx_PDB_id_code              3MTV 
_struct_ref_seq.pdbx_strand_id                A 
_struct_ref_seq.seq_align_beg                 1 
_struct_ref_seq.pdbx_seq_align_beg_ins_code   ? 
_struct_ref_seq.seq_align_end                 203 
_struct_ref_seq.pdbx_seq_align_end_ins_code   ? 
_struct_ref_seq.pdbx_db_accession             B2ZAB4 
_struct_ref_seq.db_align_beg                  181 
_struct_ref_seq.pdbx_db_align_beg_ins_code    ? 
_struct_ref_seq.db_align_end                  383 
_struct_ref_seq.pdbx_db_align_end_ins_code    ? 
_struct_ref_seq.pdbx_auth_seq_align_beg       1 
_struct_ref_seq.pdbx_auth_seq_align_end       203 
# 
_pdbx_struct_assembly.id                   1 
_pdbx_struct_assembly.details              author_and_software_defined_assembly 
_pdbx_struct_assembly.method_details       PISA 
_pdbx_struct_assembly.oligomeric_details   dimeric 
_pdbx_struct_assembly.oligomeric_count     2 
# 
loop_
_pdbx_struct_assembly_prop.biol_id 
_pdbx_struct_assembly_prop.type 
_pdbx_struct_assembly_prop.value 
_pdbx_struct_assembly_prop.details 
1 'ABSA (A^2)' 2470  ? 
1 MORE         -15   ? 
1 'SSA (A^2)'  20210 ? 
# 
_pdbx_struct_assembly_gen.assembly_id       1 
_pdbx_struct_assembly_gen.oper_expression   1,2 
_pdbx_struct_assembly_gen.asym_id_list      A,B 
# 
loop_
_pdbx_struct_oper_list.id 
_pdbx_struct_oper_list.type 
_pdbx_struct_oper_list.name 
_pdbx_struct_oper_list.symmetry_operation 
_pdbx_struct_oper_list.matrix[1][1] 
_pdbx_struct_oper_list.matrix[1][2] 
_pdbx_struct_oper_list.matrix[1][3] 
_pdbx_struct_oper_list.vector[1] 
_pdbx_struct_oper_list.matrix[2][1] 
_pdbx_struct_oper_list.matrix[2][2] 
_pdbx_struct_oper_list.matrix[2][3] 
_pdbx_struct_oper_list.vector[2] 
_pdbx_struct_oper_list.matrix[3][1] 
_pdbx_struct_oper_list.matrix[3][2] 
_pdbx_struct_oper_list.matrix[3][3] 
_pdbx_struct_oper_list.vector[3] 
1 'identity operation'         1_555 x,y,z    1.0000000000 0.0000000000  0.0000000000 0.0000000000  0.0000000000  1.0000000000  0.0000000000  0.0000000000   0.0000000000 0.0000000000  1.0000000000  0.0000000000   
2 'crystal symmetry operation' 7_556 y,x,-z+1 0.1246407472 -0.6757565590 0.7265106724 -7.4222744909 -0.6757565590 -0.5939619579 -0.4365343807 -32.2321605031 0.7265106724 -0.4365343807 -0.5306787893 -18.4907146606 
# 
_struct_biol.id        1 
_struct_biol.details   ? 
# 
loop_
_struct_conf.conf_type_id 
_struct_conf.id 
_struct_conf.pdbx_PDB_helix_id 
_struct_conf.beg_label_comp_id 
_struct_conf.beg_label_asym_id 
_struct_conf.beg_label_seq_id 
_struct_conf.pdbx_beg_PDB_ins_code 
_struct_conf.end_label_comp_id 
_struct_conf.end_label_asym_id 
_struct_conf.end_label_seq_id 
_struct_conf.pdbx_end_PDB_ins_code 
_struct_conf.beg_auth_comp_id 
_struct_conf.beg_auth_asym_id 
_struct_conf.beg_auth_seq_id 
_struct_conf.end_auth_comp_id 
_struct_conf.end_auth_asym_id 
_struct_conf.end_auth_seq_id 
_struct_conf.pdbx_PDB_helix_class 
_struct_conf.details 
_struct_conf.pdbx_PDB_helix_length 
HELX_P HELX_P1 1 LEU A 38  ? PHE A 49  ? LEU A 38  PHE A 49  1 ? 12 
HELX_P HELX_P2 2 SER A 58  ? PHE A 60  ? SER A 58  PHE A 60  5 ? 3  
HELX_P HELX_P3 3 PRO A 81  ? VAL A 85  ? PRO A 81  VAL A 85  5 ? 5  
HELX_P HELX_P4 4 TRP A 91  ? ASP A 96  ? TRP A 91  ASP A 96  5 ? 6  
HELX_P HELX_P5 5 PRO A 99  ? PHE A 113 ? PRO A 99  PHE A 113 1 ? 15 
HELX_P HELX_P6 6 GLY A 123 ? VAL A 132 ? GLY A 123 VAL A 132 1 ? 10 
# 
_struct_conf_type.id          HELX_P 
_struct_conf_type.criteria    ? 
_struct_conf_type.reference   ? 
# 
loop_
_struct_sheet.id 
_struct_sheet.type 
_struct_sheet.number_strands 
_struct_sheet.details 
A ? 4 ? 
B ? 2 ? 
C ? 5 ? 
# 
loop_
_struct_sheet_order.sheet_id 
_struct_sheet_order.range_id_1 
_struct_sheet_order.range_id_2 
_struct_sheet_order.offset 
_struct_sheet_order.sense 
A 1 2 ? anti-parallel 
A 2 3 ? anti-parallel 
A 3 4 ? anti-parallel 
B 1 2 ? anti-parallel 
C 1 2 ? anti-parallel 
C 2 3 ? anti-parallel 
C 3 4 ? anti-parallel 
C 4 5 ? anti-parallel 
# 
loop_
_struct_sheet_range.sheet_id 
_struct_sheet_range.id 
_struct_sheet_range.beg_label_comp_id 
_struct_sheet_range.beg_label_asym_id 
_struct_sheet_range.beg_label_seq_id 
_struct_sheet_range.pdbx_beg_PDB_ins_code 
_struct_sheet_range.end_label_comp_id 
_struct_sheet_range.end_label_asym_id 
_struct_sheet_range.end_label_seq_id 
_struct_sheet_range.pdbx_end_PDB_ins_code 
_struct_sheet_range.beg_auth_comp_id 
_struct_sheet_range.beg_auth_asym_id 
_struct_sheet_range.beg_auth_seq_id 
_struct_sheet_range.end_auth_comp_id 
_struct_sheet_range.end_auth_asym_id 
_struct_sheet_range.end_auth_seq_id 
A 1 VAL A 3   ? GLY A 7   ? VAL A 3   GLY A 7   
A 2 ALA A 10  ? ALA A 15  ? ALA A 10  ALA A 15  
A 3 LYS A 18  ? PRO A 23  ? LYS A 18  PRO A 23  
A 4 VAL A 54  ? ASP A 56  ? VAL A 54  ASP A 56  
B 1 GLY A 68  ? VAL A 69  ? GLY A 68  VAL A 69  
B 2 TYR A 77  ? GLY A 78  ? TYR A 77  GLY A 78  
C 1 ARG A 158 ? LEU A 162 ? ARG A 158 LEU A 162 
C 2 ILE A 145 ? PHE A 150 ? ILE A 145 PHE A 150 
C 3 PHE A 171 ? PRO A 181 ? PHE A 171 PRO A 181 
C 4 LEU A 135 ? THR A 139 ? LEU A 135 THR A 139 
C 5 LYS A 192 ? ILE A 193 ? LYS A 192 ILE A 193 
# 
loop_
_pdbx_struct_sheet_hbond.sheet_id 
_pdbx_struct_sheet_hbond.range_id_1 
_pdbx_struct_sheet_hbond.range_id_2 
_pdbx_struct_sheet_hbond.range_1_label_atom_id 
_pdbx_struct_sheet_hbond.range_1_label_comp_id 
_pdbx_struct_sheet_hbond.range_1_label_asym_id 
_pdbx_struct_sheet_hbond.range_1_label_seq_id 
_pdbx_struct_sheet_hbond.range_1_PDB_ins_code 
_pdbx_struct_sheet_hbond.range_1_auth_atom_id 
_pdbx_struct_sheet_hbond.range_1_auth_comp_id 
_pdbx_struct_sheet_hbond.range_1_auth_asym_id 
_pdbx_struct_sheet_hbond.range_1_auth_seq_id 
_pdbx_struct_sheet_hbond.range_2_label_atom_id 
_pdbx_struct_sheet_hbond.range_2_label_comp_id 
_pdbx_struct_sheet_hbond.range_2_label_asym_id 
_pdbx_struct_sheet_hbond.range_2_label_seq_id 
_pdbx_struct_sheet_hbond.range_2_PDB_ins_code 
_pdbx_struct_sheet_hbond.range_2_auth_atom_id 
_pdbx_struct_sheet_hbond.range_2_auth_comp_id 
_pdbx_struct_sheet_hbond.range_2_auth_asym_id 
_pdbx_struct_sheet_hbond.range_2_auth_seq_id 
A 1 2 N GLY A 7   ? N GLY A 7   O ALA A 10  ? O ALA A 10  
A 2 3 N VAL A 11  ? N VAL A 11  O ALA A 22  ? O ALA A 22  
A 3 4 N VAL A 19  ? N VAL A 19  O VAL A 55  ? O VAL A 55  
B 1 2 N GLY A 68  ? N GLY A 68  O GLY A 78  ? O GLY A 78  
C 1 2 O HIS A 159 ? O HIS A 159 N GLN A 148 ? N GLN A 148 
C 2 3 N ILE A 147 ? N ILE A 147 O LEU A 175 ? O LEU A 175 
C 3 4 O GLU A 180 ? O GLU A 180 N ARG A 136 ? N ARG A 136 
C 4 5 N THR A 139 ? N THR A 139 O LYS A 192 ? O LYS A 192 
# 
loop_
_pdbx_validate_rmsd_bond.id 
_pdbx_validate_rmsd_bond.PDB_model_num 
_pdbx_validate_rmsd_bond.auth_atom_id_1 
_pdbx_validate_rmsd_bond.auth_asym_id_1 
_pdbx_validate_rmsd_bond.auth_comp_id_1 
_pdbx_validate_rmsd_bond.auth_seq_id_1 
_pdbx_validate_rmsd_bond.PDB_ins_code_1 
_pdbx_validate_rmsd_bond.label_alt_id_1 
_pdbx_validate_rmsd_bond.auth_atom_id_2 
_pdbx_validate_rmsd_bond.auth_asym_id_2 
_pdbx_validate_rmsd_bond.auth_comp_id_2 
_pdbx_validate_rmsd_bond.auth_seq_id_2 
_pdbx_validate_rmsd_bond.PDB_ins_code_2 
_pdbx_validate_rmsd_bond.label_alt_id_2 
_pdbx_validate_rmsd_bond.bond_value 
_pdbx_validate_rmsd_bond.bond_target_value 
_pdbx_validate_rmsd_bond.bond_deviation 
_pdbx_validate_rmsd_bond.bond_standard_deviation 
_pdbx_validate_rmsd_bond.linker_flag 
1  1 C   A GLY 26  ? ? O   A GLY 26  ? ? 1.330 1.232 0.098  0.016 N 
2  1 CD  A GLU 32  ? ? OE1 A GLU 32  ? ? 1.344 1.252 0.092  0.011 N 
3  1 CD  A GLU 32  ? ? OE2 A GLU 32  ? ? 1.344 1.252 0.092  0.011 N 
4  1 CB  A THR 61  ? ? CG2 A THR 61  ? ? 1.727 1.519 0.208  0.033 N 
5  1 CD1 A TYR 75  ? ? CE1 A TYR 75  ? ? 1.504 1.389 0.115  0.015 N 
6  1 CA  A ALA 82  ? ? CB  A ALA 82  ? ? 1.394 1.520 -0.126 0.021 N 
7  1 CB  A CYS 90  ? ? SG  A CYS 90  ? ? 1.928 1.818 0.110  0.017 N 
8  1 CE2 A TYR 104 ? ? CD2 A TYR 104 ? ? 1.504 1.389 0.115  0.015 N 
9  1 CB  A LYS 105 ? ? CG  A LYS 105 ? ? 1.685 1.521 0.164  0.027 N 
10 1 CE2 A PHE 113 ? ? CD2 A PHE 113 ? ? 1.511 1.388 0.123  0.020 N 
11 1 CE1 A TYR 115 ? ? CZ  A TYR 115 ? ? 1.465 1.381 0.084  0.013 N 
12 1 CB  A THR 117 ? ? CG2 A THR 117 ? ? 1.733 1.519 0.214  0.033 N 
13 1 CB  A VAL 132 ? ? CG2 A VAL 132 ? ? 1.397 1.524 -0.127 0.021 N 
14 1 CD  A GLU 172 ? ? OE2 A GLU 172 ? ? 1.328 1.252 0.076  0.011 N 
# 
loop_
_pdbx_validate_rmsd_angle.id 
_pdbx_validate_rmsd_angle.PDB_model_num 
_pdbx_validate_rmsd_angle.auth_atom_id_1 
_pdbx_validate_rmsd_angle.auth_asym_id_1 
_pdbx_validate_rmsd_angle.auth_comp_id_1 
_pdbx_validate_rmsd_angle.auth_seq_id_1 
_pdbx_validate_rmsd_angle.PDB_ins_code_1 
_pdbx_validate_rmsd_angle.label_alt_id_1 
_pdbx_validate_rmsd_angle.auth_atom_id_2 
_pdbx_validate_rmsd_angle.auth_asym_id_2 
_pdbx_validate_rmsd_angle.auth_comp_id_2 
_pdbx_validate_rmsd_angle.auth_seq_id_2 
_pdbx_validate_rmsd_angle.PDB_ins_code_2 
_pdbx_validate_rmsd_angle.label_alt_id_2 
_pdbx_validate_rmsd_angle.auth_atom_id_3 
_pdbx_validate_rmsd_angle.auth_asym_id_3 
_pdbx_validate_rmsd_angle.auth_comp_id_3 
_pdbx_validate_rmsd_angle.auth_seq_id_3 
_pdbx_validate_rmsd_angle.PDB_ins_code_3 
_pdbx_validate_rmsd_angle.label_alt_id_3 
_pdbx_validate_rmsd_angle.angle_value 
_pdbx_validate_rmsd_angle.angle_target_value 
_pdbx_validate_rmsd_angle.angle_deviation 
_pdbx_validate_rmsd_angle.angle_standard_deviation 
_pdbx_validate_rmsd_angle.linker_flag 
1  1 CB  A VAL 14  ? ? CA A VAL 14  ? ? C   A VAL 14  ? ? 98.05  111.40 -13.35 1.90 N 
2  1 NE  A ARG 24  ? ? CZ A ARG 24  ? ? NH1 A ARG 24  ? ? 124.43 120.30 4.13   0.50 N 
3  1 NE  A ARG 24  ? ? CZ A ARG 24  ? ? NH2 A ARG 24  ? ? 116.65 120.30 -3.65  0.50 N 
4  1 C   A GLU 32  ? ? N  A PRO 33  ? ? CA  A PRO 33  ? ? 108.15 119.30 -11.15 1.50 Y 
5  1 C   A VAL 34  ? ? N  A PRO 35  ? ? CA  A PRO 35  ? ? 138.03 119.30 18.73  1.50 Y 
6  1 C   A VAL 34  ? ? N  A PRO 35  ? ? CD  A PRO 35  ? ? 109.29 128.40 -19.11 2.10 Y 
7  1 CA  A LEU 40  ? ? CB A LEU 40  ? ? CG  A LEU 40  ? ? 101.46 115.30 -13.84 2.30 N 
8  1 NE  A ARG 44  ? ? CZ A ARG 44  ? ? NH2 A ARG 44  ? ? 116.01 120.30 -4.29  0.50 N 
9  1 CA  A CYS 79  ? ? CB A CYS 79  ? ? SG  A CYS 79  ? ? 125.35 114.20 11.15  1.10 N 
10 1 C   A LEU 80  ? ? N  A PRO 81  ? ? CD  A PRO 81  ? ? 113.76 128.40 -14.64 2.10 Y 
11 1 C   A PRO 99  ? ? N  A PRO 100 ? ? CA  A PRO 100 ? ? 129.24 119.30 9.94   1.50 Y 
12 1 CB  A TYR 115 ? ? CG A TYR 115 ? ? CD2 A TYR 115 ? ? 117.07 121.00 -3.93  0.60 N 
13 1 NE  A ARG 128 ? ? CZ A ARG 128 ? ? NH2 A ARG 128 ? ? 116.15 120.30 -4.15  0.50 N 
14 1 CB  A LEU 130 ? ? CG A LEU 130 ? ? CD1 A LEU 130 ? ? 123.32 111.00 12.32  1.70 N 
15 1 CB  A VAL 132 ? ? CA A VAL 132 ? ? C   A VAL 132 ? ? 95.42  111.40 -15.98 1.90 N 
16 1 CG1 A VAL 132 ? ? CB A VAL 132 ? ? CG2 A VAL 132 ? ? 97.29  110.90 -13.61 1.60 N 
17 1 C   A GLY 143 ? ? N  A PRO 144 ? ? CA  A PRO 144 ? ? 139.90 119.30 20.60  1.50 Y 
18 1 C   A GLY 143 ? ? N  A PRO 144 ? ? CD  A PRO 144 ? ? 107.68 128.40 -20.72 2.10 Y 
19 1 CG1 A VAL 152 ? ? CB A VAL 152 ? ? CG2 A VAL 152 ? ? 100.74 110.90 -10.16 1.60 N 
20 1 NE  A ARG 158 ? ? CZ A ARG 158 ? ? NH1 A ARG 158 ? ? 125.21 120.30 4.91   0.50 N 
21 1 CA  A LEU 160 ? ? CB A LEU 160 ? ? CG  A LEU 160 ? ? 99.23  115.30 -16.07 2.30 N 
22 1 CB  A ASP 173 ? ? CG A ASP 173 ? ? OD1 A ASP 173 ? ? 112.62 118.30 -5.68  0.90 N 
23 1 CB  A ASP 173 ? ? CG A ASP 173 ? ? OD2 A ASP 173 ? ? 125.00 118.30 6.70   0.90 N 
# 
loop_
_pdbx_validate_torsion.id 
_pdbx_validate_torsion.PDB_model_num 
_pdbx_validate_torsion.auth_comp_id 
_pdbx_validate_torsion.auth_asym_id 
_pdbx_validate_torsion.auth_seq_id 
_pdbx_validate_torsion.PDB_ins_code 
_pdbx_validate_torsion.label_alt_id 
_pdbx_validate_torsion.phi 
_pdbx_validate_torsion.psi 
1  1 ARG A 8   ? ? 37.54   44.23   
2  1 ALA A 15  ? ? 174.52  117.31  
3  1 PRO A 35  ? ? -52.05  10.82   
4  1 LYS A 36  ? ? 60.82   -41.82  
5  1 GLU A 37  ? ? -52.61  -2.26   
6  1 LEU A 38  ? ? -143.70 -4.37   
7  1 LEU A 40  ? ? -74.68  -78.68  
8  1 VAL A 41  ? ? -19.13  -41.92  
9  1 ALA A 42  ? ? -60.22  -79.74  
10 1 ASN A 43  ? ? -26.46  -46.79  
11 1 ARG A 44  ? ? -59.39  -81.00  
12 1 LEU A 45  ? ? -16.17  -66.55  
13 1 HIS A 52  ? ? 89.88   0.76    
14 1 PRO A 65  ? ? -30.98  127.88  
15 1 CYS A 79  ? ? -163.98 28.04   
16 1 ASP A 83  ? ? -32.87  -22.65  
17 1 PHE A 113 ? ? -71.41  -161.69 
18 1 TYR A 115 ? ? 23.41   -32.72  
19 1 LEU A 130 ? ? 75.93   -76.84  
20 1 GLN A 131 ? ? -28.51  -58.67  
21 1 THR A 141 ? ? -41.95  -8.69   
22 1 SER A 151 ? ? 82.11   -41.65  
23 1 LEU A 174 ? ? -94.97  -70.39  
24 1 ASN A 182 ? ? -100.59 53.95   
25 1 LYS A 189 ? ? -168.06 -15.60  
26 1 PHE A 196 ? ? -43.79  4.99    
# 
loop_
_pdbx_validate_peptide_omega.id 
_pdbx_validate_peptide_omega.PDB_model_num 
_pdbx_validate_peptide_omega.auth_comp_id_1 
_pdbx_validate_peptide_omega.auth_asym_id_1 
_pdbx_validate_peptide_omega.auth_seq_id_1 
_pdbx_validate_peptide_omega.PDB_ins_code_1 
_pdbx_validate_peptide_omega.label_alt_id_1 
_pdbx_validate_peptide_omega.auth_comp_id_2 
_pdbx_validate_peptide_omega.auth_asym_id_2 
_pdbx_validate_peptide_omega.auth_seq_id_2 
_pdbx_validate_peptide_omega.PDB_ins_code_2 
_pdbx_validate_peptide_omega.label_alt_id_2 
_pdbx_validate_peptide_omega.omega 
1 1 GLU A 74  ? ? TYR A 75  ? ? -147.49 
2 1 LYS A 189 ? ? ASP A 190 ? ? 145.27  
# 
loop_
_chem_comp_atom.comp_id 
_chem_comp_atom.atom_id 
_chem_comp_atom.type_symbol 
_chem_comp_atom.pdbx_aromatic_flag 
_chem_comp_atom.pdbx_stereo_config 
_chem_comp_atom.pdbx_ordinal 
ALA N    N N N 1   
ALA CA   C N S 2   
ALA C    C N N 3   
ALA O    O N N 4   
ALA CB   C N N 5   
ALA OXT  O N N 6   
ALA H    H N N 7   
ALA H2   H N N 8   
ALA HA   H N N 9   
ALA HB1  H N N 10  
ALA HB2  H N N 11  
ALA HB3  H N N 12  
ALA HXT  H N N 13  
ARG N    N N N 14  
ARG CA   C N S 15  
ARG C    C N N 16  
ARG O    O N N 17  
ARG CB   C N N 18  
ARG CG   C N N 19  
ARG CD   C N N 20  
ARG NE   N N N 21  
ARG CZ   C N N 22  
ARG NH1  N N N 23  
ARG NH2  N N N 24  
ARG OXT  O N N 25  
ARG H    H N N 26  
ARG H2   H N N 27  
ARG HA   H N N 28  
ARG HB2  H N N 29  
ARG HB3  H N N 30  
ARG HG2  H N N 31  
ARG HG3  H N N 32  
ARG HD2  H N N 33  
ARG HD3  H N N 34  
ARG HE   H N N 35  
ARG HH11 H N N 36  
ARG HH12 H N N 37  
ARG HH21 H N N 38  
ARG HH22 H N N 39  
ARG HXT  H N N 40  
ASN N    N N N 41  
ASN CA   C N S 42  
ASN C    C N N 43  
ASN O    O N N 44  
ASN CB   C N N 45  
ASN CG   C N N 46  
ASN OD1  O N N 47  
ASN ND2  N N N 48  
ASN OXT  O N N 49  
ASN H    H N N 50  
ASN H2   H N N 51  
ASN HA   H N N 52  
ASN HB2  H N N 53  
ASN HB3  H N N 54  
ASN HD21 H N N 55  
ASN HD22 H N N 56  
ASN HXT  H N N 57  
ASP N    N N N 58  
ASP CA   C N S 59  
ASP C    C N N 60  
ASP O    O N N 61  
ASP CB   C N N 62  
ASP CG   C N N 63  
ASP OD1  O N N 64  
ASP OD2  O N N 65  
ASP OXT  O N N 66  
ASP H    H N N 67  
ASP H2   H N N 68  
ASP HA   H N N 69  
ASP HB2  H N N 70  
ASP HB3  H N N 71  
ASP HD2  H N N 72  
ASP HXT  H N N 73  
CYS N    N N N 74  
CYS CA   C N R 75  
CYS C    C N N 76  
CYS O    O N N 77  
CYS CB   C N N 78  
CYS SG   S N N 79  
CYS OXT  O N N 80  
CYS H    H N N 81  
CYS H2   H N N 82  
CYS HA   H N N 83  
CYS HB2  H N N 84  
CYS HB3  H N N 85  
CYS HG   H N N 86  
CYS HXT  H N N 87  
GLN N    N N N 88  
GLN CA   C N S 89  
GLN C    C N N 90  
GLN O    O N N 91  
GLN CB   C N N 92  
GLN CG   C N N 93  
GLN CD   C N N 94  
GLN OE1  O N N 95  
GLN NE2  N N N 96  
GLN OXT  O N N 97  
GLN H    H N N 98  
GLN H2   H N N 99  
GLN HA   H N N 100 
GLN HB2  H N N 101 
GLN HB3  H N N 102 
GLN HG2  H N N 103 
GLN HG3  H N N 104 
GLN HE21 H N N 105 
GLN HE22 H N N 106 
GLN HXT  H N N 107 
GLU N    N N N 108 
GLU CA   C N S 109 
GLU C    C N N 110 
GLU O    O N N 111 
GLU CB   C N N 112 
GLU CG   C N N 113 
GLU CD   C N N 114 
GLU OE1  O N N 115 
GLU OE2  O N N 116 
GLU OXT  O N N 117 
GLU H    H N N 118 
GLU H2   H N N 119 
GLU HA   H N N 120 
GLU HB2  H N N 121 
GLU HB3  H N N 122 
GLU HG2  H N N 123 
GLU HG3  H N N 124 
GLU HE2  H N N 125 
GLU HXT  H N N 126 
GLY N    N N N 127 
GLY CA   C N N 128 
GLY C    C N N 129 
GLY O    O N N 130 
GLY OXT  O N N 131 
GLY H    H N N 132 
GLY H2   H N N 133 
GLY HA2  H N N 134 
GLY HA3  H N N 135 
GLY HXT  H N N 136 
HIS N    N N N 137 
HIS CA   C N S 138 
HIS C    C N N 139 
HIS O    O N N 140 
HIS CB   C N N 141 
HIS CG   C Y N 142 
HIS ND1  N Y N 143 
HIS CD2  C Y N 144 
HIS CE1  C Y N 145 
HIS NE2  N Y N 146 
HIS OXT  O N N 147 
HIS H    H N N 148 
HIS H2   H N N 149 
HIS HA   H N N 150 
HIS HB2  H N N 151 
HIS HB3  H N N 152 
HIS HD1  H N N 153 
HIS HD2  H N N 154 
HIS HE1  H N N 155 
HIS HE2  H N N 156 
HIS HXT  H N N 157 
HOH O    O N N 158 
HOH H1   H N N 159 
HOH H2   H N N 160 
ILE N    N N N 161 
ILE CA   C N S 162 
ILE C    C N N 163 
ILE O    O N N 164 
ILE CB   C N S 165 
ILE CG1  C N N 166 
ILE CG2  C N N 167 
ILE CD1  C N N 168 
ILE OXT  O N N 169 
ILE H    H N N 170 
ILE H2   H N N 171 
ILE HA   H N N 172 
ILE HB   H N N 173 
ILE HG12 H N N 174 
ILE HG13 H N N 175 
ILE HG21 H N N 176 
ILE HG22 H N N 177 
ILE HG23 H N N 178 
ILE HD11 H N N 179 
ILE HD12 H N N 180 
ILE HD13 H N N 181 
ILE HXT  H N N 182 
LEU N    N N N 183 
LEU CA   C N S 184 
LEU C    C N N 185 
LEU O    O N N 186 
LEU CB   C N N 187 
LEU CG   C N N 188 
LEU CD1  C N N 189 
LEU CD2  C N N 190 
LEU OXT  O N N 191 
LEU H    H N N 192 
LEU H2   H N N 193 
LEU HA   H N N 194 
LEU HB2  H N N 195 
LEU HB3  H N N 196 
LEU HG   H N N 197 
LEU HD11 H N N 198 
LEU HD12 H N N 199 
LEU HD13 H N N 200 
LEU HD21 H N N 201 
LEU HD22 H N N 202 
LEU HD23 H N N 203 
LEU HXT  H N N 204 
LYS N    N N N 205 
LYS CA   C N S 206 
LYS C    C N N 207 
LYS O    O N N 208 
LYS CB   C N N 209 
LYS CG   C N N 210 
LYS CD   C N N 211 
LYS CE   C N N 212 
LYS NZ   N N N 213 
LYS OXT  O N N 214 
LYS H    H N N 215 
LYS H2   H N N 216 
LYS HA   H N N 217 
LYS HB2  H N N 218 
LYS HB3  H N N 219 
LYS HG2  H N N 220 
LYS HG3  H N N 221 
LYS HD2  H N N 222 
LYS HD3  H N N 223 
LYS HE2  H N N 224 
LYS HE3  H N N 225 
LYS HZ1  H N N 226 
LYS HZ2  H N N 227 
LYS HZ3  H N N 228 
LYS HXT  H N N 229 
MET N    N N N 230 
MET CA   C N S 231 
MET C    C N N 232 
MET O    O N N 233 
MET CB   C N N 234 
MET CG   C N N 235 
MET SD   S N N 236 
MET CE   C N N 237 
MET OXT  O N N 238 
MET H    H N N 239 
MET H2   H N N 240 
MET HA   H N N 241 
MET HB2  H N N 242 
MET HB3  H N N 243 
MET HG2  H N N 244 
MET HG3  H N N 245 
MET HE1  H N N 246 
MET HE2  H N N 247 
MET HE3  H N N 248 
MET HXT  H N N 249 
PHE N    N N N 250 
PHE CA   C N S 251 
PHE C    C N N 252 
PHE O    O N N 253 
PHE CB   C N N 254 
PHE CG   C Y N 255 
PHE CD1  C Y N 256 
PHE CD2  C Y N 257 
PHE CE1  C Y N 258 
PHE CE2  C Y N 259 
PHE CZ   C Y N 260 
PHE OXT  O N N 261 
PHE H    H N N 262 
PHE H2   H N N 263 
PHE HA   H N N 264 
PHE HB2  H N N 265 
PHE HB3  H N N 266 
PHE HD1  H N N 267 
PHE HD2  H N N 268 
PHE HE1  H N N 269 
PHE HE2  H N N 270 
PHE HZ   H N N 271 
PHE HXT  H N N 272 
PRO N    N N N 273 
PRO CA   C N S 274 
PRO C    C N N 275 
PRO O    O N N 276 
PRO CB   C N N 277 
PRO CG   C N N 278 
PRO CD   C N N 279 
PRO OXT  O N N 280 
PRO H    H N N 281 
PRO HA   H N N 282 
PRO HB2  H N N 283 
PRO HB3  H N N 284 
PRO HG2  H N N 285 
PRO HG3  H N N 286 
PRO HD2  H N N 287 
PRO HD3  H N N 288 
PRO HXT  H N N 289 
SER N    N N N 290 
SER CA   C N S 291 
SER C    C N N 292 
SER O    O N N 293 
SER CB   C N N 294 
SER OG   O N N 295 
SER OXT  O N N 296 
SER H    H N N 297 
SER H2   H N N 298 
SER HA   H N N 299 
SER HB2  H N N 300 
SER HB3  H N N 301 
SER HG   H N N 302 
SER HXT  H N N 303 
THR N    N N N 304 
THR CA   C N S 305 
THR C    C N N 306 
THR O    O N N 307 
THR CB   C N R 308 
THR OG1  O N N 309 
THR CG2  C N N 310 
THR OXT  O N N 311 
THR H    H N N 312 
THR H2   H N N 313 
THR HA   H N N 314 
THR HB   H N N 315 
THR HG1  H N N 316 
THR HG21 H N N 317 
THR HG22 H N N 318 
THR HG23 H N N 319 
THR HXT  H N N 320 
TRP N    N N N 321 
TRP CA   C N S 322 
TRP C    C N N 323 
TRP O    O N N 324 
TRP CB   C N N 325 
TRP CG   C Y N 326 
TRP CD1  C Y N 327 
TRP CD2  C Y N 328 
TRP NE1  N Y N 329 
TRP CE2  C Y N 330 
TRP CE3  C Y N 331 
TRP CZ2  C Y N 332 
TRP CZ3  C Y N 333 
TRP CH2  C Y N 334 
TRP OXT  O N N 335 
TRP H    H N N 336 
TRP H2   H N N 337 
TRP HA   H N N 338 
TRP HB2  H N N 339 
TRP HB3  H N N 340 
TRP HD1  H N N 341 
TRP HE1  H N N 342 
TRP HE3  H N N 343 
TRP HZ2  H N N 344 
TRP HZ3  H N N 345 
TRP HH2  H N N 346 
TRP HXT  H N N 347 
TYR N    N N N 348 
TYR CA   C N S 349 
TYR C    C N N 350 
TYR O    O N N 351 
TYR CB   C N N 352 
TYR CG   C Y N 353 
TYR CD1  C Y N 354 
TYR CD2  C Y N 355 
TYR CE1  C Y N 356 
TYR CE2  C Y N 357 
TYR CZ   C Y N 358 
TYR OH   O N N 359 
TYR OXT  O N N 360 
TYR H    H N N 361 
TYR H2   H N N 362 
TYR HA   H N N 363 
TYR HB2  H N N 364 
TYR HB3  H N N 365 
TYR HD1  H N N 366 
TYR HD2  H N N 367 
TYR HE1  H N N 368 
TYR HE2  H N N 369 
TYR HH   H N N 370 
TYR HXT  H N N 371 
VAL N    N N N 372 
VAL CA   C N S 373 
VAL C    C N N 374 
VAL O    O N N 375 
VAL CB   C N N 376 
VAL CG1  C N N 377 
VAL CG2  C N N 378 
VAL OXT  O N N 379 
VAL H    H N N 380 
VAL H2   H N N 381 
VAL HA   H N N 382 
VAL HB   H N N 383 
VAL HG11 H N N 384 
VAL HG12 H N N 385 
VAL HG13 H N N 386 
VAL HG21 H N N 387 
VAL HG22 H N N 388 
VAL HG23 H N N 389 
VAL HXT  H N N 390 
# 
loop_
_chem_comp_bond.comp_id 
_chem_comp_bond.atom_id_1 
_chem_comp_bond.atom_id_2 
_chem_comp_bond.value_order 
_chem_comp_bond.pdbx_aromatic_flag 
_chem_comp_bond.pdbx_stereo_config 
_chem_comp_bond.pdbx_ordinal 
ALA N   CA   sing N N 1   
ALA N   H    sing N N 2   
ALA N   H2   sing N N 3   
ALA CA  C    sing N N 4   
ALA CA  CB   sing N N 5   
ALA CA  HA   sing N N 6   
ALA C   O    doub N N 7   
ALA C   OXT  sing N N 8   
ALA CB  HB1  sing N N 9   
ALA CB  HB2  sing N N 10  
ALA CB  HB3  sing N N 11  
ALA OXT HXT  sing N N 12  
ARG N   CA   sing N N 13  
ARG N   H    sing N N 14  
ARG N   H2   sing N N 15  
ARG CA  C    sing N N 16  
ARG CA  CB   sing N N 17  
ARG CA  HA   sing N N 18  
ARG C   O    doub N N 19  
ARG C   OXT  sing N N 20  
ARG CB  CG   sing N N 21  
ARG CB  HB2  sing N N 22  
ARG CB  HB3  sing N N 23  
ARG CG  CD   sing N N 24  
ARG CG  HG2  sing N N 25  
ARG CG  HG3  sing N N 26  
ARG CD  NE   sing N N 27  
ARG CD  HD2  sing N N 28  
ARG CD  HD3  sing N N 29  
ARG NE  CZ   sing N N 30  
ARG NE  HE   sing N N 31  
ARG CZ  NH1  sing N N 32  
ARG CZ  NH2  doub N N 33  
ARG NH1 HH11 sing N N 34  
ARG NH1 HH12 sing N N 35  
ARG NH2 HH21 sing N N 36  
ARG NH2 HH22 sing N N 37  
ARG OXT HXT  sing N N 38  
ASN N   CA   sing N N 39  
ASN N   H    sing N N 40  
ASN N   H2   sing N N 41  
ASN CA  C    sing N N 42  
ASN CA  CB   sing N N 43  
ASN CA  HA   sing N N 44  
ASN C   O    doub N N 45  
ASN C   OXT  sing N N 46  
ASN CB  CG   sing N N 47  
ASN CB  HB2  sing N N 48  
ASN CB  HB3  sing N N 49  
ASN CG  OD1  doub N N 50  
ASN CG  ND2  sing N N 51  
ASN ND2 HD21 sing N N 52  
ASN ND2 HD22 sing N N 53  
ASN OXT HXT  sing N N 54  
ASP N   CA   sing N N 55  
ASP N   H    sing N N 56  
ASP N   H2   sing N N 57  
ASP CA  C    sing N N 58  
ASP CA  CB   sing N N 59  
ASP CA  HA   sing N N 60  
ASP C   O    doub N N 61  
ASP C   OXT  sing N N 62  
ASP CB  CG   sing N N 63  
ASP CB  HB2  sing N N 64  
ASP CB  HB3  sing N N 65  
ASP CG  OD1  doub N N 66  
ASP CG  OD2  sing N N 67  
ASP OD2 HD2  sing N N 68  
ASP OXT HXT  sing N N 69  
CYS N   CA   sing N N 70  
CYS N   H    sing N N 71  
CYS N   H2   sing N N 72  
CYS CA  C    sing N N 73  
CYS CA  CB   sing N N 74  
CYS CA  HA   sing N N 75  
CYS C   O    doub N N 76  
CYS C   OXT  sing N N 77  
CYS CB  SG   sing N N 78  
CYS CB  HB2  sing N N 79  
CYS CB  HB3  sing N N 80  
CYS SG  HG   sing N N 81  
CYS OXT HXT  sing N N 82  
GLN N   CA   sing N N 83  
GLN N   H    sing N N 84  
GLN N   H2   sing N N 85  
GLN CA  C    sing N N 86  
GLN CA  CB   sing N N 87  
GLN CA  HA   sing N N 88  
GLN C   O    doub N N 89  
GLN C   OXT  sing N N 90  
GLN CB  CG   sing N N 91  
GLN CB  HB2  sing N N 92  
GLN CB  HB3  sing N N 93  
GLN CG  CD   sing N N 94  
GLN CG  HG2  sing N N 95  
GLN CG  HG3  sing N N 96  
GLN CD  OE1  doub N N 97  
GLN CD  NE2  sing N N 98  
GLN NE2 HE21 sing N N 99  
GLN NE2 HE22 sing N N 100 
GLN OXT HXT  sing N N 101 
GLU N   CA   sing N N 102 
GLU N   H    sing N N 103 
GLU N   H2   sing N N 104 
GLU CA  C    sing N N 105 
GLU CA  CB   sing N N 106 
GLU CA  HA   sing N N 107 
GLU C   O    doub N N 108 
GLU C   OXT  sing N N 109 
GLU CB  CG   sing N N 110 
GLU CB  HB2  sing N N 111 
GLU CB  HB3  sing N N 112 
GLU CG  CD   sing N N 113 
GLU CG  HG2  sing N N 114 
GLU CG  HG3  sing N N 115 
GLU CD  OE1  doub N N 116 
GLU CD  OE2  sing N N 117 
GLU OE2 HE2  sing N N 118 
GLU OXT HXT  sing N N 119 
GLY N   CA   sing N N 120 
GLY N   H    sing N N 121 
GLY N   H2   sing N N 122 
GLY CA  C    sing N N 123 
GLY CA  HA2  sing N N 124 
GLY CA  HA3  sing N N 125 
GLY C   O    doub N N 126 
GLY C   OXT  sing N N 127 
GLY OXT HXT  sing N N 128 
HIS N   CA   sing N N 129 
HIS N   H    sing N N 130 
HIS N   H2   sing N N 131 
HIS CA  C    sing N N 132 
HIS CA  CB   sing N N 133 
HIS CA  HA   sing N N 134 
HIS C   O    doub N N 135 
HIS C   OXT  sing N N 136 
HIS CB  CG   sing N N 137 
HIS CB  HB2  sing N N 138 
HIS CB  HB3  sing N N 139 
HIS CG  ND1  sing Y N 140 
HIS CG  CD2  doub Y N 141 
HIS ND1 CE1  doub Y N 142 
HIS ND1 HD1  sing N N 143 
HIS CD2 NE2  sing Y N 144 
HIS CD2 HD2  sing N N 145 
HIS CE1 NE2  sing Y N 146 
HIS CE1 HE1  sing N N 147 
HIS NE2 HE2  sing N N 148 
HIS OXT HXT  sing N N 149 
HOH O   H1   sing N N 150 
HOH O   H2   sing N N 151 
ILE N   CA   sing N N 152 
ILE N   H    sing N N 153 
ILE N   H2   sing N N 154 
ILE CA  C    sing N N 155 
ILE CA  CB   sing N N 156 
ILE CA  HA   sing N N 157 
ILE C   O    doub N N 158 
ILE C   OXT  sing N N 159 
ILE CB  CG1  sing N N 160 
ILE CB  CG2  sing N N 161 
ILE CB  HB   sing N N 162 
ILE CG1 CD1  sing N N 163 
ILE CG1 HG12 sing N N 164 
ILE CG1 HG13 sing N N 165 
ILE CG2 HG21 sing N N 166 
ILE CG2 HG22 sing N N 167 
ILE CG2 HG23 sing N N 168 
ILE CD1 HD11 sing N N 169 
ILE CD1 HD12 sing N N 170 
ILE CD1 HD13 sing N N 171 
ILE OXT HXT  sing N N 172 
LEU N   CA   sing N N 173 
LEU N   H    sing N N 174 
LEU N   H2   sing N N 175 
LEU CA  C    sing N N 176 
LEU CA  CB   sing N N 177 
LEU CA  HA   sing N N 178 
LEU C   O    doub N N 179 
LEU C   OXT  sing N N 180 
LEU CB  CG   sing N N 181 
LEU CB  HB2  sing N N 182 
LEU CB  HB3  sing N N 183 
LEU CG  CD1  sing N N 184 
LEU CG  CD2  sing N N 185 
LEU CG  HG   sing N N 186 
LEU CD1 HD11 sing N N 187 
LEU CD1 HD12 sing N N 188 
LEU CD1 HD13 sing N N 189 
LEU CD2 HD21 sing N N 190 
LEU CD2 HD22 sing N N 191 
LEU CD2 HD23 sing N N 192 
LEU OXT HXT  sing N N 193 
LYS N   CA   sing N N 194 
LYS N   H    sing N N 195 
LYS N   H2   sing N N 196 
LYS CA  C    sing N N 197 
LYS CA  CB   sing N N 198 
LYS CA  HA   sing N N 199 
LYS C   O    doub N N 200 
LYS C   OXT  sing N N 201 
LYS CB  CG   sing N N 202 
LYS CB  HB2  sing N N 203 
LYS CB  HB3  sing N N 204 
LYS CG  CD   sing N N 205 
LYS CG  HG2  sing N N 206 
LYS CG  HG3  sing N N 207 
LYS CD  CE   sing N N 208 
LYS CD  HD2  sing N N 209 
LYS CD  HD3  sing N N 210 
LYS CE  NZ   sing N N 211 
LYS CE  HE2  sing N N 212 
LYS CE  HE3  sing N N 213 
LYS NZ  HZ1  sing N N 214 
LYS NZ  HZ2  sing N N 215 
LYS NZ  HZ3  sing N N 216 
LYS OXT HXT  sing N N 217 
MET N   CA   sing N N 218 
MET N   H    sing N N 219 
MET N   H2   sing N N 220 
MET CA  C    sing N N 221 
MET CA  CB   sing N N 222 
MET CA  HA   sing N N 223 
MET C   O    doub N N 224 
MET C   OXT  sing N N 225 
MET CB  CG   sing N N 226 
MET CB  HB2  sing N N 227 
MET CB  HB3  sing N N 228 
MET CG  SD   sing N N 229 
MET CG  HG2  sing N N 230 
MET CG  HG3  sing N N 231 
MET SD  CE   sing N N 232 
MET CE  HE1  sing N N 233 
MET CE  HE2  sing N N 234 
MET CE  HE3  sing N N 235 
MET OXT HXT  sing N N 236 
PHE N   CA   sing N N 237 
PHE N   H    sing N N 238 
PHE N   H2   sing N N 239 
PHE CA  C    sing N N 240 
PHE CA  CB   sing N N 241 
PHE CA  HA   sing N N 242 
PHE C   O    doub N N 243 
PHE C   OXT  sing N N 244 
PHE CB  CG   sing N N 245 
PHE CB  HB2  sing N N 246 
PHE CB  HB3  sing N N 247 
PHE CG  CD1  doub Y N 248 
PHE CG  CD2  sing Y N 249 
PHE CD1 CE1  sing Y N 250 
PHE CD1 HD1  sing N N 251 
PHE CD2 CE2  doub Y N 252 
PHE CD2 HD2  sing N N 253 
PHE CE1 CZ   doub Y N 254 
PHE CE1 HE1  sing N N 255 
PHE CE2 CZ   sing Y N 256 
PHE CE2 HE2  sing N N 257 
PHE CZ  HZ   sing N N 258 
PHE OXT HXT  sing N N 259 
PRO N   CA   sing N N 260 
PRO N   CD   sing N N 261 
PRO N   H    sing N N 262 
PRO CA  C    sing N N 263 
PRO CA  CB   sing N N 264 
PRO CA  HA   sing N N 265 
PRO C   O    doub N N 266 
PRO C   OXT  sing N N 267 
PRO CB  CG   sing N N 268 
PRO CB  HB2  sing N N 269 
PRO CB  HB3  sing N N 270 
PRO CG  CD   sing N N 271 
PRO CG  HG2  sing N N 272 
PRO CG  HG3  sing N N 273 
PRO CD  HD2  sing N N 274 
PRO CD  HD3  sing N N 275 
PRO OXT HXT  sing N N 276 
SER N   CA   sing N N 277 
SER N   H    sing N N 278 
SER N   H2   sing N N 279 
SER CA  C    sing N N 280 
SER CA  CB   sing N N 281 
SER CA  HA   sing N N 282 
SER C   O    doub N N 283 
SER C   OXT  sing N N 284 
SER CB  OG   sing N N 285 
SER CB  HB2  sing N N 286 
SER CB  HB3  sing N N 287 
SER OG  HG   sing N N 288 
SER OXT HXT  sing N N 289 
THR N   CA   sing N N 290 
THR N   H    sing N N 291 
THR N   H2   sing N N 292 
THR CA  C    sing N N 293 
THR CA  CB   sing N N 294 
THR CA  HA   sing N N 295 
THR C   O    doub N N 296 
THR C   OXT  sing N N 297 
THR CB  OG1  sing N N 298 
THR CB  CG2  sing N N 299 
THR CB  HB   sing N N 300 
THR OG1 HG1  sing N N 301 
THR CG2 HG21 sing N N 302 
THR CG2 HG22 sing N N 303 
THR CG2 HG23 sing N N 304 
THR OXT HXT  sing N N 305 
TRP N   CA   sing N N 306 
TRP N   H    sing N N 307 
TRP N   H2   sing N N 308 
TRP CA  C    sing N N 309 
TRP CA  CB   sing N N 310 
TRP CA  HA   sing N N 311 
TRP C   O    doub N N 312 
TRP C   OXT  sing N N 313 
TRP CB  CG   sing N N 314 
TRP CB  HB2  sing N N 315 
TRP CB  HB3  sing N N 316 
TRP CG  CD1  doub Y N 317 
TRP CG  CD2  sing Y N 318 
TRP CD1 NE1  sing Y N 319 
TRP CD1 HD1  sing N N 320 
TRP CD2 CE2  doub Y N 321 
TRP CD2 CE3  sing Y N 322 
TRP NE1 CE2  sing Y N 323 
TRP NE1 HE1  sing N N 324 
TRP CE2 CZ2  sing Y N 325 
TRP CE3 CZ3  doub Y N 326 
TRP CE3 HE3  sing N N 327 
TRP CZ2 CH2  doub Y N 328 
TRP CZ2 HZ2  sing N N 329 
TRP CZ3 CH2  sing Y N 330 
TRP CZ3 HZ3  sing N N 331 
TRP CH2 HH2  sing N N 332 
TRP OXT HXT  sing N N 333 
TYR N   CA   sing N N 334 
TYR N   H    sing N N 335 
TYR N   H2   sing N N 336 
TYR CA  C    sing N N 337 
TYR CA  CB   sing N N 338 
TYR CA  HA   sing N N 339 
TYR C   O    doub N N 340 
TYR C   OXT  sing N N 341 
TYR CB  CG   sing N N 342 
TYR CB  HB2  sing N N 343 
TYR CB  HB3  sing N N 344 
TYR CG  CD1  doub Y N 345 
TYR CG  CD2  sing Y N 346 
TYR CD1 CE1  sing Y N 347 
TYR CD1 HD1  sing N N 348 
TYR CD2 CE2  doub Y N 349 
TYR CD2 HD2  sing N N 350 
TYR CE1 CZ   doub Y N 351 
TYR CE1 HE1  sing N N 352 
TYR CE2 CZ   sing Y N 353 
TYR CE2 HE2  sing N N 354 
TYR CZ  OH   sing N N 355 
TYR OH  HH   sing N N 356 
TYR OXT HXT  sing N N 357 
VAL N   CA   sing N N 358 
VAL N   H    sing N N 359 
VAL N   H2   sing N N 360 
VAL CA  C    sing N N 361 
VAL CA  CB   sing N N 362 
VAL CA  HA   sing N N 363 
VAL C   O    doub N N 364 
VAL C   OXT  sing N N 365 
VAL CB  CG1  sing N N 366 
VAL CB  CG2  sing N N 367 
VAL CB  HB   sing N N 368 
VAL CG1 HG11 sing N N 369 
VAL CG1 HG12 sing N N 370 
VAL CG1 HG13 sing N N 371 
VAL CG2 HG21 sing N N 372 
VAL CG2 HG22 sing N N 373 
VAL CG2 HG23 sing N N 374 
VAL OXT HXT  sing N N 375 
# 
_atom_sites.entry_id                    3MTV 
_atom_sites.fract_transf_matrix[1][1]   -0.00424986 
_atom_sites.fract_transf_matrix[1][2]   0.00894324 
_atom_sites.fract_transf_matrix[1][3]   0.00043013 
_atom_sites.fract_transf_matrix[2][1]   -0.00626066 
_atom_sites.fract_transf_matrix[2][2]   -0.00262784 
_atom_sites.fract_transf_matrix[2][3]   -0.00721987 
_atom_sites.fract_transf_matrix[3][1]   -0.00790627 
_atom_sites.fract_transf_matrix[3][2]   -0.00415965 
_atom_sites.fract_transf_matrix[3][3]   0.00836988 
_atom_sites.fract_transf_vector[1]      0.817405 
_atom_sites.fract_transf_vector[2]      0.552735 
_atom_sites.fract_transf_vector[3]      0.480998 
# 
loop_
_atom_type.symbol 
C 
N 
O 
S 
# 
loop_
_atom_site.group_PDB 
_atom_site.id 
_atom_site.type_symbol 
_atom_site.label_atom_id 
_atom_site.label_alt_id 
_atom_site.label_comp_id 
_atom_site.label_asym_id 
_atom_site.label_entity_id 
_atom_site.label_seq_id 
_atom_site.pdbx_PDB_ins_code 
_atom_site.Cartn_x 
_atom_site.Cartn_y 
_atom_site.Cartn_z 
_atom_site.occupancy 
_atom_site.B_iso_or_equiv 
_atom_site.pdbx_formal_charge 
_atom_site.auth_seq_id 
_atom_site.auth_comp_id 
_atom_site.auth_asym_id 
_atom_site.auth_atom_id 
_atom_site.pdbx_PDB_model_num 
ATOM   1    N N   . ALA A 1 1   ? 1.187   -25.996 -3.923  1.00 55.18  ? 1   ALA A N   1 
ATOM   2    C CA  . ALA A 1 1   ? -0.121  -25.182 -4.185  1.00 89.87  ? 1   ALA A CA  1 
ATOM   3    C C   . ALA A 1 1   ? -1.499  -25.908 -4.044  1.00 79.28  ? 1   ALA A C   1 
ATOM   4    O O   . ALA A 1 1   ? -1.491  -27.109 -3.933  1.00 105.85 ? 1   ALA A O   1 
ATOM   5    C CB  . ALA A 1 1   ? -0.147  -24.409 -5.594  1.00 42.92  ? 1   ALA A CB  1 
ATOM   6    N N   . ASP A 1 2   ? -2.656  -25.197 -4.136  1.00 74.85  ? 2   ASP A N   1 
ATOM   7    C CA  . ASP A 1 2   ? -4.105  -25.736 -4.160  1.00 55.03  ? 2   ASP A CA  1 
ATOM   8    C C   . ASP A 1 2   ? -5.192  -24.680 -4.484  1.00 60.62  ? 2   ASP A C   1 
ATOM   9    O O   . ASP A 1 2   ? -5.018  -23.554 -4.123  1.00 72.30  ? 2   ASP A O   1 
ATOM   10   C CB  . ASP A 1 2   ? -4.577  -26.156 -2.788  1.00 62.67  ? 2   ASP A CB  1 
ATOM   11   C CG  . ASP A 1 2   ? -4.796  -27.673 -2.644  1.00 90.04  ? 2   ASP A CG  1 
ATOM   12   O OD1 . ASP A 1 2   ? -5.796  -28.285 -3.162  1.00 74.16  ? 2   ASP A OD1 1 
ATOM   13   O OD2 . ASP A 1 2   ? -3.950  -28.264 -1.934  1.00 95.89  ? 2   ASP A OD2 1 
ATOM   14   N N   . VAL A 1 3   ? -6.362  -24.979 -5.026  1.00 53.33  ? 3   VAL A N   1 
ATOM   15   C CA  . VAL A 1 3   ? -7.174  -23.832 -5.552  1.00 45.77  ? 3   VAL A CA  1 
ATOM   16   C C   . VAL A 1 3   ? -8.694  -23.996 -5.591  1.00 48.68  ? 3   VAL A C   1 
ATOM   17   O O   . VAL A 1 3   ? -9.172  -24.970 -6.125  1.00 73.99  ? 3   VAL A O   1 
ATOM   18   C CB  . VAL A 1 3   ? -6.737  -23.495 -7.001  1.00 42.46  ? 3   VAL A CB  1 
ATOM   19   C CG1 . VAL A 1 3   ? -7.592  -22.420 -7.711  1.00 30.48  ? 3   VAL A CG1 1 
ATOM   20   C CG2 . VAL A 1 3   ? -5.411  -23.039 -6.970  1.00 46.83  ? 3   VAL A CG2 1 
ATOM   21   N N   . TYR A 1 4   ? -9.499  -23.054 -5.087  1.00 62.92  ? 4   TYR A N   1 
ATOM   22   C CA  . TYR A 1 4   ? -10.936 -23.339 -4.884  1.00 54.22  ? 4   TYR A CA  1 
ATOM   23   C C   . TYR A 1 4   ? -11.777 -22.215 -5.365  1.00 47.32  ? 4   TYR A C   1 
ATOM   24   O O   . TYR A 1 4   ? -11.357 -21.107 -5.220  1.00 62.19  ? 4   TYR A O   1 
ATOM   25   C CB  . TYR A 1 4   ? -11.200 -23.456 -3.400  1.00 51.14  ? 4   TYR A CB  1 
ATOM   26   C CG  . TYR A 1 4   ? -10.347 -24.491 -2.680  1.00 64.82  ? 4   TYR A CG  1 
ATOM   27   C CD1 . TYR A 1 4   ? -9.133  -24.139 -2.069  1.00 46.83  ? 4   TYR A CD1 1 
ATOM   28   C CD2 . TYR A 1 4   ? -10.736 -25.830 -2.606  1.00 73.47  ? 4   TYR A CD2 1 
ATOM   29   C CE1 . TYR A 1 4   ? -8.339  -25.085 -1.405  1.00 59.88  ? 4   TYR A CE1 1 
ATOM   30   C CE2 . TYR A 1 4   ? -9.917  -26.793 -1.945  1.00 62.33  ? 4   TYR A CE2 1 
ATOM   31   C CZ  . TYR A 1 4   ? -8.759  -26.414 -1.322  1.00 67.84  ? 4   TYR A CZ  1 
ATOM   32   O OH  . TYR A 1 4   ? -7.979  -27.377 -0.676  1.00 77.50  ? 4   TYR A OH  1 
ATOM   33   N N   . ASP A 1 5   ? -12.943 -22.485 -5.913  1.00 44.50  ? 5   ASP A N   1 
ATOM   34   C CA  . ASP A 1 5   ? -13.933 -21.486 -6.207  1.00 41.84  ? 5   ASP A CA  1 
ATOM   35   C C   . ASP A 1 5   ? -14.583 -21.040 -4.900  1.00 61.65  ? 5   ASP A C   1 
ATOM   36   O O   . ASP A 1 5   ? -14.975 -21.882 -4.096  1.00 84.66  ? 5   ASP A O   1 
ATOM   37   C CB  . ASP A 1 5   ? -15.010 -22.121 -7.072  1.00 43.60  ? 5   ASP A CB  1 
ATOM   38   C CG  . ASP A 1 5   ? -16.081 -21.125 -7.531  1.00 73.31  ? 5   ASP A CG  1 
ATOM   39   O OD1 . ASP A 1 5   ? -16.325 -20.919 -8.796  1.00 73.04  ? 5   ASP A OD1 1 
ATOM   40   O OD2 . ASP A 1 5   ? -16.701 -20.579 -6.588  1.00 54.35  ? 5   ASP A OD2 1 
ATOM   41   N N   . ILE A 1 6   ? -14.741 -19.735 -4.686  1.00 62.02  ? 6   ILE A N   1 
ATOM   42   C CA  . ILE A 1 6   ? -15.119 -19.224 -3.386  1.00 46.51  ? 6   ILE A CA  1 
ATOM   43   C C   . ILE A 1 6   ? -16.220 -18.241 -3.512  1.00 44.63  ? 6   ILE A C   1 
ATOM   44   O O   . ILE A 1 6   ? -16.542 -17.515 -2.556  1.00 53.66  ? 6   ILE A O   1 
ATOM   45   C CB  . ILE A 1 6   ? -13.996 -18.466 -2.721  1.00 56.14  ? 6   ILE A CB  1 
ATOM   46   C CG1 . ILE A 1 6   ? -13.665 -17.207 -3.576  1.00 61.84  ? 6   ILE A CG1 1 
ATOM   47   C CG2 . ILE A 1 6   ? -12.779 -19.331 -2.503  1.00 41.08  ? 6   ILE A CG2 1 
ATOM   48   C CD1 . ILE A 1 6   ? -12.503 -16.347 -2.898  1.00 50.56  ? 6   ILE A CD1 1 
ATOM   49   N N   . GLY A 1 7   ? -16.783 -18.208 -4.690  1.00 39.61  ? 7   GLY A N   1 
ATOM   50   C CA  . GLY A 1 7   ? -17.972 -17.456 -4.927  1.00 40.48  ? 7   GLY A CA  1 
ATOM   51   C C   . GLY A 1 7   ? -17.689 -16.086 -5.474  1.00 57.06  ? 7   GLY A C   1 
ATOM   52   O O   . GLY A 1 7   ? -16.544 -15.704 -5.621  1.00 56.96  ? 7   GLY A O   1 
ATOM   53   N N   . ARG A 1 8   ? -18.777 -15.407 -5.811  1.00 60.87  ? 8   ARG A N   1 
ATOM   54   C CA  . ARG A 1 8   ? -18.831 -14.016 -6.236  1.00 73.53  ? 8   ARG A CA  1 
ATOM   55   C C   . ARG A 1 8   ? -17.629 -13.676 -7.105  1.00 78.90  ? 8   ARG A C   1 
ATOM   56   O O   . ARG A 1 8   ? -16.983 -12.631 -6.938  1.00 66.15  ? 8   ARG A O   1 
ATOM   57   C CB  . ARG A 1 8   ? -19.049 -13.057 -5.038  1.00 66.24  ? 8   ARG A CB  1 
ATOM   58   C CG  . ARG A 1 8   ? -17.943 -13.193 -4.026  1.00 70.36  ? 8   ARG A CG  1 
ATOM   59   C CD  . ARG A 1 8   ? -18.396 -13.779 -2.640  1.00 89.89  ? 8   ARG A CD  1 
ATOM   60   N NE  . ARG A 1 8   ? -17.264 -14.513 -1.984  1.00 89.32  ? 8   ARG A NE  1 
ATOM   61   C CZ  . ARG A 1 8   ? -16.912 -14.379 -0.694  1.00 82.48  ? 8   ARG A CZ  1 
ATOM   62   N NH1 . ARG A 1 8   ? -17.624 -13.538 0.077   1.00 93.10  ? 8   ARG A NH1 1 
ATOM   63   N NH2 . ARG A 1 8   ? -15.845 -15.037 -0.189  1.00 57.13  ? 8   ARG A NH2 1 
ATOM   64   N N   . GLY A 1 9   ? -17.309 -14.576 -8.037  1.00 64.76  ? 9   GLY A N   1 
ATOM   65   C CA  . GLY A 1 9   ? -16.424 -14.162 -9.105  1.00 43.51  ? 9   GLY A CA  1 
ATOM   66   C C   . GLY A 1 9   ? -14.950 -14.393 -8.809  1.00 42.55  ? 9   GLY A C   1 
ATOM   67   O O   . GLY A 1 9   ? -14.161 -14.255 -9.665  1.00 61.88  ? 9   GLY A O   1 
ATOM   68   N N   . ALA A 1 10  ? -14.580 -14.839 -7.633  1.00 48.23  ? 10  ALA A N   1 
ATOM   69   C CA  . ALA A 1 10  ? -13.194 -15.164 -7.351  1.00 52.62  ? 10  ALA A CA  1 
ATOM   70   C C   . ALA A 1 10  ? -12.831 -16.639 -7.137  1.00 70.50  ? 10  ALA A C   1 
ATOM   71   O O   . ALA A 1 10  ? -13.729 -17.568 -7.021  1.00 56.54  ? 10  ALA A O   1 
ATOM   72   C CB  . ALA A 1 10  ? -12.848 -14.484 -6.093  1.00 43.03  ? 10  ALA A CB  1 
ATOM   73   N N   . VAL A 1 11  ? -11.517 -16.823 -6.929  1.00 34.57  ? 11  VAL A N   1 
ATOM   74   C CA  . VAL A 1 11  ? -11.069 -18.122 -6.521  1.00 42.37  ? 11  VAL A CA  1 
ATOM   75   C C   . VAL A 1 11  ? -9.905  -17.942 -5.609  1.00 51.84  ? 11  VAL A C   1 
ATOM   76   O O   . VAL A 1 11  ? -9.370  -16.880 -5.570  1.00 55.24  ? 11  VAL A O   1 
ATOM   77   C CB  . VAL A 1 11  ? -10.496 -18.903 -7.724  1.00 57.06  ? 11  VAL A CB  1 
ATOM   78   C CG1 . VAL A 1 11  ? -11.566 -19.291 -8.654  1.00 48.49  ? 11  VAL A CG1 1 
ATOM   79   C CG2 . VAL A 1 11  ? -9.408  -18.118 -8.460  1.00 42.10  ? 11  VAL A CG2 1 
ATOM   80   N N   . MET A 1 12  ? -9.402  -18.970 -4.940  1.00 40.88  ? 12  MET A N   1 
ATOM   81   C CA  . MET A 1 12  ? -8.424  -18.602 -3.960  1.00 48.36  ? 12  MET A CA  1 
ATOM   82   C C   . MET A 1 12  ? -7.375  -19.599 -3.923  1.00 56.96  ? 12  MET A C   1 
ATOM   83   O O   . MET A 1 12  ? -7.706  -20.753 -4.027  1.00 62.08  ? 12  MET A O   1 
ATOM   84   C CB  . MET A 1 12  ? -9.071  -18.633 -2.590  1.00 57.48  ? 12  MET A CB  1 
ATOM   85   C CG  . MET A 1 12  ? -8.068  -18.813 -1.499  1.00 64.76  ? 12  MET A CG  1 
ATOM   86   S SD  . MET A 1 12  ? -8.682  -18.612 0.195   1.00 80.81  ? 12  MET A SD  1 
ATOM   87   C CE  . MET A 1 12  ? -9.657  -20.062 0.501   1.00 46.46  ? 12  MET A CE  1 
ATOM   88   N N   . TYR A 1 13  ? -6.114  -19.191 -3.790  1.00 52.50  ? 13  TYR A N   1 
ATOM   89   C CA  . TYR A 1 13  ? -5.062  -20.158 -3.912  1.00 60.23  ? 13  TYR A CA  1 
ATOM   90   C C   . TYR A 1 13  ? -4.545  -20.294 -2.540  1.00 56.83  ? 13  TYR A C   1 
ATOM   91   O O   . TYR A 1 13  ? -4.532  -19.307 -1.841  1.00 65.38  ? 13  TYR A O   1 
ATOM   92   C CB  . TYR A 1 13  ? -3.901  -19.659 -4.739  1.00 59.55  ? 13  TYR A CB  1 
ATOM   93   C CG  . TYR A 1 13  ? -4.116  -19.197 -6.172  1.00 59.72  ? 13  TYR A CG  1 
ATOM   94   C CD1 . TYR A 1 13  ? -5.360  -18.924 -6.674  1.00 51.40  ? 13  TYR A CD1 1 
ATOM   95   C CD2 . TYR A 1 13  ? -3.018  -19.000 -7.024  1.00 52.77  ? 13  TYR A CD2 1 
ATOM   96   C CE1 . TYR A 1 13  ? -5.516  -18.439 -8.007  1.00 66.10  ? 13  TYR A CE1 1 
ATOM   97   C CE2 . TYR A 1 13  ? -3.180  -18.536 -8.370  1.00 58.71  ? 13  TYR A CE2 1 
ATOM   98   C CZ  . TYR A 1 13  ? -4.422  -18.263 -8.839  1.00 56.54  ? 13  TYR A CZ  1 
ATOM   99   O OH  . TYR A 1 13  ? -4.592  -17.833 -10.109 1.00 51.74  ? 13  TYR A OH  1 
ATOM   100  N N   . VAL A 1 14  ? -4.050  -21.492 -2.182  1.00 67.40  ? 14  VAL A N   1 
ATOM   101  C CA  . VAL A 1 14  ? -3.511  -21.805 -0.856  1.00 51.68  ? 14  VAL A CA  1 
ATOM   102  C C   . VAL A 1 14  ? -2.330  -22.749 -0.770  1.00 67.03  ? 14  VAL A C   1 
ATOM   103  O O   . VAL A 1 14  ? -2.352  -23.780 -1.461  1.00 93.00  ? 14  VAL A O   1 
ATOM   104  C CB  . VAL A 1 14  ? -4.480  -22.633 -0.191  1.00 52.03  ? 14  VAL A CB  1 
ATOM   105  C CG1 . VAL A 1 14  ? -4.002  -22.856 1.169   1.00 45.15  ? 14  VAL A CG1 1 
ATOM   106  C CG2 . VAL A 1 14  ? -5.897  -22.000 -0.199  1.00 44.59  ? 14  VAL A CG2 1 
ATOM   107  N N   . ALA A 1 15  ? -1.372  -22.486 0.127   1.00 65.01  ? 15  ALA A N   1 
ATOM   108  C CA  . ALA A 1 15  ? -0.043  -23.096 0.054   1.00 77.91  ? 15  ALA A CA  1 
ATOM   109  C C   . ALA A 1 15  ? 0.824   -22.489 1.122   1.00 87.11  ? 15  ALA A C   1 
ATOM   110  O O   . ALA A 1 15  ? 1.077   -21.316 1.066   1.00 95.28  ? 15  ALA A O   1 
ATOM   111  C CB  . ALA A 1 15  ? 0.559   -22.775 -1.310  1.00 53.60  ? 15  ALA A CB  1 
ATOM   112  N N   . GLY A 1 16  ? 1.315   -23.240 2.093   1.00 92.18  ? 16  GLY A N   1 
ATOM   113  C CA  . GLY A 1 16  ? 1.926   -22.587 3.265   1.00 78.45  ? 16  GLY A CA  1 
ATOM   114  C C   . GLY A 1 16  ? 0.731   -22.273 4.185   1.00 102.41 ? 16  GLY A C   1 
ATOM   115  O O   . GLY A 1 16  ? -0.402  -22.874 4.147   1.00 91.31  ? 16  GLY A O   1 
ATOM   116  N N   . GLY A 1 17  ? 0.921   -21.294 5.032   1.00 81.12  ? 17  GLY A N   1 
ATOM   117  C CA  . GLY A 1 17  ? -0.259  -20.811 5.739   1.00 98.97  ? 17  GLY A CA  1 
ATOM   118  C C   . GLY A 1 17  ? -0.705  -19.569 4.999   1.00 110.20 ? 17  GLY A C   1 
ATOM   119  O O   . GLY A 1 17  ? -1.534  -18.723 5.508   1.00 80.65  ? 17  GLY A O   1 
ATOM   120  N N   . LYS A 1 18  ? -0.115  -19.492 3.785   1.00 99.63  ? 18  LYS A N   1 
ATOM   121  C CA  . LYS A 1 18  ? -0.214  -18.372 2.844   1.00 72.29  ? 18  LYS A CA  1 
ATOM   122  C C   . LYS A 1 18  ? -1.309  -18.580 1.779   1.00 62.17  ? 18  LYS A C   1 
ATOM   123  O O   . LYS A 1 18  ? -1.541  -19.666 1.317   1.00 78.03  ? 18  LYS A O   1 
ATOM   124  C CB  . LYS A 1 18  ? 1.167   -18.076 2.215   1.00 71.08  ? 18  LYS A CB  1 
ATOM   125  C CG  . LYS A 1 18  ? 2.265   -17.533 3.175   1.00 84.74  ? 18  LYS A CG  1 
ATOM   126  C CD  . LYS A 1 18  ? 3.638   -17.212 2.509   1.00 76.18  ? 18  LYS A CD  1 
ATOM   127  C CE  . LYS A 1 18  ? 4.715   -16.747 3.572   1.00 86.64  ? 18  LYS A CE  1 
ATOM   128  N NZ  . LYS A 1 18  ? 5.742   -15.697 3.121   1.00 94.61  ? 18  LYS A NZ  1 
ATOM   129  N N   . VAL A 1 19  ? -1.926  -17.496 1.342   1.00 72.38  ? 19  VAL A N   1 
ATOM   130  C CA  . VAL A 1 19  ? -3.188  -17.525 0.622   1.00 54.45  ? 19  VAL A CA  1 
ATOM   131  C C   . VAL A 1 19  ? -3.402  -16.280 -0.324  1.00 69.72  ? 19  VAL A C   1 
ATOM   132  O O   . VAL A 1 19  ? -2.819  -15.214 -0.105  1.00 71.87  ? 19  VAL A O   1 
ATOM   133  C CB  . VAL A 1 19  ? -4.149  -17.572 1.698   1.00 71.06  ? 19  VAL A CB  1 
ATOM   134  C CG1 . VAL A 1 19  ? -5.397  -16.821 1.384   1.00 60.11  ? 19  VAL A CG1 1 
ATOM   135  C CG2 . VAL A 1 19  ? -4.315  -19.026 2.106   1.00 59.99  ? 19  VAL A CG2 1 
ATOM   136  N N   . SER A 1 20  ? -4.141  -16.419 -1.426  1.00 56.18  ? 20  SER A N   1 
ATOM   137  C CA  . SER A 1 20  ? -4.233  -15.363 -2.414  1.00 42.81  ? 20  SER A CA  1 
ATOM   138  C C   . SER A 1 20  ? -5.607  -15.409 -3.025  1.00 46.76  ? 20  SER A C   1 
ATOM   139  O O   . SER A 1 20  ? -6.211  -16.416 -3.080  1.00 56.24  ? 20  SER A O   1 
ATOM   140  C CB  . SER A 1 20  ? -3.207  -15.570 -3.540  1.00 53.32  ? 20  SER A CB  1 
ATOM   141  O OG  . SER A 1 20  ? -3.736  -15.129 -4.820  1.00 65.04  ? 20  SER A OG  1 
ATOM   142  N N   . TRP A 1 21  ? -6.121  -14.350 -3.581  1.00 51.49  ? 21  TRP A N   1 
ATOM   143  C CA  . TRP A 1 21  ? -7.261  -14.667 -4.403  1.00 47.92  ? 21  TRP A CA  1 
ATOM   144  C C   . TRP A 1 21  ? -7.128  -14.039 -5.772  1.00 47.66  ? 21  TRP A C   1 
ATOM   145  O O   . TRP A 1 21  ? -6.325  -13.205 -5.932  1.00 51.36  ? 21  TRP A O   1 
ATOM   146  C CB  . TRP A 1 21  ? -8.522  -14.158 -3.753  1.00 38.52  ? 21  TRP A CB  1 
ATOM   147  C CG  . TRP A 1 21  ? -8.715  -12.627 -3.721  1.00 54.62  ? 21  TRP A CG  1 
ATOM   148  C CD1 . TRP A 1 21  ? -8.143  -11.756 -2.822  1.00 63.43  ? 21  TRP A CD1 1 
ATOM   149  C CD2 . TRP A 1 21  ? -9.519  -11.808 -4.584  1.00 45.04  ? 21  TRP A CD2 1 
ATOM   150  N NE1 . TRP A 1 21  ? -8.553  -10.449 -3.063  1.00 45.41  ? 21  TRP A NE1 1 
ATOM   151  C CE2 . TRP A 1 21  ? -9.416  -10.452 -4.110  1.00 45.36  ? 21  TRP A CE2 1 
ATOM   152  C CE3 . TRP A 1 21  ? -10.318 -12.072 -5.688  1.00 47.92  ? 21  TRP A CE3 1 
ATOM   153  C CZ2 . TRP A 1 21  ? -10.048 -9.371  -4.712  1.00 45.31  ? 21  TRP A CZ2 1 
ATOM   154  C CZ3 . TRP A 1 21  ? -11.025 -10.978 -6.294  1.00 45.66  ? 21  TRP A CZ3 1 
ATOM   155  C CH2 . TRP A 1 21  ? -10.848 -9.644  -5.803  1.00 60.39  ? 21  TRP A CH2 1 
ATOM   156  N N   . ALA A 1 22  ? -8.012  -14.359 -6.703  1.00 47.40  ? 22  ALA A N   1 
ATOM   157  C CA  . ALA A 1 22  ? -7.911  -13.853 -8.049  1.00 58.83  ? 22  ALA A CA  1 
ATOM   158  C C   . ALA A 1 22  ? -9.272  -13.962 -8.678  1.00 51.54  ? 22  ALA A C   1 
ATOM   159  O O   . ALA A 1 22  ? -10.080 -14.752 -8.198  1.00 57.07  ? 22  ALA A O   1 
ATOM   160  C CB  . ALA A 1 22  ? -6.917  -14.676 -8.789  1.00 46.10  ? 22  ALA A CB  1 
ATOM   161  N N   . PRO A 1 23  ? -9.540  -13.214 -9.774  1.00 46.59  ? 23  PRO A N   1 
ATOM   162  C CA  . PRO A 1 23  ? -10.883 -13.355 -10.375 1.00 56.08  ? 23  PRO A CA  1 
ATOM   163  C C   . PRO A 1 23  ? -11.016 -14.709 -11.100 1.00 59.14  ? 23  PRO A C   1 
ATOM   164  O O   . PRO A 1 23  ? -9.972  -15.343 -11.280 1.00 54.77  ? 23  PRO A O   1 
ATOM   165  C CB  . PRO A 1 23  ? -11.031 -12.133 -11.302 1.00 40.51  ? 23  PRO A CB  1 
ATOM   166  C CG  . PRO A 1 23  ? -10.009 -11.221 -10.892 1.00 49.52  ? 23  PRO A CG  1 
ATOM   167  C CD  . PRO A 1 23  ? -8.836  -12.049 -10.305 1.00 44.82  ? 23  PRO A CD  1 
ATOM   168  N N   . ARG A 1 24  ? -12.242 -15.144 -11.442 1.00 54.31  ? 24  ARG A N   1 
ATOM   169  C CA  . ARG A 1 24  ? -12.561 -16.552 -11.671 1.00 60.34  ? 24  ARG A CA  1 
ATOM   170  C C   . ARG A 1 24  ? -12.022 -16.654 -13.057 1.00 57.90  ? 24  ARG A C   1 
ATOM   171  O O   . ARG A 1 24  ? -11.037 -17.408 -13.342 1.00 41.97  ? 24  ARG A O   1 
ATOM   172  C CB  . ARG A 1 24  ? -14.088 -16.817 -11.597 1.00 57.27  ? 24  ARG A CB  1 
ATOM   173  C CG  . ARG A 1 24  ? -14.684 -18.187 -12.072 1.00 58.10  ? 24  ARG A CG  1 
ATOM   174  C CD  . ARG A 1 24  ? -16.254 -18.210 -11.739 1.00 65.42  ? 24  ARG A CD  1 
ATOM   175  N NE  . ARG A 1 24  ? -17.089 -19.067 -12.636 1.00 100.04 ? 24  ARG A NE  1 
ATOM   176  C CZ  . ARG A 1 24  ? -17.807 -20.203 -12.324 1.00 127.43 ? 24  ARG A CZ  1 
ATOM   177  N NH1 . ARG A 1 24  ? -17.887 -20.764 -11.040 1.00 73.20  ? 24  ARG A NH1 1 
ATOM   178  N NH2 . ARG A 1 24  ? -18.491 -20.801 -13.353 1.00 79.39  ? 24  ARG A NH2 1 
ATOM   179  N N   . GLY A 1 25  ? -12.578 -15.787 -13.875 1.00 38.40  ? 25  GLY A N   1 
ATOM   180  C CA  . GLY A 1 25  ? -12.517 -16.003 -15.293 1.00 40.22  ? 25  GLY A CA  1 
ATOM   181  C C   . GLY A 1 25  ? -13.898 -16.282 -15.851 1.00 52.90  ? 25  GLY A C   1 
ATOM   182  O O   . GLY A 1 25  ? -14.920 -15.967 -15.211 1.00 68.84  ? 25  GLY A O   1 
ATOM   183  N N   . GLY A 1 26  ? -13.945 -16.926 -17.006 1.00 56.02  ? 26  GLY A N   1 
ATOM   184  C CA  . GLY A 1 26  ? -15.209 -17.353 -17.599 1.00 52.66  ? 26  GLY A CA  1 
ATOM   185  C C   . GLY A 1 26  ? -15.873 -18.622 -17.012 1.00 85.42  ? 26  GLY A C   1 
ATOM   186  O O   . GLY A 1 26  ? -15.358 -19.355 -16.029 1.00 53.20  ? 26  GLY A O   1 
ATOM   187  N N   . ASN A 1 27  ? -17.027 -18.909 -17.630 1.00 56.77  ? 27  ASN A N   1 
ATOM   188  C CA  . ASN A 1 27  ? -17.890 -19.940 -17.035 1.00 81.46  ? 27  ASN A CA  1 
ATOM   189  C C   . ASN A 1 27  ? -17.234 -21.270 -17.087 1.00 69.79  ? 27  ASN A C   1 
ATOM   190  O O   . ASN A 1 27  ? -17.800 -22.228 -16.608 1.00 89.59  ? 27  ASN A O   1 
ATOM   191  C CB  . ASN A 1 27  ? -19.214 -20.129 -17.757 1.00 79.24  ? 27  ASN A CB  1 
ATOM   192  C CG  . ASN A 1 27  ? -19.930 -18.852 -17.957 1.00 110.53 ? 27  ASN A CG  1 
ATOM   193  O OD1 . ASN A 1 27  ? -20.242 -18.136 -16.969 1.00 80.98  ? 27  ASN A OD1 1 
ATOM   194  N ND2 . ASN A 1 27  ? -20.192 -18.514 -19.247 1.00 82.84  ? 27  ASN A ND2 1 
ATOM   195  N N   . GLU A 1 28  ? -16.101 -21.355 -17.759 1.00 63.68  ? 28  GLU A N   1 
ATOM   196  C CA  . GLU A 1 28  ? -15.411 -22.614 -17.890 1.00 51.45  ? 28  GLU A CA  1 
ATOM   197  C C   . GLU A 1 28  ? -14.539 -22.757 -16.661 1.00 63.88  ? 28  GLU A C   1 
ATOM   198  O O   . GLU A 1 28  ? -14.115 -23.859 -16.290 1.00 50.81  ? 28  GLU A O   1 
ATOM   199  C CB  . GLU A 1 28  ? -14.526 -22.657 -19.129 1.00 52.14  ? 28  GLU A CB  1 
ATOM   200  C CG  . GLU A 1 28  ? -13.085 -22.061 -18.838 1.00 72.40  ? 28  GLU A CG  1 
ATOM   201  C CD  . GLU A 1 28  ? -12.719 -20.683 -19.536 1.00 81.62  ? 28  GLU A CD  1 
ATOM   202  O OE1 . GLU A 1 28  ? -13.582 -19.937 -20.124 1.00 89.12  ? 28  GLU A OE1 1 
ATOM   203  O OE2 . GLU A 1 28  ? -11.504 -20.347 -19.504 1.00 101.38 ? 28  GLU A OE2 1 
ATOM   204  N N   . VAL A 1 29  ? -14.241 -21.645 -16.009 1.00 54.09  ? 29  VAL A N   1 
ATOM   205  C CA  . VAL A 1 29  ? -13.428 -21.860 -14.851 1.00 58.80  ? 29  VAL A CA  1 
ATOM   206  C C   . VAL A 1 29  ? -14.255 -22.401 -13.706 1.00 58.28  ? 29  VAL A C   1 
ATOM   207  O O   . VAL A 1 29  ? -15.197 -21.765 -13.272 1.00 74.40  ? 29  VAL A O   1 
ATOM   208  C CB  . VAL A 1 29  ? -12.791 -20.653 -14.388 1.00 64.41  ? 29  VAL A CB  1 
ATOM   209  C CG1 . VAL A 1 29  ? -11.999 -21.106 -13.261 1.00 51.52  ? 29  VAL A CG1 1 
ATOM   210  C CG2 . VAL A 1 29  ? -11.875 -20.083 -15.446 1.00 50.23  ? 29  VAL A CG2 1 
ATOM   211  N N   . LYS A 1 30  ? -13.935 -23.596 -13.256 1.00 52.75  ? 30  LYS A N   1 
ATOM   212  C CA  . LYS A 1 30  ? -14.837 -24.350 -12.371 1.00 65.98  ? 30  LYS A CA  1 
ATOM   213  C C   . LYS A 1 30  ? -14.094 -25.312 -11.538 1.00 54.40  ? 30  LYS A C   1 
ATOM   214  O O   . LYS A 1 30  ? -13.891 -26.420 -11.902 1.00 60.05  ? 30  LYS A O   1 
ATOM   215  C CB  . LYS A 1 30  ? -15.964 -25.088 -13.108 1.00 41.54  ? 30  LYS A CB  1 
ATOM   216  C CG  . LYS A 1 30  ? -16.893 -24.105 -13.882 1.00 58.31  ? 30  LYS A CG  1 
ATOM   217  C CD  . LYS A 1 30  ? -18.210 -24.779 -14.170 1.00 85.27  ? 30  LYS A CD  1 
ATOM   218  C CE  . LYS A 1 30  ? -19.431 -23.829 -14.270 1.00 107.92 ? 30  LYS A CE  1 
ATOM   219  N NZ  . LYS A 1 30  ? -20.380 -24.311 -15.370 1.00 99.26  ? 30  LYS A NZ  1 
ATOM   220  N N   . PHE A 1 31  ? -13.676 -24.863 -10.382 1.00 61.69  ? 31  PHE A N   1 
ATOM   221  C CA  . PHE A 1 31  ? -12.967 -25.732 -9.502  1.00 54.82  ? 31  PHE A CA  1 
ATOM   222  C C   . PHE A 1 31  ? -13.864 -26.160 -8.380  1.00 59.89  ? 31  PHE A C   1 
ATOM   223  O O   . PHE A 1 31  ? -14.959 -25.638 -8.206  1.00 58.59  ? 31  PHE A O   1 
ATOM   224  C CB  . PHE A 1 31  ? -11.887 -24.922 -8.756  1.00 67.97  ? 31  PHE A CB  1 
ATOM   225  C CG  . PHE A 1 31  ? -10.778 -24.448 -9.597  1.00 52.63  ? 31  PHE A CG  1 
ATOM   226  C CD1 . PHE A 1 31  ? -10.825 -23.238 -10.222 1.00 74.38  ? 31  PHE A CD1 1 
ATOM   227  C CD2 . PHE A 1 31  ? -9.645  -25.216 -9.772  1.00 74.42  ? 31  PHE A CD2 1 
ATOM   228  C CE1 . PHE A 1 31  ? -9.711  -22.825 -11.057 1.00 63.69  ? 31  PHE A CE1 1 
ATOM   229  C CE2 . PHE A 1 31  ? -8.613  -24.806 -10.602 1.00 43.01  ? 31  PHE A CE2 1 
ATOM   230  C CZ  . PHE A 1 31  ? -8.657  -23.616 -11.226 1.00 51.34  ? 31  PHE A CZ  1 
ATOM   231  N N   . GLU A 1 32  ? -13.268 -26.980 -7.514  1.00 69.62  ? 32  GLU A N   1 
ATOM   232  C CA  . GLU A 1 32  ? -13.843 -27.418 -6.264  1.00 58.95  ? 32  GLU A CA  1 
ATOM   233  C C   . GLU A 1 32  ? -14.196 -26.290 -5.317  1.00 70.44  ? 32  GLU A C   1 
ATOM   234  O O   . GLU A 1 32  ? -13.491 -25.301 -5.285  1.00 75.73  ? 32  GLU A O   1 
ATOM   235  C CB  . GLU A 1 32  ? -12.890 -28.402 -5.618  1.00 61.26  ? 32  GLU A CB  1 
ATOM   236  C CG  . GLU A 1 32  ? -13.005 -29.787 -6.256  1.00 73.17  ? 32  GLU A CG  1 
ATOM   237  C CD  . GLU A 1 32  ? -12.065 -30.808 -5.577  1.00 129.03 ? 32  GLU A CD  1 
ATOM   238  O OE1 . GLU A 1 32  ? -11.699 -30.469 -4.329  1.00 74.51  ? 32  GLU A OE1 1 
ATOM   239  O OE2 . GLU A 1 32  ? -11.734 -31.882 -6.314  1.00 84.73  ? 32  GLU A OE2 1 
ATOM   240  N N   . PRO A 1 33  ? -15.295 -26.418 -4.558  1.00 69.50  ? 33  PRO A N   1 
ATOM   241  C CA  . PRO A 1 33  ? -15.415 -25.244 -3.745  1.00 67.15  ? 33  PRO A CA  1 
ATOM   242  C C   . PRO A 1 33  ? -14.707 -25.434 -2.481  1.00 68.35  ? 33  PRO A C   1 
ATOM   243  O O   . PRO A 1 33  ? -14.083 -26.459 -2.236  1.00 61.59  ? 33  PRO A O   1 
ATOM   244  C CB  . PRO A 1 33  ? -16.899 -25.131 -3.501  1.00 71.77  ? 33  PRO A CB  1 
ATOM   245  C CG  . PRO A 1 33  ? -17.501 -25.817 -4.568  1.00 61.45  ? 33  PRO A CG  1 
ATOM   246  C CD  . PRO A 1 33  ? -16.610 -26.973 -4.820  1.00 64.69  ? 33  PRO A CD  1 
ATOM   247  N N   . VAL A 1 34  ? -14.794 -24.367 -1.712  1.00 72.80  ? 34  VAL A N   1 
ATOM   248  C CA  . VAL A 1 34  ? -14.003 -24.221 -0.560  1.00 69.04  ? 34  VAL A CA  1 
ATOM   249  C C   . VAL A 1 34  ? -14.603 -25.073 0.504   1.00 74.17  ? 34  VAL A C   1 
ATOM   250  O O   . VAL A 1 34  ? -15.806 -25.003 0.753   1.00 62.15  ? 34  VAL A O   1 
ATOM   251  C CB  . VAL A 1 34  ? -14.086 -22.786 0.038   1.00 79.17  ? 34  VAL A CB  1 
ATOM   252  C CG1 . VAL A 1 34  ? -12.783 -22.202 0.018   1.00 39.01  ? 34  VAL A CG1 1 
ATOM   253  C CG2 . VAL A 1 34  ? -15.278 -21.853 -0.511  1.00 41.28  ? 34  VAL A CG2 1 
ATOM   254  N N   . PRO A 1 35  ? -13.741 -25.859 1.118   1.00 66.34  ? 35  PRO A N   1 
ATOM   255  C CA  . PRO A 1 35  ? -13.745 -26.823 2.187   1.00 69.83  ? 35  PRO A CA  1 
ATOM   256  C C   . PRO A 1 35  ? -14.360 -26.271 3.403   1.00 95.57  ? 35  PRO A C   1 
ATOM   257  O O   . PRO A 1 35  ? -14.186 -26.967 4.408   1.00 114.18 ? 35  PRO A O   1 
ATOM   258  C CB  . PRO A 1 35  ? -12.260 -27.047 2.457   1.00 64.69  ? 35  PRO A CB  1 
ATOM   259  C CG  . PRO A 1 35  ? -11.668 -26.947 1.156   1.00 71.45  ? 35  PRO A CG  1 
ATOM   260  C CD  . PRO A 1 35  ? -12.558 -26.031 0.274   1.00 70.79  ? 35  PRO A CD  1 
ATOM   261  N N   . LYS A 1 36  ? -15.021 -25.111 3.374   1.00 85.57  ? 36  LYS A N   1 
ATOM   262  C CA  . LYS A 1 36  ? -15.853 -24.732 4.568   1.00 96.99  ? 36  LYS A CA  1 
ATOM   263  C C   . LYS A 1 36  ? -15.079 -24.575 5.933   1.00 64.91  ? 36  LYS A C   1 
ATOM   264  O O   . LYS A 1 36  ? -15.295 -23.622 6.628   1.00 69.40  ? 36  LYS A O   1 
ATOM   265  C CB  . LYS A 1 36  ? -17.018 -25.695 4.685   1.00 66.79  ? 36  LYS A CB  1 
ATOM   266  C CG  . LYS A 1 36  ? -18.058 -25.410 5.792   1.00 113.91 ? 36  LYS A CG  1 
ATOM   267  C CD  . LYS A 1 36  ? -18.210 -26.531 6.950   1.00 131.24 ? 36  LYS A CD  1 
ATOM   268  C CE  . LYS A 1 36  ? -18.573 -28.031 6.505   1.00 126.35 ? 36  LYS A CE  1 
ATOM   269  N NZ  . LYS A 1 36  ? -19.930 -28.650 6.923   1.00 113.64 ? 36  LYS A NZ  1 
ATOM   270  N N   . GLU A 1 37  ? -14.152 -25.464 6.227   1.00 44.96  ? 37  GLU A N   1 
ATOM   271  C CA  . GLU A 1 37  ? -12.983 -25.235 7.061   1.00 52.02  ? 37  GLU A CA  1 
ATOM   272  C C   . GLU A 1 37  ? -12.162 -24.031 6.635   1.00 67.63  ? 37  GLU A C   1 
ATOM   273  O O   . GLU A 1 37  ? -11.050 -23.727 7.170   1.00 73.68  ? 37  GLU A O   1 
ATOM   274  C CB  . GLU A 1 37  ? -11.993 -26.418 6.893   1.00 70.76  ? 37  GLU A CB  1 
ATOM   275  C CG  . GLU A 1 37  ? -12.558 -27.814 6.625   1.00 101.15 ? 37  GLU A CG  1 
ATOM   276  C CD  . GLU A 1 37  ? -12.046 -28.852 7.688   1.00 150.81 ? 37  GLU A CD  1 
ATOM   277  O OE1 . GLU A 1 37  ? -10.796 -28.839 7.885   1.00 161.46 ? 37  GLU A OE1 1 
ATOM   278  O OE2 . GLU A 1 37  ? -12.855 -29.637 8.343   1.00 99.46  ? 37  GLU A OE2 1 
ATOM   279  N N   . LEU A 1 38  ? -12.606 -23.423 5.564   1.00 70.04  ? 38  LEU A N   1 
ATOM   280  C CA  . LEU A 1 38  ? -11.871 -22.310 5.015   1.00 77.31  ? 38  LEU A CA  1 
ATOM   281  C C   . LEU A 1 38  ? -12.801 -21.266 4.468   1.00 71.21  ? 38  LEU A C   1 
ATOM   282  O O   . LEU A 1 38  ? -12.345 -20.242 4.062   1.00 72.13  ? 38  LEU A O   1 
ATOM   283  C CB  . LEU A 1 38  ? -10.980 -22.762 3.887   1.00 52.99  ? 38  LEU A CB  1 
ATOM   284  C CG  . LEU A 1 38  ? -9.699  -23.533 4.276   1.00 93.75  ? 38  LEU A CG  1 
ATOM   285  C CD1 . LEU A 1 38  ? -8.974  -24.199 3.080   1.00 54.09  ? 38  LEU A CD1 1 
ATOM   286  C CD2 . LEU A 1 38  ? -8.624  -22.740 5.003   1.00 51.64  ? 38  LEU A CD2 1 
ATOM   287  N N   . LYS A 1 39  ? -14.100 -21.490 4.458   1.00 50.22  ? 39  LYS A N   1 
ATOM   288  C CA  . LYS A 1 39  ? -14.987 -20.486 3.964   1.00 55.12  ? 39  LYS A CA  1 
ATOM   289  C C   . LYS A 1 39  ? -14.716 -19.166 4.661   1.00 68.79  ? 39  LYS A C   1 
ATOM   290  O O   . LYS A 1 39  ? -15.056 -18.069 4.156   1.00 75.56  ? 39  LYS A O   1 
ATOM   291  C CB  . LYS A 1 39  ? -16.452 -20.942 4.099   1.00 53.69  ? 39  LYS A CB  1 
ATOM   292  C CG  . LYS A 1 39  ? -17.489 -20.123 3.203   1.00 70.25  ? 39  LYS A CG  1 
ATOM   293  C CD  . LYS A 1 39  ? -18.999 -20.752 3.146   1.00 129.07 ? 39  LYS A CD  1 
ATOM   294  C CE  . LYS A 1 39  ? -19.168 -22.369 3.019   1.00 133.06 ? 39  LYS A CE  1 
ATOM   295  N NZ  . LYS A 1 39  ? -19.213 -23.082 1.644   1.00 92.72  ? 39  LYS A NZ  1 
ATOM   296  N N   . LEU A 1 40  ? -14.063 -19.276 5.808   1.00 74.83  ? 40  LEU A N   1 
ATOM   297  C CA  . LEU A 1 40  ? -13.924 -18.132 6.646   1.00 73.60  ? 40  LEU A CA  1 
ATOM   298  C C   . LEU A 1 40  ? -12.913 -17.259 6.028   1.00 74.95  ? 40  LEU A C   1 
ATOM   299  O O   . LEU A 1 40  ? -13.220 -16.251 5.417   1.00 65.37  ? 40  LEU A O   1 
ATOM   300  C CB  . LEU A 1 40  ? -13.394 -18.543 8.002   1.00 76.48  ? 40  LEU A CB  1 
ATOM   301  C CG  . LEU A 1 40  ? -13.775 -17.306 8.871   1.00 83.90  ? 40  LEU A CG  1 
ATOM   302  C CD1 . LEU A 1 40  ? -15.340 -16.787 8.716   1.00 46.39  ? 40  LEU A CD1 1 
ATOM   303  C CD2 . LEU A 1 40  ? -13.246 -17.438 10.331  1.00 42.69  ? 40  LEU A CD2 1 
ATOM   304  N N   . VAL A 1 41  ? -11.684 -17.665 6.250   1.00 69.54  ? 41  VAL A N   1 
ATOM   305  C CA  . VAL A 1 41  ? -10.616 -17.317 5.359   1.00 74.58  ? 41  VAL A CA  1 
ATOM   306  C C   . VAL A 1 41  ? -10.949 -16.854 3.927   1.00 66.53  ? 41  VAL A C   1 
ATOM   307  O O   . VAL A 1 41  ? -10.362 -15.935 3.481   1.00 59.31  ? 41  VAL A O   1 
ATOM   308  C CB  . VAL A 1 41  ? -9.686  -18.441 5.278   1.00 57.78  ? 41  VAL A CB  1 
ATOM   309  C CG1 . VAL A 1 41  ? -8.415  -17.917 4.819   1.00 46.17  ? 41  VAL A CG1 1 
ATOM   310  C CG2 . VAL A 1 41  ? -9.560  -19.017 6.684   1.00 77.69  ? 41  VAL A CG2 1 
ATOM   311  N N   . ALA A 1 42  ? -11.881 -17.454 3.216   1.00 63.96  ? 42  ALA A N   1 
ATOM   312  C CA  . ALA A 1 42  ? -12.273 -16.865 1.929   1.00 51.13  ? 42  ALA A CA  1 
ATOM   313  C C   . ALA A 1 42  ? -12.791 -15.515 2.146   1.00 66.69  ? 42  ALA A C   1 
ATOM   314  O O   . ALA A 1 42  ? -12.093 -14.542 1.920   1.00 70.45  ? 42  ALA A O   1 
ATOM   315  C CB  . ALA A 1 42  ? -13.326 -17.627 1.258   1.00 67.03  ? 42  ALA A CB  1 
ATOM   316  N N   . ASN A 1 43  ? -14.040 -15.461 2.569   1.00 67.43  ? 43  ASN A N   1 
ATOM   317  C CA  . ASN A 1 43  ? -14.627 -14.214 3.022   1.00 73.91  ? 43  ASN A CA  1 
ATOM   318  C C   . ASN A 1 43  ? -13.692 -13.157 3.576   1.00 79.69  ? 43  ASN A C   1 
ATOM   319  O O   . ASN A 1 43  ? -13.798 -11.963 3.172   1.00 61.66  ? 43  ASN A O   1 
ATOM   320  C CB  . ASN A 1 43  ? -15.710 -14.519 3.998   1.00 54.22  ? 43  ASN A CB  1 
ATOM   321  C CG  . ASN A 1 43  ? -16.918 -15.029 3.296   1.00 102.31 ? 43  ASN A CG  1 
ATOM   322  O OD1 . ASN A 1 43  ? -17.946 -14.301 3.240   1.00 80.23  ? 43  ASN A OD1 1 
ATOM   323  N ND2 . ASN A 1 43  ? -16.797 -16.261 2.650   1.00 71.44  ? 43  ASN A ND2 1 
ATOM   324  N N   . ARG A 1 44  ? -12.786 -13.589 4.461   1.00 56.97  ? 44  ARG A N   1 
ATOM   325  C CA  . ARG A 1 44  ? -11.871 -12.643 5.083   1.00 80.30  ? 44  ARG A CA  1 
ATOM   326  C C   . ARG A 1 44  ? -11.065 -11.964 3.987   1.00 71.85  ? 44  ARG A C   1 
ATOM   327  O O   . ARG A 1 44  ? -11.392 -10.831 3.591   1.00 65.93  ? 44  ARG A O   1 
ATOM   328  C CB  . ARG A 1 44  ? -10.952 -13.266 6.145   1.00 76.34  ? 44  ARG A CB  1 
ATOM   329  C CG  . ARG A 1 44  ? -11.538 -13.036 7.506   1.00 79.78  ? 44  ARG A CG  1 
ATOM   330  C CD  . ARG A 1 44  ? -10.966 -13.845 8.674   1.00 88.74  ? 44  ARG A CD  1 
ATOM   331  N NE  . ARG A 1 44  ? -11.986 -13.705 9.732   1.00 98.53  ? 44  ARG A NE  1 
ATOM   332  C CZ  . ARG A 1 44  ? -11.934 -14.156 10.994  1.00 103.67 ? 44  ARG A CZ  1 
ATOM   333  N NH1 . ARG A 1 44  ? -10.861 -14.852 11.494  1.00 58.81  ? 44  ARG A NH1 1 
ATOM   334  N NH2 . ARG A 1 44  ? -12.992 -13.859 11.772  1.00 79.70  ? 44  ARG A NH2 1 
ATOM   335  N N   . LEU A 1 45  ? -10.028 -12.673 3.533   1.00 80.72  ? 45  LEU A N   1 
ATOM   336  C CA  . LEU A 1 45  ? -9.379  -12.509 2.218   1.00 60.49  ? 45  LEU A CA  1 
ATOM   337  C C   . LEU A 1 45  ? -10.072 -11.758 1.142   1.00 55.58  ? 45  LEU A C   1 
ATOM   338  O O   . LEU A 1 45  ? -9.617  -10.771 0.715   1.00 46.10  ? 45  LEU A O   1 
ATOM   339  C CB  . LEU A 1 45  ? -9.153  -13.831 1.547   1.00 67.24  ? 45  LEU A CB  1 
ATOM   340  C CG  . LEU A 1 45  ? -7.744  -13.843 0.952   1.00 72.65  ? 45  LEU A CG  1 
ATOM   341  C CD1 . LEU A 1 45  ? -7.690  -14.728 -0.190  1.00 68.47  ? 45  LEU A CD1 1 
ATOM   342  C CD2 . LEU A 1 45  ? -7.368  -12.485 0.514   1.00 54.43  ? 45  LEU A CD2 1 
ATOM   343  N N   . HIS A 1 46  ? -11.162 -12.247 0.631   1.00 57.77  ? 46  HIS A N   1 
ATOM   344  C CA  . HIS A 1 46  ? -11.668 -11.573 -0.560  1.00 48.18  ? 46  HIS A CA  1 
ATOM   345  C C   . HIS A 1 46  ? -12.224 -10.270 -0.193  1.00 49.97  ? 46  HIS A C   1 
ATOM   346  O O   . HIS A 1 46  ? -12.126 -9.366  -0.955  1.00 63.94  ? 46  HIS A O   1 
ATOM   347  C CB  . HIS A 1 46  ? -12.694 -12.479 -1.180  1.00 55.95  ? 46  HIS A CB  1 
ATOM   348  C CG  . HIS A 1 46  ? -13.582 -11.868 -2.197  1.00 61.77  ? 46  HIS A CG  1 
ATOM   349  N ND1 . HIS A 1 46  ? -13.274 -11.873 -3.535  1.00 46.76  ? 46  HIS A ND1 1 
ATOM   350  C CD2 . HIS A 1 46  ? -14.825 -11.334 -2.096  1.00 76.98  ? 46  HIS A CD2 1 
ATOM   351  C CE1 . HIS A 1 46  ? -14.266 -11.358 -4.222  1.00 62.74  ? 46  HIS A CE1 1 
ATOM   352  N NE2 . HIS A 1 46  ? -15.226 -11.014 -3.372  1.00 80.88  ? 46  HIS A NE2 1 
ATOM   353  N N   . THR A 1 47  ? -12.805 -10.172 0.992   1.00 72.36  ? 47  THR A N   1 
ATOM   354  C CA  . THR A 1 47  ? -13.427 -8.943  1.436   1.00 69.87  ? 47  THR A CA  1 
ATOM   355  C C   . THR A 1 47  ? -12.383 -7.896  1.761   1.00 67.60  ? 47  THR A C   1 
ATOM   356  O O   . THR A 1 47  ? -12.523 -6.688  1.441   1.00 56.62  ? 47  THR A O   1 
ATOM   357  C CB  . THR A 1 47  ? -14.419 -9.181  2.604   1.00 43.16  ? 47  THR A CB  1 
ATOM   358  O OG1 . THR A 1 47  ? -15.697 -9.466  2.017   1.00 67.56  ? 47  THR A OG1 1 
ATOM   359  C CG2 . THR A 1 47  ? -14.603 -7.913  3.368   1.00 68.27  ? 47  THR A CG2 1 
ATOM   360  N N   . SER A 1 48  ? -11.286 -8.304  2.351   1.00 50.58  ? 48  SER A N   1 
ATOM   361  C CA  . SER A 1 48  ? -10.405 -7.231  2.736   1.00 56.00  ? 48  SER A CA  1 
ATOM   362  C C   . SER A 1 48  ? -9.129  -6.921  1.924   1.00 65.54  ? 48  SER A C   1 
ATOM   363  O O   . SER A 1 48  ? -8.601  -5.813  1.948   1.00 70.16  ? 48  SER A O   1 
ATOM   364  C CB  . SER A 1 48  ? -10.218 -7.262  4.253   1.00 70.67  ? 48  SER A CB  1 
ATOM   365  O OG  . SER A 1 48  ? -9.982  -8.563  4.606   1.00 78.41  ? 48  SER A OG  1 
ATOM   366  N N   . PHE A 1 49  ? -8.647  -7.846  1.117   1.00 79.41  ? 49  PHE A N   1 
ATOM   367  C CA  . PHE A 1 49  ? -7.433  -7.555  0.309   1.00 53.93  ? 49  PHE A CA  1 
ATOM   368  C C   . PHE A 1 49  ? -7.582  -7.390  -1.171  1.00 47.20  ? 49  PHE A C   1 
ATOM   369  O O   . PHE A 1 49  ? -8.668  -7.530  -1.701  1.00 74.39  ? 49  PHE A O   1 
ATOM   370  C CB  . PHE A 1 49  ? -6.428  -8.603  0.544   1.00 45.96  ? 49  PHE A CB  1 
ATOM   371  C CG  . PHE A 1 49  ? -6.092  -8.745  1.938   1.00 62.42  ? 49  PHE A CG  1 
ATOM   372  C CD1 . PHE A 1 49  ? -6.810  -9.583  2.750   1.00 79.22  ? 49  PHE A CD1 1 
ATOM   373  C CD2 . PHE A 1 49  ? -5.096  -7.985  2.483   1.00 86.79  ? 49  PHE A CD2 1 
ATOM   374  C CE1 . PHE A 1 49  ? -6.507  -9.700  4.092   1.00 56.23  ? 49  PHE A CE1 1 
ATOM   375  C CE2 . PHE A 1 49  ? -4.766  -8.125  3.838   1.00 96.02  ? 49  PHE A CE2 1 
ATOM   376  C CZ  . PHE A 1 49  ? -5.475  -9.011  4.627   1.00 72.03  ? 49  PHE A CZ  1 
ATOM   377  N N   . PRO A 1 50  ? -6.518  -6.955  -1.846  1.00 63.85  ? 50  PRO A N   1 
ATOM   378  C CA  . PRO A 1 50  ? -6.798  -6.938  -3.284  1.00 61.65  ? 50  PRO A CA  1 
ATOM   379  C C   . PRO A 1 50  ? -6.256  -8.233  -3.956  1.00 50.56  ? 50  PRO A C   1 
ATOM   380  O O   . PRO A 1 50  ? -5.295  -8.859  -3.434  1.00 65.69  ? 50  PRO A O   1 
ATOM   381  C CB  . PRO A 1 50  ? -5.988  -5.710  -3.722  1.00 47.92  ? 50  PRO A CB  1 
ATOM   382  C CG  . PRO A 1 50  ? -4.749  -5.725  -2.746  1.00 47.98  ? 50  PRO A CG  1 
ATOM   383  C CD  . PRO A 1 50  ? -5.288  -6.172  -1.472  1.00 42.11  ? 50  PRO A CD  1 
ATOM   384  N N   . PRO A 1 51  ? -6.744  -8.562  -5.163  1.00 49.71  ? 51  PRO A N   1 
ATOM   385  C CA  . PRO A 1 51  ? -6.411  -9.794  -5.857  1.00 41.47  ? 51  PRO A CA  1 
ATOM   386  C C   . PRO A 1 51  ? -4.929  -9.896  -6.004  1.00 41.86  ? 51  PRO A C   1 
ATOM   387  O O   . PRO A 1 51  ? -4.340  -8.915  -6.065  1.00 51.39  ? 51  PRO A O   1 
ATOM   388  C CB  . PRO A 1 51  ? -7.000  -9.558  -7.178  1.00 53.50  ? 51  PRO A CB  1 
ATOM   389  C CG  . PRO A 1 51  ? -7.746  -8.244  -7.181  1.00 39.11  ? 51  PRO A CG  1 
ATOM   390  C CD  . PRO A 1 51  ? -7.133  -7.524  -6.117  1.00 61.76  ? 51  PRO A CD  1 
ATOM   391  N N   . HIS A 1 52  ? -4.327  -11.052 -5.870  1.00 47.71  ? 52  HIS A N   1 
ATOM   392  C CA  . HIS A 1 52  ? -3.037  -11.323 -6.483  1.00 41.28  ? 52  HIS A CA  1 
ATOM   393  C C   . HIS A 1 52  ? -2.056  -10.933 -5.519  1.00 52.96  ? 52  HIS A C   1 
ATOM   394  O O   . HIS A 1 52  ? -0.821  -11.083 -5.776  1.00 60.98  ? 52  HIS A O   1 
ATOM   395  C CB  . HIS A 1 52  ? -2.760  -10.564 -7.824  1.00 49.94  ? 52  HIS A CB  1 
ATOM   396  C CG  . HIS A 1 52  ? -3.818  -10.733 -8.917  1.00 52.31  ? 52  HIS A CG  1 
ATOM   397  N ND1 . HIS A 1 52  ? -4.183  -11.961 -9.468  1.00 44.92  ? 52  HIS A ND1 1 
ATOM   398  C CD2 . HIS A 1 52  ? -4.560  -9.804  -9.579  1.00 45.43  ? 52  HIS A CD2 1 
ATOM   399  C CE1 . HIS A 1 52  ? -5.117  -11.758 -10.392 1.00 62.52  ? 52  HIS A CE1 1 
ATOM   400  N NE2 . HIS A 1 52  ? -5.345  -10.448 -10.505 1.00 41.58  ? 52  HIS A NE2 1 
ATOM   401  N N   . HIS A 1 53  ? -2.547  -10.466 -4.370  1.00 54.17  ? 53  HIS A N   1 
ATOM   402  C CA  . HIS A 1 53  ? -1.560  -10.441 -3.299  1.00 57.98  ? 53  HIS A CA  1 
ATOM   403  C C   . HIS A 1 53  ? -1.710  -11.553 -2.341  1.00 61.72  ? 53  HIS A C   1 
ATOM   404  O O   . HIS A 1 53  ? -2.823  -11.907 -2.004  1.00 63.64  ? 53  HIS A O   1 
ATOM   405  C CB  . HIS A 1 53  ? -1.486  -9.156  -2.521  1.00 48.18  ? 53  HIS A CB  1 
ATOM   406  C CG  . HIS A 1 53  ? -1.389  -7.922  -3.358  1.00 66.35  ? 53  HIS A CG  1 
ATOM   407  N ND1 . HIS A 1 53  ? -2.311  -7.602  -4.334  1.00 56.55  ? 53  HIS A ND1 1 
ATOM   408  C CD2 . HIS A 1 53  ? -0.484  -6.913  -3.335  1.00 51.36  ? 53  HIS A CD2 1 
ATOM   409  C CE1 . HIS A 1 53  ? -1.976  -6.448  -4.869  1.00 47.38  ? 53  HIS A CE1 1 
ATOM   410  N NE2 . HIS A 1 53  ? -0.885  -6.013  -4.272  1.00 48.73  ? 53  HIS A NE2 1 
ATOM   411  N N   . VAL A 1 54  ? -0.554  -12.045 -1.918  1.00 63.12  ? 54  VAL A N   1 
ATOM   412  C CA  . VAL A 1 54  ? -0.362  -13.139 -1.009  1.00 63.07  ? 54  VAL A CA  1 
ATOM   413  C C   . VAL A 1 54  ? -0.190  -12.650 0.439   1.00 68.02  ? 54  VAL A C   1 
ATOM   414  O O   . VAL A 1 54  ? 0.537   -11.672 0.733   1.00 63.46  ? 54  VAL A O   1 
ATOM   415  C CB  . VAL A 1 54  ? 0.903   -13.874 -1.517  1.00 61.68  ? 54  VAL A CB  1 
ATOM   416  C CG1 . VAL A 1 54  ? 1.792   -14.255 -0.448  1.00 55.08  ? 54  VAL A CG1 1 
ATOM   417  C CG2 . VAL A 1 54  ? 0.473   -15.116 -2.407  1.00 104.16 ? 54  VAL A CG2 1 
ATOM   418  N N   . VAL A 1 55  ? -0.819  -13.357 1.366   1.00 67.08  ? 55  VAL A N   1 
ATOM   419  C CA  . VAL A 1 55  ? -0.870  -12.974 2.797   1.00 51.13  ? 55  VAL A CA  1 
ATOM   420  C C   . VAL A 1 55  ? -0.772  -14.140 3.798   1.00 73.44  ? 55  VAL A C   1 
ATOM   421  O O   . VAL A 1 55  ? -1.333  -15.184 3.558   1.00 75.41  ? 55  VAL A O   1 
ATOM   422  C CB  . VAL A 1 55  ? -2.217  -12.258 3.139   1.00 67.60  ? 55  VAL A CB  1 
ATOM   423  C CG1 . VAL A 1 55  ? -2.592  -11.286 2.134   1.00 75.01  ? 55  VAL A CG1 1 
ATOM   424  C CG2 . VAL A 1 55  ? -3.319  -13.189 3.138   1.00 63.42  ? 55  VAL A CG2 1 
ATOM   425  N N   . ASP A 1 56  ? -0.099  -13.969 4.938   1.00 81.87  ? 56  ASP A N   1 
ATOM   426  C CA  . ASP A 1 56  ? -0.139  -14.981 5.975   1.00 52.09  ? 56  ASP A CA  1 
ATOM   427  C C   . ASP A 1 56  ? -1.302  -14.613 6.947   1.00 77.14  ? 56  ASP A C   1 
ATOM   428  O O   . ASP A 1 56  ? -1.101  -13.778 7.799   1.00 92.61  ? 56  ASP A O   1 
ATOM   429  C CB  . ASP A 1 56  ? 1.203   -15.028 6.684   1.00 55.56  ? 56  ASP A CB  1 
ATOM   430  C CG  . ASP A 1 56  ? 1.165   -15.981 7.893   1.00 102.81 ? 56  ASP A CG  1 
ATOM   431  O OD1 . ASP A 1 56  ? -0.007  -16.263 8.355   1.00 72.08  ? 56  ASP A OD1 1 
ATOM   432  O OD2 . ASP A 1 56  ? 2.264   -16.443 8.364   1.00 72.57  ? 56  ASP A OD2 1 
ATOM   433  N N   . MET A 1 57  ? -2.509  -15.176 6.829   1.00 63.81  ? 57  MET A N   1 
ATOM   434  C CA  . MET A 1 57  ? -3.654  -14.529 7.475   1.00 75.05  ? 57  MET A CA  1 
ATOM   435  C C   . MET A 1 57  ? -3.621  -14.603 9.026   1.00 87.56  ? 57  MET A C   1 
ATOM   436  O O   . MET A 1 57  ? -4.508  -14.079 9.744   1.00 72.36  ? 57  MET A O   1 
ATOM   437  C CB  . MET A 1 57  ? -4.987  -15.052 6.962   1.00 49.37  ? 57  MET A CB  1 
ATOM   438  C CG  . MET A 1 57  ? -5.191  -14.870 5.609   1.00 54.20  ? 57  MET A CG  1 
ATOM   439  S SD  . MET A 1 57  ? -6.577  -13.741 5.176   1.00 77.41  ? 57  MET A SD  1 
ATOM   440  C CE  . MET A 1 57  ? -8.149  -14.619 5.408   1.00 73.63  ? 57  MET A CE  1 
ATOM   441  N N   . SER A 1 58  ? -2.610  -15.287 9.531   1.00 72.17  ? 58  SER A N   1 
ATOM   442  C CA  . SER A 1 58  ? -2.339  -15.294 10.965  1.00 81.66  ? 58  SER A CA  1 
ATOM   443  C C   . SER A 1 58  ? -1.809  -13.922 11.400  1.00 89.74  ? 58  SER A C   1 
ATOM   444  O O   . SER A 1 58  ? -2.157  -13.413 12.468  1.00 102.21 ? 58  SER A O   1 
ATOM   445  C CB  . SER A 1 58  ? -1.238  -16.308 11.259  1.00 78.00  ? 58  SER A CB  1 
ATOM   446  O OG  . SER A 1 58  ? 0.031   -15.815 10.799  1.00 92.05  ? 58  SER A OG  1 
ATOM   447  N N   . LYS A 1 59  ? -0.944  -13.330 10.582  1.00 86.73  ? 59  LYS A N   1 
ATOM   448  C CA  . LYS A 1 59  ? -0.371  -12.046 10.901  1.00 74.45  ? 59  LYS A CA  1 
ATOM   449  C C   . LYS A 1 59  ? -1.358  -10.881 11.009  1.00 68.51  ? 59  LYS A C   1 
ATOM   450  O O   . LYS A 1 59  ? -0.967  -9.796  11.356  1.00 76.05  ? 59  LYS A O   1 
ATOM   451  C CB  . LYS A 1 59  ? 0.719   -11.722 9.919   1.00 66.31  ? 59  LYS A CB  1 
ATOM   452  C CG  . LYS A 1 59  ? 1.835   -12.709 9.993   1.00 82.46  ? 59  LYS A CG  1 
ATOM   453  C CD  . LYS A 1 59  ? 1.728   -13.586 11.262  1.00 83.06  ? 59  LYS A CD  1 
ATOM   454  C CE  . LYS A 1 59  ? 2.877   -14.594 11.196  1.00 119.42 ? 59  LYS A CE  1 
ATOM   455  N NZ  . LYS A 1 59  ? 3.948   -14.086 10.202  1.00 108.53 ? 59  LYS A NZ  1 
ATOM   456  N N   . PHE A 1 60  ? -2.622  -11.108 10.733  1.00 57.60  ? 60  PHE A N   1 
ATOM   457  C CA  . PHE A 1 60  ? -3.615  -10.035 10.709  1.00 87.32  ? 60  PHE A CA  1 
ATOM   458  C C   . PHE A 1 60  ? -4.710  -10.265 11.713  1.00 91.37  ? 60  PHE A C   1 
ATOM   459  O O   . PHE A 1 60  ? -4.858  -11.392 12.138  1.00 93.67  ? 60  PHE A O   1 
ATOM   460  C CB  . PHE A 1 60  ? -4.343  -10.000 9.353   1.00 79.00  ? 60  PHE A CB  1 
ATOM   461  C CG  . PHE A 1 60  ? -3.481  -9.516  8.205   1.00 76.84  ? 60  PHE A CG  1 
ATOM   462  C CD1 . PHE A 1 60  ? -2.454  -10.310 7.692   1.00 90.69  ? 60  PHE A CD1 1 
ATOM   463  C CD2 . PHE A 1 60  ? -3.697  -8.282  7.637   1.00 78.41  ? 60  PHE A CD2 1 
ATOM   464  C CE1 . PHE A 1 60  ? -1.669  -9.873  6.636   1.00 79.97  ? 60  PHE A CE1 1 
ATOM   465  C CE2 . PHE A 1 60  ? -2.938  -7.866  6.604   1.00 69.71  ? 60  PHE A CE2 1 
ATOM   466  C CZ  . PHE A 1 60  ? -1.929  -8.657  6.102   1.00 89.97  ? 60  PHE A CZ  1 
ATOM   467  N N   . THR A 1 61  ? -5.548  -9.267  12.028  1.00 57.68  ? 61  THR A N   1 
ATOM   468  C CA  . THR A 1 61  ? -6.497  -9.567  13.033  1.00 52.28  ? 61  THR A CA  1 
ATOM   469  C C   . THR A 1 61  ? -7.891  -9.129  12.549  1.00 60.09  ? 61  THR A C   1 
ATOM   470  O O   . THR A 1 61  ? -7.997  -8.136  11.928  1.00 74.53  ? 61  THR A O   1 
ATOM   471  C CB  . THR A 1 61  ? -5.907  -9.142  14.471  1.00 78.53  ? 61  THR A CB  1 
ATOM   472  O OG1 . THR A 1 61  ? -6.067  -7.766  14.644  1.00 70.75  ? 61  THR A OG1 1 
ATOM   473  C CG2 . THR A 1 61  ? -4.251  -9.524  14.775  1.00 55.42  ? 61  THR A CG2 1 
ATOM   474  N N   . PHE A 1 62  ? -8.945  -9.922  12.724  1.00 68.84  ? 62  PHE A N   1 
ATOM   475  C CA  . PHE A 1 62  ? -10.200 -9.699  11.979  1.00 71.04  ? 62  PHE A CA  1 
ATOM   476  C C   . PHE A 1 62  ? -11.256 -9.346  12.994  1.00 71.67  ? 62  PHE A C   1 
ATOM   477  O O   . PHE A 1 62  ? -10.969 -9.447  14.155  1.00 84.46  ? 62  PHE A O   1 
ATOM   478  C CB  . PHE A 1 62  ? -10.518 -10.912 11.061  1.00 68.90  ? 62  PHE A CB  1 
ATOM   479  C CG  . PHE A 1 62  ? -9.369  -11.219 10.114  1.00 78.64  ? 62  PHE A CG  1 
ATOM   480  C CD1 . PHE A 1 62  ? -8.244  -11.981 10.550  1.00 100.79 ? 62  PHE A CD1 1 
ATOM   481  C CD2 . PHE A 1 62  ? -9.311  -10.612 8.834   1.00 86.97  ? 62  PHE A CD2 1 
ATOM   482  C CE1 . PHE A 1 62  ? -7.068  -12.185 9.706   1.00 85.45  ? 62  PHE A CE1 1 
ATOM   483  C CE2 . PHE A 1 62  ? -8.172  -10.794 8.014   1.00 67.14  ? 62  PHE A CE2 1 
ATOM   484  C CZ  . PHE A 1 62  ? -7.048  -11.586 8.460   1.00 74.10  ? 62  PHE A CZ  1 
ATOM   485  N N   . ILE A 1 63  ? -12.413 -8.842  12.602  1.00 43.01  ? 63  ILE A N   1 
ATOM   486  C CA  . ILE A 1 63  ? -13.332 -8.222  13.565  1.00 62.74  ? 63  ILE A CA  1 
ATOM   487  C C   . ILE A 1 63  ? -14.659 -8.328  12.867  1.00 68.25  ? 63  ILE A C   1 
ATOM   488  O O   . ILE A 1 63  ? -14.728 -8.811  11.801  1.00 70.53  ? 63  ILE A O   1 
ATOM   489  C CB  . ILE A 1 63  ? -13.062 -6.662  13.942  1.00 66.47  ? 63  ILE A CB  1 
ATOM   490  C CG1 . ILE A 1 63  ? -13.707 -5.706  12.895  1.00 67.10  ? 63  ILE A CG1 1 
ATOM   491  C CG2 . ILE A 1 63  ? -11.537 -6.363  14.453  1.00 50.36  ? 63  ILE A CG2 1 
ATOM   492  C CD1 . ILE A 1 63  ? -14.098 -4.207  13.327  1.00 60.40  ? 63  ILE A CD1 1 
ATOM   493  N N   . THR A 1 64  ? -15.758 -7.918  13.416  1.00 65.47  ? 64  THR A N   1 
ATOM   494  C CA  . THR A 1 64  ? -16.901 -8.534  12.781  1.00 75.15  ? 64  THR A CA  1 
ATOM   495  C C   . THR A 1 64  ? -17.182 -7.935  11.370  1.00 64.54  ? 64  THR A C   1 
ATOM   496  O O   . THR A 1 64  ? -17.070 -6.738  11.156  1.00 74.31  ? 64  THR A O   1 
ATOM   497  C CB  . THR A 1 64  ? -18.154 -8.663  13.796  1.00 94.23  ? 64  THR A CB  1 
ATOM   498  O OG1 . THR A 1 64  ? -19.199 -7.720  13.477  1.00 74.14  ? 64  THR A OG1 1 
ATOM   499  C CG2 . THR A 1 64  ? -17.717 -8.545  15.325  1.00 60.62  ? 64  THR A CG2 1 
ATOM   500  N N   . PRO A 1 65  ? -17.509 -8.789  10.383  1.00 98.52  ? 65  PRO A N   1 
ATOM   501  C CA  . PRO A 1 65  ? -18.090 -8.353  9.078   1.00 101.39 ? 65  PRO A CA  1 
ATOM   502  C C   . PRO A 1 65  ? -18.971 -7.081  9.122   1.00 114.04 ? 65  PRO A C   1 
ATOM   503  O O   . PRO A 1 65  ? -19.937 -7.031  9.942   1.00 102.88 ? 65  PRO A O   1 
ATOM   504  C CB  . PRO A 1 65  ? -18.971 -9.573  8.664   1.00 67.55  ? 65  PRO A CB  1 
ATOM   505  C CG  . PRO A 1 65  ? -18.106 -10.807 9.236   1.00 96.39  ? 65  PRO A CG  1 
ATOM   506  C CD  . PRO A 1 65  ? -17.209 -10.244 10.401  1.00 93.30  ? 65  PRO A CD  1 
ATOM   507  N N   . GLY A 1 66  ? -18.653 -6.105  8.242   1.00 118.28 ? 66  GLY A N   1 
ATOM   508  C CA  . GLY A 1 66  ? -19.416 -4.855  8.024   1.00 84.05  ? 66  GLY A CA  1 
ATOM   509  C C   . GLY A 1 66  ? -19.109 -3.693  8.987   1.00 88.57  ? 66  GLY A C   1 
ATOM   510  O O   . GLY A 1 66  ? -19.909 -2.734  9.050   1.00 95.32  ? 66  GLY A O   1 
ATOM   511  N N   . SER A 1 67  ? -17.946 -3.758  9.674   1.00 75.79  ? 67  SER A N   1 
ATOM   512  C CA  . SER A 1 67  ? -17.666 -3.067  10.949  1.00 94.96  ? 67  SER A CA  1 
ATOM   513  C C   . SER A 1 67  ? -16.186 -2.718  10.995  1.00 78.49  ? 67  SER A C   1 
ATOM   514  O O   . SER A 1 67  ? -15.593 -2.228  11.986  1.00 74.43  ? 67  SER A O   1 
ATOM   515  C CB  . SER A 1 67  ? -17.999 -4.011  12.140  1.00 81.49  ? 67  SER A CB  1 
ATOM   516  O OG  . SER A 1 67  ? -16.835 -4.662  12.649  1.00 73.76  ? 67  SER A OG  1 
ATOM   517  N N   . GLY A 1 68  ? -15.540 -3.042  9.914   1.00 91.00  ? 68  GLY A N   1 
ATOM   518  C CA  . GLY A 1 68  ? -14.108 -2.846  9.886   1.00 96.37  ? 68  GLY A CA  1 
ATOM   519  C C   . GLY A 1 68  ? -13.711 -2.059  8.667   1.00 83.48  ? 68  GLY A C   1 
ATOM   520  O O   . GLY A 1 68  ? -14.521 -1.346  8.016   1.00 63.96  ? 68  GLY A O   1 
ATOM   521  N N   . VAL A 1 69  ? -12.450 -2.236  8.329   1.00 71.60  ? 69  VAL A N   1 
ATOM   522  C CA  . VAL A 1 69  ? -11.929 -1.490  7.195   1.00 84.96  ? 69  VAL A CA  1 
ATOM   523  C C   . VAL A 1 69  ? -11.312 -2.339  6.039   1.00 69.71  ? 69  VAL A C   1 
ATOM   524  O O   . VAL A 1 69  ? -10.676 -3.370  6.311   1.00 83.44  ? 69  VAL A O   1 
ATOM   525  C CB  . VAL A 1 69  ? -11.003 -0.476  7.780   1.00 65.41  ? 69  VAL A CB  1 
ATOM   526  C CG1 . VAL A 1 69  ? -9.502  -0.821  7.539   1.00 53.98  ? 69  VAL A CG1 1 
ATOM   527  C CG2 . VAL A 1 69  ? -11.498 0.860   7.383   1.00 52.77  ? 69  VAL A CG2 1 
ATOM   528  N N   . SER A 1 70  ? -11.558 -1.965  4.774   1.00 74.01  ? 70  SER A N   1 
ATOM   529  C CA  . SER A 1 70  ? -10.995 -2.727  3.602   1.00 61.61  ? 70  SER A CA  1 
ATOM   530  C C   . SER A 1 70  ? -9.781  -2.071  2.879   1.00 53.69  ? 70  SER A C   1 
ATOM   531  O O   . SER A 1 70  ? -9.668  -0.834  2.868   1.00 70.47  ? 70  SER A O   1 
ATOM   532  C CB  . SER A 1 70  ? -12.050 -3.024  2.536   1.00 59.76  ? 70  SER A CB  1 
ATOM   533  O OG  . SER A 1 70  ? -11.573 -4.120  1.767   1.00 62.92  ? 70  SER A OG  1 
ATOM   534  N N   . MET A 1 71  ? -8.860  -2.870  2.324   1.00 55.99  ? 71  MET A N   1 
ATOM   535  C CA  . MET A 1 71  ? -7.837  -2.334  1.387   1.00 58.83  ? 71  MET A CA  1 
ATOM   536  C C   . MET A 1 71  ? -8.362  -2.291  -0.071  1.00 58.93  ? 71  MET A C   1 
ATOM   537  O O   . MET A 1 71  ? -7.706  -1.795  -0.894  1.00 40.63  ? 71  MET A O   1 
ATOM   538  C CB  . MET A 1 71  ? -6.416  -2.940  1.439   1.00 32.78  ? 71  MET A CB  1 
ATOM   539  C CG  . MET A 1 71  ? -6.008  -3.695  2.700   1.00 43.97  ? 71  MET A CG  1 
ATOM   540  S SD  . MET A 1 71  ? -4.191  -3.961  2.837   1.00 59.65  ? 71  MET A SD  1 
ATOM   541  C CE  . MET A 1 71  ? -3.586  -2.905  1.533   1.00 55.09  ? 71  MET A CE  1 
ATOM   542  N N   . ARG A 1 72  ? -9.568  -2.751  -0.322  1.00 44.49  ? 72  ARG A N   1 
ATOM   543  C CA  . ARG A 1 72  ? -10.179 -2.688  -1.563  1.00 41.07  ? 72  ARG A CA  1 
ATOM   544  C C   . ARG A 1 72  ? -10.831 -1.426  -1.973  1.00 47.35  ? 72  ARG A C   1 
ATOM   545  O O   . ARG A 1 72  ? -11.889 -1.114  -1.566  1.00 67.95  ? 72  ARG A O   1 
ATOM   546  C CB  . ARG A 1 72  ? -11.230 -3.764  -1.570  1.00 58.14  ? 72  ARG A CB  1 
ATOM   547  C CG  . ARG A 1 72  ? -10.620 -5.086  -1.517  1.00 59.16  ? 72  ARG A CG  1 
ATOM   548  C CD  . ARG A 1 72  ? -10.890 -5.657  -2.806  1.00 56.92  ? 72  ARG A CD  1 
ATOM   549  N NE  . ARG A 1 72  ? -11.858 -6.643  -2.536  1.00 49.31  ? 72  ARG A NE  1 
ATOM   550  C CZ  . ARG A 1 72  ? -12.681 -7.145  -3.430  1.00 62.60  ? 72  ARG A CZ  1 
ATOM   551  N NH1 . ARG A 1 72  ? -12.638 -6.764  -4.697  1.00 44.74  ? 72  ARG A NH1 1 
ATOM   552  N NH2 . ARG A 1 72  ? -13.548 -8.071  -3.034  1.00 70.84  ? 72  ARG A NH2 1 
ATOM   553  N N   . VAL A 1 73  ? -10.279 -0.769  -2.942  1.00 58.73  ? 73  VAL A N   1 
ATOM   554  C CA  . VAL A 1 73  ? -10.914 0.411   -3.518  1.00 74.43  ? 73  VAL A CA  1 
ATOM   555  C C   . VAL A 1 73  ? -12.465 0.424   -3.551  1.00 84.57  ? 73  VAL A C   1 
ATOM   556  O O   . VAL A 1 73  ? -13.030 1.505   -3.257  1.00 70.80  ? 73  VAL A O   1 
ATOM   557  C CB  . VAL A 1 73  ? -10.403 0.579   -4.912  1.00 63.51  ? 73  VAL A CB  1 
ATOM   558  C CG1 . VAL A 1 73  ? -9.961  -0.802  -5.377  1.00 84.03  ? 73  VAL A CG1 1 
ATOM   559  C CG2 . VAL A 1 73  ? -11.508 1.136   -5.832  1.00 56.45  ? 73  VAL A CG2 1 
ATOM   560  N N   . GLU A 1 74  ? -13.116 -0.713  -3.925  1.00 67.71  ? 74  GLU A N   1 
ATOM   561  C CA  . GLU A 1 74  ? -14.609 -0.834  -4.044  1.00 78.73  ? 74  GLU A CA  1 
ATOM   562  C C   . GLU A 1 74  ? -15.310 -0.619  -2.716  1.00 82.84  ? 74  GLU A C   1 
ATOM   563  O O   . GLU A 1 74  ? -16.384 -0.033  -2.632  1.00 85.80  ? 74  GLU A O   1 
ATOM   564  C CB  . GLU A 1 74  ? -15.066 -2.273  -4.385  1.00 75.72  ? 74  GLU A CB  1 
ATOM   565  C CG  . GLU A 1 74  ? -14.888 -2.801  -5.797  1.00 56.87  ? 74  GLU A CG  1 
ATOM   566  C CD  . GLU A 1 74  ? -13.532 -3.462  -5.940  1.00 96.84  ? 74  GLU A CD  1 
ATOM   567  O OE1 . GLU A 1 74  ? -12.568 -3.199  -5.137  1.00 87.12  ? 74  GLU A OE1 1 
ATOM   568  O OE2 . GLU A 1 74  ? -13.426 -4.250  -6.884  1.00 83.88  ? 74  GLU A OE2 1 
ATOM   569  N N   . TYR A 1 75  ? -14.656 -1.131  -1.691  1.00 67.75  ? 75  TYR A N   1 
ATOM   570  C CA  . TYR A 1 75  ? -15.290 -1.663  -0.545  1.00 73.28  ? 75  TYR A CA  1 
ATOM   571  C C   . TYR A 1 75  ? -15.139 -0.664  0.558   1.00 65.94  ? 75  TYR A C   1 
ATOM   572  O O   . TYR A 1 75  ? -14.038 -0.449  1.073   1.00 58.14  ? 75  TYR A O   1 
ATOM   573  C CB  . TYR A 1 75  ? -14.575 -2.965  -0.169  1.00 62.73  ? 75  TYR A CB  1 
ATOM   574  C CG  . TYR A 1 75  ? -15.227 -4.265  -0.628  1.00 89.33  ? 75  TYR A CG  1 
ATOM   575  C CD1 . TYR A 1 75  ? -15.681 -4.482  -1.973  1.00 104.29 ? 75  TYR A CD1 1 
ATOM   576  C CD2 . TYR A 1 75  ? -15.359 -5.331  0.275   1.00 81.47  ? 75  TYR A CD2 1 
ATOM   577  C CE1 . TYR A 1 75  ? -16.307 -5.787  -2.381  1.00 90.09  ? 75  TYR A CE1 1 
ATOM   578  C CE2 . TYR A 1 75  ? -15.938 -6.611  -0.110  1.00 84.36  ? 75  TYR A CE2 1 
ATOM   579  C CZ  . TYR A 1 75  ? -16.427 -6.837  -1.410  1.00 98.94  ? 75  TYR A CZ  1 
ATOM   580  O OH  . TYR A 1 75  ? -16.993 -8.108  -1.657  1.00 101.77 ? 75  TYR A OH  1 
ATOM   581  N N   . GLN A 1 76  ? -16.271 -0.098  0.980   1.00 75.95  ? 76  GLN A N   1 
ATOM   582  C CA  . GLN A 1 76  ? -16.183 0.867   2.072   1.00 69.85  ? 76  GLN A CA  1 
ATOM   583  C C   . GLN A 1 76  ? -15.881 0.172   3.448   1.00 85.15  ? 76  GLN A C   1 
ATOM   584  O O   . GLN A 1 76  ? -15.006 0.620   4.213   1.00 69.83  ? 76  GLN A O   1 
ATOM   585  C CB  . GLN A 1 76  ? -17.409 1.765   2.081   1.00 68.37  ? 76  GLN A CB  1 
ATOM   586  C CG  . GLN A 1 76  ? -17.133 3.054   2.849   1.00 109.07 ? 76  GLN A CG  1 
ATOM   587  C CD  . GLN A 1 76  ? -18.199 4.172   2.655   1.00 122.35 ? 76  GLN A CD  1 
ATOM   588  O OE1 . GLN A 1 76  ? -19.418 3.893   2.586   1.00 99.10  ? 76  GLN A OE1 1 
ATOM   589  N NE2 . GLN A 1 76  ? -17.725 5.455   2.585   1.00 104.89 ? 76  GLN A NE2 1 
ATOM   590  N N   . TYR A 1 77  ? -16.552 -0.962  3.725   1.00 65.55  ? 77  TYR A N   1 
ATOM   591  C CA  . TYR A 1 77  ? -16.449 -1.568  5.043   1.00 67.38  ? 77  TYR A CA  1 
ATOM   592  C C   . TYR A 1 77  ? -15.880 -2.883  4.893   1.00 69.87  ? 77  TYR A C   1 
ATOM   593  O O   . TYR A 1 77  ? -16.389 -3.622  4.033   1.00 96.46  ? 77  TYR A O   1 
ATOM   594  C CB  . TYR A 1 77  ? -17.828 -1.817  5.652   1.00 77.90  ? 77  TYR A CB  1 
ATOM   595  C CG  . TYR A 1 77  ? -18.670 -0.605  5.656   1.00 82.75  ? 77  TYR A CG  1 
ATOM   596  C CD1 . TYR A 1 77  ? -19.526 -0.352  4.576   1.00 93.19  ? 77  TYR A CD1 1 
ATOM   597  C CD2 . TYR A 1 77  ? -18.554 0.350   6.683   1.00 73.98  ? 77  TYR A CD2 1 
ATOM   598  C CE1 . TYR A 1 77  ? -20.280 0.815   4.519   1.00 103.41 ? 77  TYR A CE1 1 
ATOM   599  C CE2 . TYR A 1 77  ? -19.312 1.540   6.651   1.00 97.80  ? 77  TYR A CE2 1 
ATOM   600  C CZ  . TYR A 1 77  ? -20.175 1.764   5.563   1.00 123.34 ? 77  TYR A CZ  1 
ATOM   601  O OH  . TYR A 1 77  ? -20.937 2.923   5.502   1.00 134.73 ? 77  TYR A OH  1 
ATOM   602  N N   . GLY A 1 78  ? -14.920 -3.224  5.764   1.00 67.57  ? 78  GLY A N   1 
ATOM   603  C CA  . GLY A 1 78  ? -14.146 -4.475  5.682   1.00 85.43  ? 78  GLY A CA  1 
ATOM   604  C C   . GLY A 1 78  ? -14.256 -5.197  7.003   1.00 87.30  ? 78  GLY A C   1 
ATOM   605  O O   . GLY A 1 78  ? -15.376 -5.348  7.494   1.00 83.28  ? 78  GLY A O   1 
ATOM   606  N N   . CYS A 1 79  ? -13.123 -5.612  7.582   1.00 78.10  ? 79  CYS A N   1 
ATOM   607  C CA  . CYS A 1 79  ? -13.086 -6.361  8.863   1.00 53.27  ? 79  CYS A CA  1 
ATOM   608  C C   . CYS A 1 79  ? -11.681 -6.283  9.351   1.00 79.31  ? 79  CYS A C   1 
ATOM   609  O O   . CYS A 1 79  ? -11.060 -7.127  10.074  1.00 65.83  ? 79  CYS A O   1 
ATOM   610  C CB  . CYS A 1 79  ? -13.517 -7.835  8.781   1.00 63.59  ? 79  CYS A CB  1 
ATOM   611  S SG  . CYS A 1 79  ? -13.370 -8.905  7.293   1.00 86.13  ? 79  CYS A SG  1 
ATOM   612  N N   . LEU A 1 80  ? -11.128 -5.210  8.922   1.00 68.18  ? 80  LEU A N   1 
ATOM   613  C CA  . LEU A 1 80  ? -9.869  -5.002  9.468   1.00 76.04  ? 80  LEU A CA  1 
ATOM   614  C C   . LEU A 1 80  ? -9.976  -3.852  10.433  1.00 82.40  ? 80  LEU A C   1 
ATOM   615  O O   . LEU A 1 80  ? -10.626 -2.791  10.146  1.00 60.01  ? 80  LEU A O   1 
ATOM   616  C CB  . LEU A 1 80  ? -8.913  -4.764  8.343   1.00 80.08  ? 80  LEU A CB  1 
ATOM   617  C CG  . LEU A 1 80  ? -8.180  -6.036  8.036   1.00 88.94  ? 80  LEU A CG  1 
ATOM   618  C CD1 . LEU A 1 80  ? -8.108  -6.038  6.580   1.00 76.76  ? 80  LEU A CD1 1 
ATOM   619  C CD2 . LEU A 1 80  ? -6.767  -6.095  8.729   1.00 82.42  ? 80  LEU A CD2 1 
ATOM   620  N N   . PRO A 1 81  ? -9.349  -4.093  11.580  1.00 76.94  ? 81  PRO A N   1 
ATOM   621  C CA  . PRO A 1 81  ? -9.012  -3.060  12.538  1.00 98.92  ? 81  PRO A CA  1 
ATOM   622  C C   . PRO A 1 81  ? -8.271  -1.988  11.738  1.00 90.96  ? 81  PRO A C   1 
ATOM   623  O O   . PRO A 1 81  ? -7.097  -2.226  11.311  1.00 57.79  ? 81  PRO A O   1 
ATOM   624  C CB  . PRO A 1 81  ? -7.967  -3.735  13.473  1.00 82.36  ? 81  PRO A CB  1 
ATOM   625  C CG  . PRO A 1 81  ? -7.545  -4.981  12.796  1.00 77.77  ? 81  PRO A CG  1 
ATOM   626  C CD  . PRO A 1 81  ? -8.297  -5.109  11.477  1.00 71.97  ? 81  PRO A CD  1 
ATOM   627  N N   . ALA A 1 82  ? -8.886  -0.815  11.562  1.00 75.60  ? 82  ALA A N   1 
ATOM   628  C CA  . ALA A 1 82  ? -8.032  0.306   11.097  1.00 60.74  ? 82  ALA A CA  1 
ATOM   629  C C   . ALA A 1 82  ? -6.698  0.612   11.839  1.00 50.65  ? 82  ALA A C   1 
ATOM   630  O O   . ALA A 1 82  ? -5.761  0.945   11.149  1.00 70.98  ? 82  ALA A O   1 
ATOM   631  C CB  . ALA A 1 82  ? -8.779  1.460   10.868  1.00 42.94  ? 82  ALA A CB  1 
ATOM   632  N N   . ASP A 1 83  ? -6.519  0.446   13.168  1.00 66.39  ? 83  ASP A N   1 
ATOM   633  C CA  . ASP A 1 83  ? -5.104  0.461   13.661  1.00 66.42  ? 83  ASP A CA  1 
ATOM   634  C C   . ASP A 1 83  ? -4.086  -0.139  12.622  1.00 58.14  ? 83  ASP A C   1 
ATOM   635  O O   . ASP A 1 83  ? -2.871  0.062   12.750  1.00 57.64  ? 83  ASP A O   1 
ATOM   636  C CB  . ASP A 1 83  ? -4.865  -0.364  14.970  1.00 77.45  ? 83  ASP A CB  1 
ATOM   637  C CG  . ASP A 1 83  ? -6.032  -0.327  15.937  1.00 101.12 ? 83  ASP A CG  1 
ATOM   638  O OD1 . ASP A 1 83  ? -6.221  0.796   16.530  1.00 83.67  ? 83  ASP A OD1 1 
ATOM   639  O OD2 . ASP A 1 83  ? -6.703  -1.422  16.127  1.00 75.68  ? 83  ASP A OD2 1 
ATOM   640  N N   . THR A 1 84  ? -4.544  -0.984  11.682  1.00 60.42  ? 84  THR A N   1 
ATOM   641  C CA  . THR A 1 84  ? -3.633  -2.054  11.084  1.00 79.56  ? 84  THR A CA  1 
ATOM   642  C C   . THR A 1 84  ? -3.265  -2.004  9.554   1.00 63.09  ? 84  THR A C   1 
ATOM   643  O O   . THR A 1 84  ? -2.395  -2.679  9.068   1.00 86.51  ? 84  THR A O   1 
ATOM   644  C CB  . THR A 1 84  ? -4.158  -3.470  11.483  1.00 57.74  ? 84  THR A CB  1 
ATOM   645  O OG1 . THR A 1 84  ? -5.343  -3.763  10.751  1.00 71.21  ? 84  THR A OG1 1 
ATOM   646  C CG2 . THR A 1 84  ? -4.609  -3.508  12.979  1.00 83.59  ? 84  THR A CG2 1 
ATOM   647  N N   . VAL A 1 85  ? -3.943  -1.131  8.852   1.00 63.69  ? 85  VAL A N   1 
ATOM   648  C CA  . VAL A 1 85  ? -3.756  -0.757  7.492   1.00 56.09  ? 85  VAL A CA  1 
ATOM   649  C C   . VAL A 1 85  ? -3.384  0.717   7.441   1.00 65.60  ? 85  VAL A C   1 
ATOM   650  O O   . VAL A 1 85  ? -3.679  1.478   8.423   1.00 58.90  ? 85  VAL A O   1 
ATOM   651  C CB  . VAL A 1 85  ? -5.125  -0.902  6.949   1.00 62.83  ? 85  VAL A CB  1 
ATOM   652  C CG1 . VAL A 1 85  ? -5.584  0.283   6.082   1.00 67.03  ? 85  VAL A CG1 1 
ATOM   653  C CG2 . VAL A 1 85  ? -5.215  -2.196  6.319   1.00 67.17  ? 85  VAL A CG2 1 
ATOM   654  N N   . PRO A 1 86  ? -2.760  1.151   6.312   1.00 68.33  ? 86  PRO A N   1 
ATOM   655  C CA  . PRO A 1 86  ? -2.370  2.585   6.286   1.00 64.58  ? 86  PRO A CA  1 
ATOM   656  C C   . PRO A 1 86  ? -3.548  3.550   6.168   1.00 53.64  ? 86  PRO A C   1 
ATOM   657  O O   . PRO A 1 86  ? -4.658  3.149   5.763   1.00 39.85  ? 86  PRO A O   1 
ATOM   658  C CB  . PRO A 1 86  ? -1.341  2.695   5.141   1.00 68.98  ? 86  PRO A CB  1 
ATOM   659  C CG  . PRO A 1 86  ? -0.855  1.349   4.940   1.00 62.24  ? 86  PRO A CG  1 
ATOM   660  C CD  . PRO A 1 86  ? -2.055  0.381   5.278   1.00 60.87  ? 86  PRO A CD  1 
ATOM   661  N N   . GLU A 1 87  ? -3.362  4.811   6.604   1.00 56.73  ? 87  GLU A N   1 
ATOM   662  C CA  . GLU A 1 87  ? -4.573  5.666   6.567   1.00 56.27  ? 87  GLU A CA  1 
ATOM   663  C C   . GLU A 1 87  ? -4.536  6.554   5.357   1.00 68.73  ? 87  GLU A C   1 
ATOM   664  O O   . GLU A 1 87  ? -5.533  7.174   4.997   1.00 61.27  ? 87  GLU A O   1 
ATOM   665  C CB  . GLU A 1 87  ? -4.884  6.403   7.881   1.00 59.83  ? 87  GLU A CB  1 
ATOM   666  C CG  . GLU A 1 87  ? -3.773  7.190   8.515   1.00 70.84  ? 87  GLU A CG  1 
ATOM   667  C CD  . GLU A 1 87  ? -4.164  7.789   9.941   1.00 100.31 ? 87  GLU A CD  1 
ATOM   668  O OE1 . GLU A 1 87  ? -5.152  8.638   10.126  1.00 79.52  ? 87  GLU A OE1 1 
ATOM   669  O OE2 . GLU A 1 87  ? -3.448  7.365   10.898  1.00 70.35  ? 87  GLU A OE2 1 
ATOM   670  N N   . GLY A 1 88  ? -3.374  6.560   4.707   1.00 58.12  ? 88  GLY A N   1 
ATOM   671  C CA  . GLY A 1 88  ? -3.351  7.053   3.376   1.00 56.28  ? 88  GLY A CA  1 
ATOM   672  C C   . GLY A 1 88  ? -2.661  8.389   3.396   1.00 65.28  ? 88  GLY A C   1 
ATOM   673  O O   . GLY A 1 88  ? -2.628  9.076   2.414   1.00 61.46  ? 88  GLY A O   1 
ATOM   674  N N   . ASN A 1 89  ? -2.093  8.756   4.514   1.00 53.15  ? 89  ASN A N   1 
ATOM   675  C CA  . ASN A 1 89  ? -1.432  10.045  4.629   1.00 58.25  ? 89  ASN A CA  1 
ATOM   676  C C   . ASN A 1 89  ? 0.042   9.894   4.938   1.00 53.64  ? 89  ASN A C   1 
ATOM   677  O O   . ASN A 1 89  ? 0.645   10.707  5.611   1.00 51.33  ? 89  ASN A O   1 
ATOM   678  C CB  . ASN A 1 89  ? -2.055  10.851  5.811   1.00 51.51  ? 89  ASN A CB  1 
ATOM   679  C CG  . ASN A 1 89  ? -2.487  9.967   6.987   1.00 70.08  ? 89  ASN A CG  1 
ATOM   680  O OD1 . ASN A 1 89  ? -3.595  10.153  7.435   1.00 72.01  ? 89  ASN A OD1 1 
ATOM   681  N ND2 . ASN A 1 89  ? -1.626  9.013   7.490   1.00 60.61  ? 89  ASN A ND2 1 
ATOM   682  N N   . CYS A 1 90  ? 0.592   8.750   4.663   1.00 57.20  ? 90  CYS A N   1 
ATOM   683  C CA  . CYS A 1 90  ? 1.884   8.580   5.272   1.00 50.55  ? 90  CYS A CA  1 
ATOM   684  C C   . CYS A 1 90  ? 2.842   9.435   4.491   1.00 58.13  ? 90  CYS A C   1 
ATOM   685  O O   . CYS A 1 90  ? 3.983   9.424   4.784   1.00 74.07  ? 90  CYS A O   1 
ATOM   686  C CB  . CYS A 1 90  ? 2.297   7.133   5.152   1.00 90.85  ? 90  CYS A CB  1 
ATOM   687  S SG  . CYS A 1 90  ? 2.291   6.507   3.328   1.00 104.49 ? 90  CYS A SG  1 
ATOM   688  N N   . TRP A 1 91  ? 2.393   10.149  3.470   1.00 46.16  ? 91  TRP A N   1 
ATOM   689  C CA  . TRP A 1 91  ? 3.327   10.818  2.583   1.00 49.53  ? 91  TRP A CA  1 
ATOM   690  C C   . TRP A 1 91  ? 3.651   12.218  3.030   1.00 63.04  ? 91  TRP A C   1 
ATOM   691  O O   . TRP A 1 91  ? 4.670   12.781  2.675   1.00 51.82  ? 91  TRP A O   1 
ATOM   692  C CB  . TRP A 1 91  ? 2.794   10.934  1.201   1.00 44.96  ? 91  TRP A CB  1 
ATOM   693  C CG  . TRP A 1 91  ? 1.437   11.395  1.056   1.00 43.26  ? 91  TRP A CG  1 
ATOM   694  C CD1 . TRP A 1 91  ? 0.332   10.655  1.071   1.00 46.17  ? 91  TRP A CD1 1 
ATOM   695  C CD2 . TRP A 1 91  ? 1.023   12.729  0.879   1.00 46.34  ? 91  TRP A CD2 1 
ATOM   696  N NE1 . TRP A 1 91  ? -0.811  11.443  0.889   1.00 43.03  ? 91  TRP A NE1 1 
ATOM   697  C CE2 . TRP A 1 91  ? -0.391  12.734  0.807   1.00 47.45  ? 91  TRP A CE2 1 
ATOM   698  C CE3 . TRP A 1 91  ? 1.701   13.945  0.778   1.00 69.57  ? 91  TRP A CE3 1 
ATOM   699  C CZ2 . TRP A 1 91  ? -1.148  13.934  0.651   1.00 59.22  ? 91  TRP A CZ2 1 
ATOM   700  C CZ3 . TRP A 1 91  ? 0.939   15.150  0.511   1.00 45.34  ? 91  TRP A CZ3 1 
ATOM   701  C CH2 . TRP A 1 91  ? -0.469  15.124  0.505   1.00 52.00  ? 91  TRP A CH2 1 
ATOM   702  N N   . TRP A 1 92  ? 2.769   12.749  3.844   1.00 51.47  ? 92  TRP A N   1 
ATOM   703  C CA  . TRP A 1 92  ? 3.042   13.966  4.543   1.00 48.50  ? 92  TRP A CA  1 
ATOM   704  C C   . TRP A 1 92  ? 4.394   14.047  5.093   1.00 49.89  ? 92  TRP A C   1 
ATOM   705  O O   . TRP A 1 92  ? 5.001   15.082  4.952   1.00 55.07  ? 92  TRP A O   1 
ATOM   706  C CB  . TRP A 1 92  ? 2.109   14.076  5.697   1.00 37.54  ? 92  TRP A CB  1 
ATOM   707  C CG  . TRP A 1 92  ? 0.625   14.075  5.339   1.00 52.05  ? 92  TRP A CG  1 
ATOM   708  C CD1 . TRP A 1 92  ? 0.030   13.912  4.080   1.00 55.80  ? 92  TRP A CD1 1 
ATOM   709  C CD2 . TRP A 1 92  ? -0.443  14.239  6.257   1.00 42.55  ? 92  TRP A CD2 1 
ATOM   710  N NE1 . TRP A 1 92  ? -1.382  13.950  4.212   1.00 61.40  ? 92  TRP A NE1 1 
ATOM   711  C CE2 . TRP A 1 92  ? -1.671  14.171  5.528   1.00 37.86  ? 92  TRP A CE2 1 
ATOM   712  C CE3 . TRP A 1 92  ? -0.482  14.445  7.630   1.00 49.53  ? 92  TRP A CE3 1 
ATOM   713  C CZ2 . TRP A 1 92  ? -2.854  14.335  6.114   1.00 56.41  ? 92  TRP A CZ2 1 
ATOM   714  C CZ3 . TRP A 1 92  ? -1.669  14.558  8.229   1.00 60.10  ? 92  TRP A CZ3 1 
ATOM   715  C CH2 . TRP A 1 92  ? -2.856  14.483  7.484   1.00 57.16  ? 92  TRP A CH2 1 
ATOM   716  N N   . ARG A 1 93  ? 4.880   12.985  5.729   1.00 55.60  ? 93  ARG A N   1 
ATOM   717  C CA  . ARG A 1 93  ? 6.202   13.062  6.360   1.00 59.40  ? 93  ARG A CA  1 
ATOM   718  C C   . ARG A 1 93  ? 7.145   13.757  5.395   1.00 51.05  ? 93  ARG A C   1 
ATOM   719  O O   . ARG A 1 93  ? 7.859   14.678  5.685   1.00 55.55  ? 93  ARG A O   1 
ATOM   720  C CB  . ARG A 1 93  ? 6.738   11.665  6.711   1.00 64.12  ? 93  ARG A CB  1 
ATOM   721  C CG  . ARG A 1 93  ? 5.982   11.001  7.896   1.00 104.23 ? 93  ARG A CG  1 
ATOM   722  C CD  . ARG A 1 93  ? 6.900   10.561  9.115   1.00 99.15  ? 93  ARG A CD  1 
ATOM   723  N NE  . ARG A 1 93  ? 6.126   9.774   10.049  1.00 97.27  ? 93  ARG A NE  1 
ATOM   724  C CZ  . ARG A 1 93  ? 5.472   8.641   9.753   1.00 108.10 ? 93  ARG A CZ  1 
ATOM   725  N NH1 . ARG A 1 93  ? 5.517   8.071   8.552   1.00 101.59 ? 93  ARG A NH1 1 
ATOM   726  N NH2 . ARG A 1 93  ? 4.746   8.055   10.695  1.00 116.51 ? 93  ARG A NH2 1 
ATOM   727  N N   . LEU A 1 94  ? 7.115   13.329  4.171   1.00 54.98  ? 94  LEU A N   1 
ATOM   728  C CA  . LEU A 1 94  ? 7.956   13.959  3.152   1.00 46.98  ? 94  LEU A CA  1 
ATOM   729  C C   . LEU A 1 94  ? 8.029   15.504  3.080   1.00 51.63  ? 94  LEU A C   1 
ATOM   730  O O   . LEU A 1 94  ? 8.977   16.059  2.603   1.00 42.06  ? 94  LEU A O   1 
ATOM   731  C CB  . LEU A 1 94  ? 7.366   13.459  1.885   1.00 46.60  ? 94  LEU A CB  1 
ATOM   732  C CG  . LEU A 1 94  ? 8.100   12.269  1.314   1.00 51.18  ? 94  LEU A CG  1 
ATOM   733  C CD1 . LEU A 1 94  ? 8.670   11.253  2.348   1.00 52.57  ? 94  LEU A CD1 1 
ATOM   734  C CD2 . LEU A 1 94  ? 7.336   11.607  0.205   1.00 54.81  ? 94  LEU A CD2 1 
ATOM   735  N N   . LEU A 1 95  ? 7.000   16.176  3.609   1.00 57.11  ? 95  LEU A N   1 
ATOM   736  C CA  . LEU A 1 95  ? 6.909   17.606  3.558   1.00 62.00  ? 95  LEU A CA  1 
ATOM   737  C C   . LEU A 1 95  ? 7.181   18.156  4.906   1.00 69.72  ? 95  LEU A C   1 
ATOM   738  O O   . LEU A 1 95  ? 6.612   19.222  5.259   1.00 58.65  ? 95  LEU A O   1 
ATOM   739  C CB  . LEU A 1 95  ? 5.507   17.980  3.209   1.00 50.84  ? 95  LEU A CB  1 
ATOM   740  C CG  . LEU A 1 95  ? 5.157   17.480  1.777   1.00 75.08  ? 95  LEU A CG  1 
ATOM   741  C CD1 . LEU A 1 95  ? 3.687   17.613  1.436   1.00 40.38  ? 95  LEU A CD1 1 
ATOM   742  C CD2 . LEU A 1 95  ? 5.990   18.039  0.586   1.00 45.93  ? 95  LEU A CD2 1 
ATOM   743  N N   . ASP A 1 96  ? 8.027   17.440  5.650   1.00 46.87  ? 96  ASP A N   1 
ATOM   744  C CA  . ASP A 1 96  ? 8.188   17.791  7.036   1.00 63.77  ? 96  ASP A CA  1 
ATOM   745  C C   . ASP A 1 96  ? 8.958   19.067  7.214   1.00 59.49  ? 96  ASP A C   1 
ATOM   746  O O   . ASP A 1 96  ? 8.630   19.888  8.051   1.00 69.19  ? 96  ASP A O   1 
ATOM   747  C CB  . ASP A 1 96  ? 8.721   16.640  7.859   1.00 36.04  ? 96  ASP A CB  1 
ATOM   748  C CG  . ASP A 1 96  ? 7.561   15.882  8.566   1.00 96.68  ? 96  ASP A CG  1 
ATOM   749  O OD1 . ASP A 1 96  ? 7.930   14.907  9.320   1.00 77.74  ? 96  ASP A OD1 1 
ATOM   750  O OD2 . ASP A 1 96  ? 6.309   16.281  8.338   1.00 62.87  ? 96  ASP A OD2 1 
ATOM   751  N N   . SER A 1 97  ? 9.843   19.286  6.277   1.00 64.36  ? 97  SER A N   1 
ATOM   752  C CA  . SER A 1 97  ? 10.709  20.381  6.344   1.00 46.34  ? 97  SER A CA  1 
ATOM   753  C C   . SER A 1 97  ? 9.962   21.654  5.961   1.00 66.16  ? 97  SER A C   1 
ATOM   754  O O   . SER A 1 97  ? 10.357  22.732  6.359   1.00 73.03  ? 97  SER A O   1 
ATOM   755  C CB  . SER A 1 97  ? 11.835  20.110  5.392   1.00 44.44  ? 97  SER A CB  1 
ATOM   756  O OG  . SER A 1 97  ? 11.692  20.900  4.246   1.00 65.58  ? 97  SER A OG  1 
ATOM   757  N N   . LEU A 1 98  ? 8.848   21.600  5.254   1.00 53.48  ? 98  LEU A N   1 
ATOM   758  C CA  . LEU A 1 98  ? 8.215   22.916  5.044   1.00 53.55  ? 98  LEU A CA  1 
ATOM   759  C C   . LEU A 1 98  ? 7.475   23.583  6.206   1.00 53.37  ? 98  LEU A C   1 
ATOM   760  O O   . LEU A 1 98  ? 7.127   23.039  7.264   1.00 59.87  ? 98  LEU A O   1 
ATOM   761  C CB  . LEU A 1 98  ? 7.327   22.956  3.796   1.00 54.41  ? 98  LEU A CB  1 
ATOM   762  C CG  . LEU A 1 98  ? 7.674   21.990  2.623   1.00 54.72  ? 98  LEU A CG  1 
ATOM   763  C CD1 . LEU A 1 98  ? 6.525   21.818  1.745   1.00 47.53  ? 98  LEU A CD1 1 
ATOM   764  C CD2 . LEU A 1 98  ? 8.824   22.347  1.696   1.00 47.53  ? 98  LEU A CD2 1 
ATOM   765  N N   . PRO A 1 99  ? 7.216   24.821  5.998   1.00 65.08  ? 99  PRO A N   1 
ATOM   766  C CA  . PRO A 1 99  ? 6.428   25.479  7.031   1.00 51.68  ? 99  PRO A CA  1 
ATOM   767  C C   . PRO A 1 99  ? 5.070   24.876  7.035   1.00 57.64  ? 99  PRO A C   1 
ATOM   768  O O   . PRO A 1 99  ? 4.526   24.442  6.041   1.00 59.66  ? 99  PRO A O   1 
ATOM   769  C CB  . PRO A 1 99  ? 6.311   26.937  6.514   1.00 53.20  ? 99  PRO A CB  1 
ATOM   770  C CG  . PRO A 1 99  ? 7.428   27.071  5.396   1.00 43.96  ? 99  PRO A CG  1 
ATOM   771  C CD  . PRO A 1 99  ? 7.614   25.690  4.863   1.00 59.31  ? 99  PRO A CD  1 
ATOM   772  N N   . PRO A 1 100 ? 4.467   24.956  8.163   1.00 58.23  ? 100 PRO A N   1 
ATOM   773  C CA  . PRO A 1 100 ? 3.150   24.477  8.535   1.00 58.62  ? 100 PRO A CA  1 
ATOM   774  C C   . PRO A 1 100 ? 2.117   24.911  7.555   1.00 48.07  ? 100 PRO A C   1 
ATOM   775  O O   . PRO A 1 100 ? 1.415   24.014  7.077   1.00 61.23  ? 100 PRO A O   1 
ATOM   776  C CB  . PRO A 1 100 ? 2.893   25.157  9.865   1.00 65.57  ? 100 PRO A CB  1 
ATOM   777  C CG  . PRO A 1 100 ? 4.185   25.672  10.348  1.00 57.06  ? 100 PRO A CG  1 
ATOM   778  C CD  . PRO A 1 100 ? 5.140   25.721  9.210   1.00 55.71  ? 100 PRO A CD  1 
ATOM   779  N N   . GLU A 1 101 ? 1.928   26.217  7.336   1.00 52.74  ? 101 GLU A N   1 
ATOM   780  C CA  . GLU A 1 101 ? 0.855   26.663  6.417   1.00 56.64  ? 101 GLU A CA  1 
ATOM   781  C C   . GLU A 1 101 ? 1.070   25.855  5.141   1.00 72.57  ? 101 GLU A C   1 
ATOM   782  O O   . GLU A 1 101 ? 0.146   25.324  4.529   1.00 64.82  ? 101 GLU A O   1 
ATOM   783  C CB  . GLU A 1 101 ? 0.926   28.117  5.886   1.00 65.90  ? 101 GLU A CB  1 
ATOM   784  C CG  . GLU A 1 101 ? 1.634   29.183  6.645   1.00 70.65  ? 101 GLU A CG  1 
ATOM   785  C CD  . GLU A 1 101 ? 3.205   29.039  6.685   1.00 90.17  ? 101 GLU A CD  1 
ATOM   786  O OE1 . GLU A 1 101 ? 3.755   28.531  7.764   1.00 76.09  ? 101 GLU A OE1 1 
ATOM   787  O OE2 . GLU A 1 101 ? 3.853   29.491  5.656   1.00 69.21  ? 101 GLU A OE2 1 
ATOM   788  N N   . VAL A 1 102 ? 2.308   25.808  4.715   1.00 47.79  ? 102 VAL A N   1 
ATOM   789  C CA  . VAL A 1 102 ? 2.553   25.193  3.505   1.00 40.58  ? 102 VAL A CA  1 
ATOM   790  C C   . VAL A 1 102 ? 2.298   23.718  3.501   1.00 56.39  ? 102 VAL A C   1 
ATOM   791  O O   . VAL A 1 102 ? 1.798   23.261  2.523   1.00 53.84  ? 102 VAL A O   1 
ATOM   792  C CB  . VAL A 1 102 ? 3.958   25.465  3.095   1.00 58.25  ? 102 VAL A CB  1 
ATOM   793  C CG1 . VAL A 1 102 ? 4.298   24.599  1.943   1.00 65.14  ? 102 VAL A CG1 1 
ATOM   794  C CG2 . VAL A 1 102 ? 4.067   26.882  2.646   1.00 42.20  ? 102 VAL A CG2 1 
ATOM   795  N N   . GLN A 1 103 ? 2.672   22.957  4.521   1.00 48.32  ? 103 GLN A N   1 
ATOM   796  C CA  . GLN A 1 103 ? 2.277   21.553  4.541   1.00 46.85  ? 103 GLN A CA  1 
ATOM   797  C C   . GLN A 1 103 ? 0.811   21.570  4.440   1.00 51.39  ? 103 GLN A C   1 
ATOM   798  O O   . GLN A 1 103 ? 0.196   20.834  3.675   1.00 50.08  ? 103 GLN A O   1 
ATOM   799  C CB  . GLN A 1 103 ? 2.616   20.841  5.840   1.00 41.32  ? 103 GLN A CB  1 
ATOM   800  C CG  . GLN A 1 103 ? 4.015   21.009  6.139   1.00 76.63  ? 103 GLN A CG  1 
ATOM   801  C CD  . GLN A 1 103 ? 4.447   20.311  7.371   1.00 82.34  ? 103 GLN A CD  1 
ATOM   802  O OE1 . GLN A 1 103 ? 3.943   19.192  7.658   1.00 74.64  ? 103 GLN A OE1 1 
ATOM   803  N NE2 . GLN A 1 103 ? 5.462   20.919  8.101   1.00 61.85  ? 103 GLN A NE2 1 
ATOM   804  N N   . TYR A 1 104 ? 0.181   22.388  5.225   1.00 41.54  ? 104 TYR A N   1 
ATOM   805  C CA  . TYR A 1 104 ? -1.251  22.193  5.159   1.00 44.77  ? 104 TYR A CA  1 
ATOM   806  C C   . TYR A 1 104 ? -1.811  22.575  3.792   1.00 47.93  ? 104 TYR A C   1 
ATOM   807  O O   . TYR A 1 104 ? -2.722  21.995  3.349   1.00 51.49  ? 104 TYR A O   1 
ATOM   808  C CB  . TYR A 1 104 ? -1.917  22.992  6.224   1.00 38.17  ? 104 TYR A CB  1 
ATOM   809  C CG  . TYR A 1 104 ? -3.370  23.086  6.015   1.00 60.20  ? 104 TYR A CG  1 
ATOM   810  C CD1 . TYR A 1 104 ? -4.149  21.937  5.980   1.00 53.96  ? 104 TYR A CD1 1 
ATOM   811  C CD2 . TYR A 1 104 ? -4.024  24.316  5.868   1.00 59.10  ? 104 TYR A CD2 1 
ATOM   812  C CE1 . TYR A 1 104 ? -5.538  21.979  5.776   1.00 44.27  ? 104 TYR A CE1 1 
ATOM   813  C CE2 . TYR A 1 104 ? -5.517  24.367  5.697   1.00 62.02  ? 104 TYR A CE2 1 
ATOM   814  C CZ  . TYR A 1 104 ? -6.247  23.163  5.639   1.00 67.45  ? 104 TYR A CZ  1 
ATOM   815  O OH  . TYR A 1 104 ? -7.644  23.078  5.435   1.00 64.84  ? 104 TYR A OH  1 
ATOM   816  N N   . LYS A 1 105 ? -1.277  23.573  3.108   1.00 52.37  ? 105 LYS A N   1 
ATOM   817  C CA  . LYS A 1 105 ? -1.872  23.965  1.821   1.00 56.70  ? 105 LYS A CA  1 
ATOM   818  C C   . LYS A 1 105 ? -1.699  22.828  0.857   1.00 52.96  ? 105 LYS A C   1 
ATOM   819  O O   . LYS A 1 105 ? -2.604  22.486  0.100   1.00 54.85  ? 105 LYS A O   1 
ATOM   820  C CB  . LYS A 1 105 ? -1.391  25.319  1.263   1.00 42.37  ? 105 LYS A CB  1 
ATOM   821  C CG  . LYS A 1 105 ? -1.793  26.652  2.214   1.00 72.11  ? 105 LYS A CG  1 
ATOM   822  C CD  . LYS A 1 105 ? -1.220  28.062  1.601   1.00 99.16  ? 105 LYS A CD  1 
ATOM   823  C CE  . LYS A 1 105 ? -1.817  29.415  2.092   1.00 81.69  ? 105 LYS A CE  1 
ATOM   824  N NZ  . LYS A 1 105 ? -0.890  29.883  3.133   1.00 82.01  ? 105 LYS A NZ  1 
ATOM   825  N N   . GLU A 1 106 ? -0.592  22.153  0.976   1.00 43.88  ? 106 GLU A N   1 
ATOM   826  C CA  . GLU A 1 106 ? -0.418  20.982  0.179   1.00 54.14  ? 106 GLU A CA  1 
ATOM   827  C C   . GLU A 1 106 ? -1.419  19.942  0.494   1.00 55.30  ? 106 GLU A C   1 
ATOM   828  O O   . GLU A 1 106 ? -1.674  19.052  -0.316  1.00 67.24  ? 106 GLU A O   1 
ATOM   829  C CB  . GLU A 1 106 ? 0.918   20.314  0.434   1.00 46.05  ? 106 GLU A CB  1 
ATOM   830  C CG  . GLU A 1 106 ? 2.052   20.997  -0.202  1.00 51.71  ? 106 GLU A CG  1 
ATOM   831  C CD  . GLU A 1 106 ? 1.956   21.112  -1.735  1.00 64.24  ? 106 GLU A CD  1 
ATOM   832  O OE1 . GLU A 1 106 ? 2.366   22.167  -2.260  1.00 60.45  ? 106 GLU A OE1 1 
ATOM   833  O OE2 . GLU A 1 106 ? 1.508   20.170  -2.406  1.00 55.54  ? 106 GLU A OE2 1 
ATOM   834  N N   . ILE A 1 107 ? -1.872  19.946  1.713   1.00 47.74  ? 107 ILE A N   1 
ATOM   835  C CA  . ILE A 1 107 ? -2.592  18.760  2.107   1.00 60.76  ? 107 ILE A CA  1 
ATOM   836  C C   . ILE A 1 107 ? -3.982  18.929  1.656   1.00 56.67  ? 107 ILE A C   1 
ATOM   837  O O   . ILE A 1 107 ? -4.571  17.968  1.184   1.00 58.94  ? 107 ILE A O   1 
ATOM   838  C CB  . ILE A 1 107 ? -2.597  18.521  3.606   1.00 46.24  ? 107 ILE A CB  1 
ATOM   839  C CG1 . ILE A 1 107 ? -1.401  17.709  3.991   1.00 49.88  ? 107 ILE A CG1 1 
ATOM   840  C CG2 . ILE A 1 107 ? -3.819  17.801  4.075   1.00 31.92  ? 107 ILE A CG2 1 
ATOM   841  C CD1 . ILE A 1 107 ? -1.332  17.716  5.484   1.00 58.85  ? 107 ILE A CD1 1 
ATOM   842  N N   . ARG A 1 108 ? -4.500  20.141  1.876   1.00 53.17  ? 108 ARG A N   1 
ATOM   843  C CA  . ARG A 1 108 ? -5.712  20.632  1.260   1.00 58.97  ? 108 ARG A CA  1 
ATOM   844  C C   . ARG A 1 108 ? -5.642  20.280  -0.224  1.00 57.18  ? 108 ARG A C   1 
ATOM   845  O O   . ARG A 1 108 ? -6.487  19.613  -0.758  1.00 63.75  ? 108 ARG A O   1 
ATOM   846  C CB  . ARG A 1 108 ? -5.765  22.136  1.435   1.00 60.02  ? 108 ARG A CB  1 
ATOM   847  C CG  . ARG A 1 108 ? -7.081  22.621  1.837   1.00 61.27  ? 108 ARG A CG  1 
ATOM   848  C CD  . ARG A 1 108 ? -7.476  23.924  1.129   1.00 78.30  ? 108 ARG A CD  1 
ATOM   849  N NE  . ARG A 1 108 ? -7.114  25.195  1.803   1.00 67.33  ? 108 ARG A NE  1 
ATOM   850  C CZ  . ARG A 1 108 ? -6.083  25.960  1.408   1.00 92.17  ? 108 ARG A CZ  1 
ATOM   851  N NH1 . ARG A 1 108 ? -5.279  25.531  0.387   1.00 72.36  ? 108 ARG A NH1 1 
ATOM   852  N NH2 . ARG A 1 108 ? -5.834  27.131  2.029   1.00 65.01  ? 108 ARG A NH2 1 
ATOM   853  N N   . HIS A 1 109 ? -4.586  20.668  -0.870  1.00 47.10  ? 109 HIS A N   1 
ATOM   854  C CA  . HIS A 1 109 ? -4.547  20.493  -2.283  1.00 63.43  ? 109 HIS A CA  1 
ATOM   855  C C   . HIS A 1 109 ? -4.874  19.087  -2.663  1.00 55.53  ? 109 HIS A C   1 
ATOM   856  O O   . HIS A 1 109 ? -5.544  18.859  -3.615  1.00 68.39  ? 109 HIS A O   1 
ATOM   857  C CB  . HIS A 1 109 ? -3.135  20.829  -2.840  1.00 66.74  ? 109 HIS A CB  1 
ATOM   858  C CG  . HIS A 1 109 ? -3.148  21.326  -4.253  1.00 73.30  ? 109 HIS A CG  1 
ATOM   859  N ND1 . HIS A 1 109 ? -2.210  20.941  -5.189  1.00 96.95  ? 109 HIS A ND1 1 
ATOM   860  C CD2 . HIS A 1 109 ? -4.001  22.167  -4.889  1.00 83.49  ? 109 HIS A CD2 1 
ATOM   861  C CE1 . HIS A 1 109 ? -2.477  21.522  -6.357  1.00 88.36  ? 109 HIS A CE1 1 
ATOM   862  N NE2 . HIS A 1 109 ? -3.563  22.258  -6.201  1.00 109.07 ? 109 HIS A NE2 1 
ATOM   863  N N   . ALA A 1 110 ? -4.340  18.117  -1.964  1.00 63.70  ? 110 ALA A N   1 
ATOM   864  C CA  . ALA A 1 110 ? -4.494  16.765  -2.429  1.00 45.47  ? 110 ALA A CA  1 
ATOM   865  C C   . ALA A 1 110 ? -5.901  16.351  -2.157  1.00 58.87  ? 110 ALA A C   1 
ATOM   866  O O   . ALA A 1 110 ? -6.487  15.579  -2.868  1.00 61.52  ? 110 ALA A O   1 
ATOM   867  C CB  . ALA A 1 110 ? -3.604  15.930  -1.747  1.00 45.82  ? 110 ALA A CB  1 
ATOM   868  N N   . ASN A 1 111 ? -6.487  16.877  -1.122  1.00 52.78  ? 111 ASN A N   1 
ATOM   869  C CA  . ASN A 1 111 ? -7.866  16.630  -1.030  1.00 61.36  ? 111 ASN A CA  1 
ATOM   870  C C   . ASN A 1 111 ? -8.768  17.295  -2.096  1.00 79.40  ? 111 ASN A C   1 
ATOM   871  O O   . ASN A 1 111 ? -9.905  16.911  -2.281  1.00 90.26  ? 111 ASN A O   1 
ATOM   872  C CB  . ASN A 1 111 ? -8.323  17.098  0.264   1.00 56.25  ? 111 ASN A CB  1 
ATOM   873  C CG  . ASN A 1 111 ? -9.676  16.685  0.448   1.00 84.43  ? 111 ASN A CG  1 
ATOM   874  O OD1 . ASN A 1 111 ? -10.515 17.425  0.945   1.00 110.93 ? 111 ASN A OD1 1 
ATOM   875  N ND2 . ASN A 1 111 ? -9.966  15.469  -0.053  1.00 91.90  ? 111 ASN A ND2 1 
ATOM   876  N N   . GLN A 1 112 ? -8.282  18.373  -2.706  1.00 97.51  ? 112 GLN A N   1 
ATOM   877  C CA  . GLN A 1 112 ? -8.842  19.030  -3.902  1.00 85.07  ? 112 GLN A CA  1 
ATOM   878  C C   . GLN A 1 112 ? -8.818  18.098  -5.164  1.00 64.71  ? 112 GLN A C   1 
ATOM   879  O O   . GLN A 1 112 ? -9.694  18.089  -5.969  1.00 74.20  ? 112 GLN A O   1 
ATOM   880  C CB  . GLN A 1 112 ? -7.958  20.240  -4.184  1.00 68.67  ? 112 GLN A CB  1 
ATOM   881  C CG  . GLN A 1 112 ? -8.555  21.589  -3.888  1.00 106.70 ? 112 GLN A CG  1 
ATOM   882  C CD  . GLN A 1 112 ? -8.859  22.368  -5.251  1.00 135.72 ? 112 GLN A CD  1 
ATOM   883  O OE1 . GLN A 1 112 ? -10.045 22.838  -5.498  1.00 87.22  ? 112 GLN A OE1 1 
ATOM   884  N NE2 . GLN A 1 112 ? -7.803  22.485  -6.151  1.00 63.97  ? 112 GLN A NE2 1 
ATOM   885  N N   . PHE A 1 113 ? -7.747  17.368  -5.338  1.00 72.85  ? 113 PHE A N   1 
ATOM   886  C CA  . PHE A 1 113 ? -7.652  16.176  -6.214  1.00 90.01  ? 113 PHE A CA  1 
ATOM   887  C C   . PHE A 1 113 ? -8.452  15.036  -5.545  1.00 96.08  ? 113 PHE A C   1 
ATOM   888  O O   . PHE A 1 113 ? -9.302  15.317  -4.645  1.00 74.72  ? 113 PHE A O   1 
ATOM   889  C CB  . PHE A 1 113 ? -6.124  15.814  -6.499  1.00 82.22  ? 113 PHE A CB  1 
ATOM   890  C CG  . PHE A 1 113 ? -5.470  16.752  -7.525  1.00 51.43  ? 113 PHE A CG  1 
ATOM   891  C CD1 . PHE A 1 113 ? -5.142  16.313  -8.809  1.00 54.80  ? 113 PHE A CD1 1 
ATOM   892  C CD2 . PHE A 1 113 ? -5.339  18.120  -7.267  1.00 89.22  ? 113 PHE A CD2 1 
ATOM   893  C CE1 . PHE A 1 113 ? -4.688  17.256  -9.838  1.00 78.19  ? 113 PHE A CE1 1 
ATOM   894  C CE2 . PHE A 1 113 ? -4.856  19.109  -8.302  1.00 83.89  ? 113 PHE A CE2 1 
ATOM   895  C CZ  . PHE A 1 113 ? -4.571  18.675  -9.564  1.00 65.03  ? 113 PHE A CZ  1 
ATOM   896  N N   . GLY A 1 114 ? -8.227  13.777  -5.928  1.00 72.04  ? 114 GLY A N   1 
ATOM   897  C CA  . GLY A 1 114 ? -8.989  12.762  -5.195  1.00 57.98  ? 114 GLY A CA  1 
ATOM   898  C C   . GLY A 1 114 ? -8.300  12.565  -3.836  1.00 100.16 ? 114 GLY A C   1 
ATOM   899  O O   . GLY A 1 114 ? -8.793  12.933  -2.726  1.00 99.92  ? 114 GLY A O   1 
ATOM   900  N N   . TYR A 1 115 ? -7.125  11.961  -3.968  1.00 76.04  ? 115 TYR A N   1 
ATOM   901  C CA  . TYR A 1 115 ? -6.124  11.691  -2.932  1.00 67.06  ? 115 TYR A CA  1 
ATOM   902  C C   . TYR A 1 115 ? -6.381  11.588  -1.488  1.00 48.14  ? 115 TYR A C   1 
ATOM   903  O O   . TYR A 1 115 ? -5.659  10.917  -0.816  1.00 92.02  ? 115 TYR A O   1 
ATOM   904  C CB  . TYR A 1 115 ? -5.108  12.720  -3.157  1.00 65.24  ? 115 TYR A CB  1 
ATOM   905  C CG  . TYR A 1 115 ? -4.898  12.628  -4.573  1.00 71.16  ? 115 TYR A CG  1 
ATOM   906  C CD1 . TYR A 1 115 ? -4.459  13.706  -5.353  1.00 78.02  ? 115 TYR A CD1 1 
ATOM   907  C CD2 . TYR A 1 115 ? -5.148  11.393  -5.172  1.00 74.90  ? 115 TYR A CD2 1 
ATOM   908  C CE1 . TYR A 1 115 ? -4.227  13.535  -6.779  1.00 88.95  ? 115 TYR A CE1 1 
ATOM   909  C CE2 . TYR A 1 115 ? -4.948  11.155  -6.577  1.00 77.77  ? 115 TYR A CE2 1 
ATOM   910  C CZ  . TYR A 1 115 ? -4.483  12.234  -7.400  1.00 113.14 ? 115 TYR A CZ  1 
ATOM   911  O OH  . TYR A 1 115 ? -4.322  11.981  -8.793  1.00 91.55  ? 115 TYR A OH  1 
ATOM   912  N N   . GLN A 1 116 ? -7.307  12.295  -0.919  1.00 64.48  ? 116 GLN A N   1 
ATOM   913  C CA  . GLN A 1 116 ? -7.435  12.086  0.524   1.00 86.10  ? 116 GLN A CA  1 
ATOM   914  C C   . GLN A 1 116 ? -8.300  10.832  0.725   1.00 122.40 ? 116 GLN A C   1 
ATOM   915  O O   . GLN A 1 116 ? -9.446  10.777  1.380   1.00 78.67  ? 116 GLN A O   1 
ATOM   916  C CB  . GLN A 1 116 ? -8.012  13.280  1.214   1.00 78.92  ? 116 GLN A CB  1 
ATOM   917  C CG  . GLN A 1 116 ? -6.940  14.152  1.796   1.00 84.58  ? 116 GLN A CG  1 
ATOM   918  C CD  . GLN A 1 116 ? -7.549  14.995  2.858   1.00 82.28  ? 116 GLN A CD  1 
ATOM   919  O OE1 . GLN A 1 116 ? -8.545  14.595  3.563   1.00 50.76  ? 116 GLN A OE1 1 
ATOM   920  N NE2 . GLN A 1 116 ? -7.024  16.207  2.952   1.00 89.82  ? 116 GLN A NE2 1 
ATOM   921  N N   . THR A 1 117 ? -7.712  9.841   0.056   1.00 111.12 ? 117 THR A N   1 
ATOM   922  C CA  . THR A 1 117 ? -8.213  8.520   -0.047  1.00 71.73  ? 117 THR A CA  1 
ATOM   923  C C   . THR A 1 117 ? -7.349  7.575   0.813   1.00 83.33  ? 117 THR A C   1 
ATOM   924  O O   . THR A 1 117 ? -6.287  7.959   1.410   1.00 68.66  ? 117 THR A O   1 
ATOM   925  C CB  . THR A 1 117 ? -8.253  8.014   -1.486  1.00 77.44  ? 117 THR A CB  1 
ATOM   926  O OG1 . THR A 1 117 ? -8.491  6.625   -1.358  1.00 56.17  ? 117 THR A OG1 1 
ATOM   927  C CG2 . THR A 1 117 ? -6.862  8.333   -2.467  1.00 60.21  ? 117 THR A CG2 1 
ATOM   928  N N   . LYS A 1 118 ? -7.841  6.338   0.902   1.00 81.90  ? 118 LYS A N   1 
ATOM   929  C CA  . LYS A 1 118 ? -7.182  5.369   1.731   1.00 59.24  ? 118 LYS A CA  1 
ATOM   930  C C   . LYS A 1 118 ? -6.035  4.878   1.018   1.00 62.46  ? 118 LYS A C   1 
ATOM   931  O O   . LYS A 1 118 ? -5.266  4.191   1.669   1.00 55.87  ? 118 LYS A O   1 
ATOM   932  C CB  . LYS A 1 118 ? -8.033  4.212   2.136   1.00 66.87  ? 118 LYS A CB  1 
ATOM   933  C CG  . LYS A 1 118 ? -8.871  3.642   1.076   1.00 71.02  ? 118 LYS A CG  1 
ATOM   934  C CD  . LYS A 1 118 ? -9.512  2.334   1.505   1.00 40.40  ? 118 LYS A CD  1 
ATOM   935  C CE  . LYS A 1 118 ? -10.775 2.142   0.733   1.00 59.03  ? 118 LYS A CE  1 
ATOM   936  N NZ  . LYS A 1 118 ? -11.356 0.817   1.100   1.00 55.10  ? 118 LYS A NZ  1 
ATOM   937  N N   . HIS A 1 119 ? -5.828  5.289   -0.260  1.00 59.63  ? 119 HIS A N   1 
ATOM   938  C CA  . HIS A 1 119 ? -4.611  4.776   -0.907  1.00 53.53  ? 119 HIS A CA  1 
ATOM   939  C C   . HIS A 1 119 ? -3.573  5.787   -0.985  1.00 51.45  ? 119 HIS A C   1 
ATOM   940  O O   . HIS A 1 119 ? -2.506  5.572   -1.494  1.00 64.73  ? 119 HIS A O   1 
ATOM   941  C CB  . HIS A 1 119 ? -4.891  4.158   -2.270  1.00 44.98  ? 119 HIS A CB  1 
ATOM   942  C CG  . HIS A 1 119 ? -6.249  3.608   -2.357  1.00 77.28  ? 119 HIS A CG  1 
ATOM   943  N ND1 . HIS A 1 119 ? -6.525  2.280   -2.042  1.00 71.68  ? 119 HIS A ND1 1 
ATOM   944  C CD2 . HIS A 1 119 ? -7.445  4.227   -2.585  1.00 79.00  ? 119 HIS A CD2 1 
ATOM   945  C CE1 . HIS A 1 119 ? -7.851  2.118   -2.097  1.00 92.38  ? 119 HIS A CE1 1 
ATOM   946  N NE2 . HIS A 1 119 ? -8.432  3.270   -2.435  1.00 72.85  ? 119 HIS A NE2 1 
ATOM   947  N N   . GLY A 1 120 ? -3.893  6.933   -0.497  1.00 58.69  ? 120 GLY A N   1 
ATOM   948  C CA  . GLY A 1 120 ? -2.889  7.934   -0.551  1.00 65.01  ? 120 GLY A CA  1 
ATOM   949  C C   . GLY A 1 120 ? -2.906  8.589   -1.920  1.00 58.23  ? 120 GLY A C   1 
ATOM   950  O O   . GLY A 1 120 ? -4.003  8.798   -2.528  1.00 56.15  ? 120 GLY A O   1 
ATOM   951  N N   . VAL A 1 121 ? -1.684  8.926   -2.385  1.00 46.27  ? 121 VAL A N   1 
ATOM   952  C CA  . VAL A 1 121 ? -1.513  9.749   -3.606  1.00 50.58  ? 121 VAL A CA  1 
ATOM   953  C C   . VAL A 1 121 ? -0.602  9.121   -4.630  1.00 47.24  ? 121 VAL A C   1 
ATOM   954  O O   . VAL A 1 121 ? 0.316   8.383   -4.248  1.00 64.09  ? 121 VAL A O   1 
ATOM   955  C CB  . VAL A 1 121 ? -0.932  11.153  -3.325  1.00 45.89  ? 121 VAL A CB  1 
ATOM   956  C CG1 . VAL A 1 121 ? -1.956  12.080  -2.853  1.00 39.40  ? 121 VAL A CG1 1 
ATOM   957  C CG2 . VAL A 1 121 ? 0.240   11.080  -2.419  1.00 47.51  ? 121 VAL A CG2 1 
ATOM   958  N N   . PRO A 1 122 ? -0.808  9.425   -5.911  1.00 42.48  ? 122 PRO A N   1 
ATOM   959  C CA  . PRO A 1 122 ? -0.147  8.678   -6.963  1.00 45.22  ? 122 PRO A CA  1 
ATOM   960  C C   . PRO A 1 122 ? 1.353   8.585   -7.000  1.00 50.51  ? 122 PRO A C   1 
ATOM   961  O O   . PRO A 1 122 ? 1.858   7.476   -7.060  1.00 68.65  ? 122 PRO A O   1 
ATOM   962  C CB  . PRO A 1 122 ? -0.689  9.299   -8.219  1.00 52.85  ? 122 PRO A CB  1 
ATOM   963  C CG  . PRO A 1 122 ? -2.004  9.828   -7.849  1.00 31.84  ? 122 PRO A CG  1 
ATOM   964  C CD  . PRO A 1 122 ? -1.869  10.281  -6.448  1.00 52.88  ? 122 PRO A CD  1 
ATOM   965  N N   . GLY A 1 123 ? 2.130   9.620   -6.992  1.00 52.74  ? 123 GLY A N   1 
ATOM   966  C CA  . GLY A 1 123 ? 3.536   9.205   -7.181  1.00 55.13  ? 123 GLY A CA  1 
ATOM   967  C C   . GLY A 1 123 ? 4.036   10.168  -8.162  1.00 53.31  ? 123 GLY A C   1 
ATOM   968  O O   . GLY A 1 123 ? 4.756   11.038  -7.807  1.00 46.91  ? 123 GLY A O   1 
ATOM   969  N N   . LYS A 1 124 ? 3.478   10.131  -9.369  1.00 62.07  ? 124 LYS A N   1 
ATOM   970  C CA  . LYS A 1 124 ? 3.703   11.257  -10.242 1.00 60.55  ? 124 LYS A CA  1 
ATOM   971  C C   . LYS A 1 124 ? 3.310   12.529  -9.467  1.00 58.71  ? 124 LYS A C   1 
ATOM   972  O O   . LYS A 1 124 ? 3.880   13.586  -9.658  1.00 61.70  ? 124 LYS A O   1 
ATOM   973  C CB  . LYS A 1 124 ? 2.918   11.137  -11.516 1.00 72.89  ? 124 LYS A CB  1 
ATOM   974  C CG  . LYS A 1 124 ? 3.614   10.288  -12.632 1.00 83.01  ? 124 LYS A CG  1 
ATOM   975  C CD  . LYS A 1 124 ? 2.530   9.702   -13.705 1.00 112.92 ? 124 LYS A CD  1 
ATOM   976  C CE  . LYS A 1 124 ? 1.586   8.505   -13.077 1.00 130.53 ? 124 LYS A CE  1 
ATOM   977  N NZ  . LYS A 1 124 ? 0.617   7.807   -14.048 1.00 72.79  ? 124 LYS A NZ  1 
ATOM   978  N N   . TYR A 1 125 ? 2.374   12.427  -8.563  1.00 50.37  ? 125 TYR A N   1 
ATOM   979  C CA  . TYR A 1 125 ? 1.745   13.637  -8.140  1.00 56.67  ? 125 TYR A CA  1 
ATOM   980  C C   . TYR A 1 125 ? 2.604   14.009  -7.035  1.00 46.42  ? 125 TYR A C   1 
ATOM   981  O O   . TYR A 1 125 ? 2.886   15.139  -6.773  1.00 47.83  ? 125 TYR A O   1 
ATOM   982  C CB  . TYR A 1 125 ? 0.342   13.345  -7.649  1.00 55.58  ? 125 TYR A CB  1 
ATOM   983  C CG  . TYR A 1 125 ? -0.205  14.428  -6.802  1.00 35.58  ? 125 TYR A CG  1 
ATOM   984  C CD1 . TYR A 1 125 ? 0.093   14.458  -5.478  1.00 47.60  ? 125 TYR A CD1 1 
ATOM   985  C CD2 . TYR A 1 125 ? -0.998  15.461  -7.327  1.00 51.65  ? 125 TYR A CD2 1 
ATOM   986  C CE1 . TYR A 1 125 ? -0.450  15.481  -4.612  1.00 52.06  ? 125 TYR A CE1 1 
ATOM   987  C CE2 . TYR A 1 125 ? -1.519  16.544  -6.482  1.00 45.27  ? 125 TYR A CE2 1 
ATOM   988  C CZ  . TYR A 1 125 ? -1.215  16.543  -5.120  1.00 54.33  ? 125 TYR A CZ  1 
ATOM   989  O OH  . TYR A 1 125 ? -1.641  17.551  -4.214  1.00 74.47  ? 125 TYR A OH  1 
ATOM   990  N N   . LEU A 1 126 ? 3.112   12.992  -6.416  1.00 51.12  ? 126 LEU A N   1 
ATOM   991  C CA  . LEU A 1 126 ? 3.912   13.206  -5.245  1.00 43.24  ? 126 LEU A CA  1 
ATOM   992  C C   . LEU A 1 126 ? 5.182   13.831  -5.677  1.00 52.75  ? 126 LEU A C   1 
ATOM   993  O O   . LEU A 1 126 ? 5.645   14.819  -5.117  1.00 54.57  ? 126 LEU A O   1 
ATOM   994  C CB  . LEU A 1 126 ? 4.272   11.899  -4.696  1.00 53.12  ? 126 LEU A CB  1 
ATOM   995  C CG  . LEU A 1 126 ? 4.818   11.753  -3.275  1.00 70.48  ? 126 LEU A CG  1 
ATOM   996  C CD1 . LEU A 1 126 ? 4.406   12.859  -2.384  1.00 44.32  ? 126 LEU A CD1 1 
ATOM   997  C CD2 . LEU A 1 126 ? 4.323   10.508  -2.651  1.00 50.31  ? 126 LEU A CD2 1 
ATOM   998  N N   . GLN A 1 127 ? 5.721   13.288  -6.732  1.00 43.37  ? 127 GLN A N   1 
ATOM   999  C CA  . GLN A 1 127 ? 6.985   13.768  -7.206  1.00 52.87  ? 127 GLN A CA  1 
ATOM   1000 C C   . GLN A 1 127 ? 6.844   15.216  -7.582  1.00 57.42  ? 127 GLN A C   1 
ATOM   1001 O O   . GLN A 1 127 ? 7.685   16.076  -7.340  1.00 48.40  ? 127 GLN A O   1 
ATOM   1002 C CB  . GLN A 1 127 ? 7.269   13.023  -8.419  1.00 47.89  ? 127 GLN A CB  1 
ATOM   1003 C CG  . GLN A 1 127 ? 8.428   13.623  -9.038  1.00 85.15  ? 127 GLN A CG  1 
ATOM   1004 C CD  . GLN A 1 127 ? 9.482   12.608  -9.128  1.00 94.03  ? 127 GLN A CD  1 
ATOM   1005 O OE1 . GLN A 1 127 ? 9.246   11.517  -9.684  1.00 98.41  ? 127 GLN A OE1 1 
ATOM   1006 N NE2 . GLN A 1 127 ? 10.636  12.887  -8.513  1.00 101.86 ? 127 GLN A NE2 1 
ATOM   1007 N N   . ARG A 1 128 ? 5.719   15.486  -8.171  1.00 54.49  ? 128 ARG A N   1 
ATOM   1008 C CA  . ARG A 1 128 ? 5.559   16.714  -8.829  1.00 53.09  ? 128 ARG A CA  1 
ATOM   1009 C C   . ARG A 1 128 ? 5.287   17.736  -7.707  1.00 57.04  ? 128 ARG A C   1 
ATOM   1010 O O   . ARG A 1 128 ? 5.857   18.874  -7.710  1.00 53.14  ? 128 ARG A O   1 
ATOM   1011 C CB  . ARG A 1 128 ? 4.506   16.530  -9.932  1.00 49.13  ? 128 ARG A CB  1 
ATOM   1012 C CG  . ARG A 1 128 ? 3.977   17.743  -10.498 1.00 56.76  ? 128 ARG A CG  1 
ATOM   1013 C CD  . ARG A 1 128 ? 2.579   17.571  -11.098 1.00 58.17  ? 128 ARG A CD  1 
ATOM   1014 N NE  . ARG A 1 128 ? 2.673   16.364  -11.852 1.00 76.63  ? 128 ARG A NE  1 
ATOM   1015 C CZ  . ARG A 1 128 ? 1.764   15.404  -11.889 1.00 88.53  ? 128 ARG A CZ  1 
ATOM   1016 N NH1 . ARG A 1 128 ? 0.616   15.504  -11.183 1.00 48.79  ? 128 ARG A NH1 1 
ATOM   1017 N NH2 . ARG A 1 128 ? 2.054   14.340  -12.666 1.00 87.28  ? 128 ARG A NH2 1 
ATOM   1018 N N   . ARG A 1 129 ? 4.553   17.335  -6.665  1.00 44.79  ? 129 ARG A N   1 
ATOM   1019 C CA  . ARG A 1 129 ? 4.343   18.311  -5.561  1.00 51.13  ? 129 ARG A CA  1 
ATOM   1020 C C   . ARG A 1 129 ? 5.675   18.246  -5.084  1.00 51.10  ? 129 ARG A C   1 
ATOM   1021 O O   . ARG A 1 129 ? 6.405   17.459  -5.622  1.00 78.94  ? 129 ARG A O   1 
ATOM   1022 C CB  . ARG A 1 129 ? 3.362   17.767  -4.535  1.00 51.05  ? 129 ARG A CB  1 
ATOM   1023 C CG  . ARG A 1 129 ? 1.981   17.918  -5.122  1.00 39.78  ? 129 ARG A CG  1 
ATOM   1024 C CD  . ARG A 1 129 ? 1.794   19.375  -5.080  1.00 55.38  ? 129 ARG A CD  1 
ATOM   1025 N NE  . ARG A 1 129 ? 1.685   20.094  -6.318  1.00 45.88  ? 129 ARG A NE  1 
ATOM   1026 C CZ  . ARG A 1 129 ? 1.369   21.372  -6.267  1.00 75.97  ? 129 ARG A CZ  1 
ATOM   1027 N NH1 . ARG A 1 129 ? 1.141   21.932  -5.005  1.00 37.14  ? 129 ARG A NH1 1 
ATOM   1028 N NH2 . ARG A 1 129 ? 1.257   22.060  -7.444  1.00 75.25  ? 129 ARG A NH2 1 
ATOM   1029 N N   . LEU A 1 130 ? 6.112   18.959  -4.102  1.00 42.82  ? 130 LEU A N   1 
ATOM   1030 C CA  . LEU A 1 130 ? 7.485   18.582  -3.770  1.00 63.26  ? 130 LEU A CA  1 
ATOM   1031 C C   . LEU A 1 130 ? 8.597   19.075  -4.707  1.00 60.00  ? 130 LEU A C   1 
ATOM   1032 O O   . LEU A 1 130 ? 9.380   19.994  -4.315  1.00 62.29  ? 130 LEU A O   1 
ATOM   1033 C CB  . LEU A 1 130 ? 7.643   17.055  -3.619  1.00 54.75  ? 130 LEU A CB  1 
ATOM   1034 C CG  . LEU A 1 130 ? 9.022   16.562  -3.095  1.00 70.66  ? 130 LEU A CG  1 
ATOM   1035 C CD1 . LEU A 1 130 ? 9.288   15.097  -2.636  1.00 36.72  ? 130 LEU A CD1 1 
ATOM   1036 C CD2 . LEU A 1 130 ? 9.999   16.870  -4.170  1.00 73.00  ? 130 LEU A CD2 1 
ATOM   1037 N N   . GLN A 1 131 ? 8.770   18.450  -5.884  1.00 45.40  ? 131 GLN A N   1 
ATOM   1038 C CA  . GLN A 1 131 ? 9.590   19.161  -6.921  1.00 48.98  ? 131 GLN A CA  1 
ATOM   1039 C C   . GLN A 1 131 ? 9.499   20.702  -6.755  1.00 58.19  ? 131 GLN A C   1 
ATOM   1040 O O   . GLN A 1 131 ? 10.503  21.380  -6.472  1.00 61.68  ? 131 GLN A O   1 
ATOM   1041 C CB  . GLN A 1 131 ? 9.001   18.886  -8.238  1.00 47.87  ? 131 GLN A CB  1 
ATOM   1042 C CG  . GLN A 1 131 ? 9.748   19.545  -9.324  1.00 49.70  ? 131 GLN A CG  1 
ATOM   1043 C CD  . GLN A 1 131 ? 9.921   18.558  -10.481 1.00 84.31  ? 131 GLN A CD  1 
ATOM   1044 O OE1 . GLN A 1 131 ? 10.969  18.559  -11.129 1.00 69.18  ? 131 GLN A OE1 1 
ATOM   1045 N NE2 . GLN A 1 131 ? 8.892   17.672  -10.735 1.00 90.00  ? 131 GLN A NE2 1 
ATOM   1046 N N   . VAL A 1 132 ? 8.237   21.152  -6.844  1.00 45.04  ? 132 VAL A N   1 
ATOM   1047 C CA  . VAL A 1 132 ? 7.737   22.484  -6.705  1.00 55.10  ? 132 VAL A CA  1 
ATOM   1048 C C   . VAL A 1 132 ? 7.839   23.082  -5.395  1.00 63.32  ? 132 VAL A C   1 
ATOM   1049 O O   . VAL A 1 132 ? 7.604   24.285  -5.267  1.00 54.27  ? 132 VAL A O   1 
ATOM   1050 C CB  . VAL A 1 132 ? 6.157   22.536  -6.771  1.00 53.32  ? 132 VAL A CB  1 
ATOM   1051 C CG1 . VAL A 1 132 ? 5.733   23.918  -6.772  1.00 58.09  ? 132 VAL A CG1 1 
ATOM   1052 C CG2 . VAL A 1 132 ? 5.698   22.209  -8.050  1.00 46.73  ? 132 VAL A CG2 1 
ATOM   1053 N N   . ASN A 1 133 ? 8.027   22.257  -4.394  1.00 57.41  ? 133 ASN A N   1 
ATOM   1054 C CA  . ASN A 1 133 ? 8.230   22.828  -3.091  1.00 55.91  ? 133 ASN A CA  1 
ATOM   1055 C C   . ASN A 1 133 ? 9.689   23.019  -2.716  1.00 56.12  ? 133 ASN A C   1 
ATOM   1056 O O   . ASN A 1 133 ? 10.012  23.383  -1.537  1.00 60.71  ? 133 ASN A O   1 
ATOM   1057 C CB  . ASN A 1 133 ? 7.408   22.083  -2.062  1.00 54.50  ? 133 ASN A CB  1 
ATOM   1058 C CG  . ASN A 1 133 ? 6.014   22.639  -1.987  1.00 64.14  ? 133 ASN A CG  1 
ATOM   1059 O OD1 . ASN A 1 133 ? 5.138   21.952  -2.389  1.00 57.07  ? 133 ASN A OD1 1 
ATOM   1060 N ND2 . ASN A 1 133 ? 5.809   23.922  -1.542  1.00 52.30  ? 133 ASN A ND2 1 
ATOM   1061 N N   . GLY A 1 134 ? 10.535  22.815  -3.748  1.00 58.55  ? 134 GLY A N   1 
ATOM   1062 C CA  . GLY A 1 134 ? 11.983  22.950  -3.700  1.00 50.81  ? 134 GLY A CA  1 
ATOM   1063 C C   . GLY A 1 134 ? 12.531  21.694  -3.098  1.00 61.38  ? 134 GLY A C   1 
ATOM   1064 O O   . GLY A 1 134 ? 13.679  21.588  -2.763  1.00 60.05  ? 134 GLY A O   1 
ATOM   1065 N N   . LEU A 1 135 ? 11.719  20.692  -2.924  1.00 56.12  ? 135 LEU A N   1 
ATOM   1066 C CA  . LEU A 1 135 ? 12.393  19.524  -2.494  1.00 56.79  ? 135 LEU A CA  1 
ATOM   1067 C C   . LEU A 1 135 ? 12.685  18.634  -3.657  1.00 59.46  ? 135 LEU A C   1 
ATOM   1068 O O   . LEU A 1 135 ? 12.430  18.935  -4.878  1.00 62.53  ? 135 LEU A O   1 
ATOM   1069 C CB  . LEU A 1 135 ? 11.623  18.759  -1.438  1.00 52.89  ? 135 LEU A CB  1 
ATOM   1070 C CG  . LEU A 1 135 ? 11.086  19.656  -0.325  1.00 58.26  ? 135 LEU A CG  1 
ATOM   1071 C CD1 . LEU A 1 135 ? 9.810   19.160  0.241   1.00 38.51  ? 135 LEU A CD1 1 
ATOM   1072 C CD2 . LEU A 1 135 ? 12.123  19.831  0.742   1.00 58.02  ? 135 LEU A CD2 1 
ATOM   1073 N N   . ARG A 1 136 ? 13.302  17.564  -3.197  1.00 47.12  ? 136 ARG A N   1 
ATOM   1074 C CA  . ARG A 1 136 ? 13.944  16.528  -3.954  1.00 48.87  ? 136 ARG A CA  1 
ATOM   1075 C C   . ARG A 1 136 ? 14.199  15.294  -3.064  1.00 50.06  ? 136 ARG A C   1 
ATOM   1076 O O   . ARG A 1 136 ? 14.588  15.415  -1.889  1.00 56.03  ? 136 ARG A O   1 
ATOM   1077 C CB  . ARG A 1 136 ? 15.271  17.043  -4.494  1.00 52.13  ? 136 ARG A CB  1 
ATOM   1078 C CG  . ARG A 1 136 ? 16.479  16.346  -4.040  1.00 48.57  ? 136 ARG A CG  1 
ATOM   1079 C CD  . ARG A 1 136 ? 17.646  16.768  -4.904  1.00 68.07  ? 136 ARG A CD  1 
ATOM   1080 N NE  . ARG A 1 136 ? 18.956  16.968  -4.262  1.00 58.86  ? 136 ARG A NE  1 
ATOM   1081 C CZ  . ARG A 1 136 ? 19.880  17.795  -4.747  1.00 76.51  ? 136 ARG A CZ  1 
ATOM   1082 N NH1 . ARG A 1 136 ? 19.615  18.499  -5.842  1.00 54.89  ? 136 ARG A NH1 1 
ATOM   1083 N NH2 . ARG A 1 136 ? 21.056  17.929  -4.142  1.00 88.79  ? 136 ARG A NH2 1 
ATOM   1084 N N   . ALA A 1 137 ? 13.944  14.102  -3.604  1.00 47.02  ? 137 ALA A N   1 
ATOM   1085 C CA  . ALA A 1 137 ? 14.118  12.869  -2.795  1.00 60.81  ? 137 ALA A CA  1 
ATOM   1086 C C   . ALA A 1 137 ? 15.097  11.992  -3.432  1.00 64.64  ? 137 ALA A C   1 
ATOM   1087 O O   . ALA A 1 137 ? 15.001  11.719  -4.647  1.00 75.16  ? 137 ALA A O   1 
ATOM   1088 C CB  . ALA A 1 137 ? 12.858  12.051  -2.640  1.00 56.73  ? 137 ALA A CB  1 
ATOM   1089 N N   . VAL A 1 138 ? 16.021  11.513  -2.596  1.00 60.41  ? 138 VAL A N   1 
ATOM   1090 C CA  . VAL A 1 138 ? 17.198  10.842  -3.108  1.00 67.06  ? 138 VAL A CA  1 
ATOM   1091 C C   . VAL A 1 138 ? 17.385  9.577   -2.412  1.00 61.81  ? 138 VAL A C   1 
ATOM   1092 O O   . VAL A 1 138 ? 17.269  9.466   -1.178  1.00 61.93  ? 138 VAL A O   1 
ATOM   1093 C CB  . VAL A 1 138 ? 18.527  11.557  -2.874  1.00 53.44  ? 138 VAL A CB  1 
ATOM   1094 C CG1 . VAL A 1 138 ? 19.598  10.866  -3.735  1.00 81.61  ? 138 VAL A CG1 1 
ATOM   1095 C CG2 . VAL A 1 138 ? 18.452  13.032  -3.141  1.00 45.16  ? 138 VAL A CG2 1 
ATOM   1096 N N   . THR A 1 139 ? 17.764  8.658   -3.267  1.00 58.52  ? 139 THR A N   1 
ATOM   1097 C CA  . THR A 1 139 ? 17.878  7.312   -2.949  1.00 67.08  ? 139 THR A CA  1 
ATOM   1098 C C   . THR A 1 139 ? 19.112  7.258   -2.111  1.00 60.86  ? 139 THR A C   1 
ATOM   1099 O O   . THR A 1 139 ? 20.174  7.592   -2.575  1.00 75.41  ? 139 THR A O   1 
ATOM   1100 C CB  . THR A 1 139 ? 18.021  6.594   -4.215  1.00 67.44  ? 139 THR A CB  1 
ATOM   1101 O OG1 . THR A 1 139 ? 17.848  5.223   -3.881  1.00 82.91  ? 139 THR A OG1 1 
ATOM   1102 C CG2 . THR A 1 139 ? 19.438  6.990   -4.950  1.00 56.58  ? 139 THR A CG2 1 
ATOM   1103 N N   . ASP A 1 140 ? 18.952  6.950   -0.838  1.00 71.28  ? 140 ASP A N   1 
ATOM   1104 C CA  . ASP A 1 140 ? 20.076  7.075   0.055   1.00 78.38  ? 140 ASP A CA  1 
ATOM   1105 C C   . ASP A 1 140 ? 20.158  5.792   0.781   1.00 86.23  ? 140 ASP A C   1 
ATOM   1106 O O   . ASP A 1 140 ? 19.368  5.482   1.704   1.00 79.69  ? 140 ASP A O   1 
ATOM   1107 C CB  . ASP A 1 140 ? 19.999  8.310   0.999   1.00 92.55  ? 140 ASP A CB  1 
ATOM   1108 C CG  . ASP A 1 140 ? 20.920  8.188   2.297   1.00 95.95  ? 140 ASP A CG  1 
ATOM   1109 O OD1 . ASP A 1 140 ? 21.478  7.089   2.523   1.00 91.18  ? 140 ASP A OD1 1 
ATOM   1110 O OD2 . ASP A 1 140 ? 21.060  9.187   3.110   1.00 91.62  ? 140 ASP A OD2 1 
ATOM   1111 N N   . THR A 1 141 ? 21.151  5.036   0.353   1.00 87.92  ? 141 THR A N   1 
ATOM   1112 C CA  . THR A 1 141 ? 21.428  3.768   0.994   1.00 101.68 ? 141 THR A CA  1 
ATOM   1113 C C   . THR A 1 141 ? 21.375  3.657   2.550   1.00 83.98  ? 141 THR A C   1 
ATOM   1114 O O   . THR A 1 141 ? 21.366  2.540   3.079   1.00 69.86  ? 141 THR A O   1 
ATOM   1115 C CB  . THR A 1 141 ? 22.700  3.200   0.439   1.00 97.57  ? 141 THR A CB  1 
ATOM   1116 O OG1 . THR A 1 141 ? 22.506  1.787   0.396   1.00 71.42  ? 141 THR A OG1 1 
ATOM   1117 C CG2 . THR A 1 141 ? 23.963  3.643   1.264   1.00 74.83  ? 141 THR A CG2 1 
ATOM   1118 N N   . HIS A 1 142 ? 21.245  4.828   3.208   1.00 86.79  ? 142 HIS A N   1 
ATOM   1119 C CA  . HIS A 1 142 ? 21.384  5.080   4.657   1.00 86.89  ? 142 HIS A CA  1 
ATOM   1120 C C   . HIS A 1 142 ? 20.377  5.990   5.274   1.00 95.58  ? 142 HIS A C   1 
ATOM   1121 O O   . HIS A 1 142 ? 20.401  6.268   6.517   1.00 64.70  ? 142 HIS A O   1 
ATOM   1122 C CB  . HIS A 1 142 ? 22.769  5.594   5.017   1.00 87.51  ? 142 HIS A CB  1 
ATOM   1123 C CG  . HIS A 1 142 ? 23.653  4.477   5.435   1.00 121.47 ? 142 HIS A CG  1 
ATOM   1124 N ND1 . HIS A 1 142 ? 24.632  3.961   4.604   1.00 100.44 ? 142 HIS A ND1 1 
ATOM   1125 C CD2 . HIS A 1 142 ? 23.578  3.652   6.514   1.00 93.01  ? 142 HIS A CD2 1 
ATOM   1126 C CE1 . HIS A 1 142 ? 25.175  2.909   5.186   1.00 103.24 ? 142 HIS A CE1 1 
ATOM   1127 N NE2 . HIS A 1 142 ? 24.552  2.699   6.340   1.00 123.44 ? 142 HIS A NE2 1 
ATOM   1128 N N   . GLY A 1 143 ? 19.518  6.446   4.362   1.00 85.57  ? 143 GLY A N   1 
ATOM   1129 C CA  . GLY A 1 143 ? 18.377  7.265   4.671   1.00 71.70  ? 143 GLY A CA  1 
ATOM   1130 C C   . GLY A 1 143 ? 17.546  6.747   5.818   1.00 74.58  ? 143 GLY A C   1 
ATOM   1131 O O   . GLY A 1 143 ? 17.691  5.546   6.210   1.00 72.76  ? 143 GLY A O   1 
ATOM   1132 N N   . PRO A 1 144 ? 16.699  7.683   6.360   1.00 77.17  ? 144 PRO A N   1 
ATOM   1133 C CA  . PRO A 1 144 ? 15.743  7.836   7.496   1.00 55.63  ? 144 PRO A CA  1 
ATOM   1134 C C   . PRO A 1 144 ? 14.479  7.154   7.200   1.00 66.38  ? 144 PRO A C   1 
ATOM   1135 O O   . PRO A 1 144 ? 13.666  6.780   8.088   1.00 85.10  ? 144 PRO A O   1 
ATOM   1136 C CB  . PRO A 1 144 ? 15.378  9.347   7.496   1.00 53.38  ? 144 PRO A CB  1 
ATOM   1137 C CG  . PRO A 1 144 ? 16.312  10.043  6.529   1.00 54.68  ? 144 PRO A CG  1 
ATOM   1138 C CD  . PRO A 1 144 ? 16.910  8.960   5.630   1.00 79.13  ? 144 PRO A CD  1 
ATOM   1139 N N   . ILE A 1 145 ? 14.288  7.069   5.892   1.00 71.26  ? 145 ILE A N   1 
ATOM   1140 C CA  . ILE A 1 145 ? 13.011  6.663   5.317   1.00 78.79  ? 145 ILE A CA  1 
ATOM   1141 C C   . ILE A 1 145 ? 13.060  5.467   4.428   1.00 78.87  ? 145 ILE A C   1 
ATOM   1142 O O   . ILE A 1 145 ? 13.856  5.411   3.378   1.00 59.95  ? 145 ILE A O   1 
ATOM   1143 C CB  . ILE A 1 145 ? 12.365  7.701   4.387   1.00 76.48  ? 145 ILE A CB  1 
ATOM   1144 C CG1 . ILE A 1 145 ? 12.630  9.105   4.808   1.00 71.09  ? 145 ILE A CG1 1 
ATOM   1145 C CG2 . ILE A 1 145 ? 10.894  7.669   4.554   1.00 59.37  ? 145 ILE A CG2 1 
ATOM   1146 C CD1 . ILE A 1 145 ? 11.387  9.844   4.656   1.00 50.68  ? 145 ILE A CD1 1 
ATOM   1147 N N   . VAL A 1 146 ? 12.119  4.598   4.831   1.00 54.59  ? 146 VAL A N   1 
ATOM   1148 C CA  . VAL A 1 146 ? 11.782  3.392   4.132   1.00 74.07  ? 146 VAL A CA  1 
ATOM   1149 C C   . VAL A 1 146 ? 10.601  3.508   3.245   1.00 79.36  ? 146 VAL A C   1 
ATOM   1150 O O   . VAL A 1 146 ? 9.462   3.865   3.674   1.00 57.16  ? 146 VAL A O   1 
ATOM   1151 C CB  . VAL A 1 146 ? 11.336  2.274   5.031   1.00 76.34  ? 146 VAL A CB  1 
ATOM   1152 C CG1 . VAL A 1 146 ? 11.948  1.064   4.503   1.00 64.53  ? 146 VAL A CG1 1 
ATOM   1153 C CG2 . VAL A 1 146 ? 11.734  2.497   6.457   1.00 95.34  ? 146 VAL A CG2 1 
ATOM   1154 N N   . ILE A 1 147 ? 10.882  3.084   2.017   1.00 67.29  ? 147 ILE A N   1 
ATOM   1155 C CA  . ILE A 1 147 ? 9.809   2.836   1.081   1.00 72.58  ? 147 ILE A CA  1 
ATOM   1156 C C   . ILE A 1 147 ? 9.342   1.398   1.134   1.00 63.00  ? 147 ILE A C   1 
ATOM   1157 O O   . ILE A 1 147 ? 10.171  0.484   1.113   1.00 74.01  ? 147 ILE A O   1 
ATOM   1158 C CB  . ILE A 1 147 ? 10.270  3.091   -0.341  1.00 71.85  ? 147 ILE A CB  1 
ATOM   1159 C CG1 . ILE A 1 147 ? 10.891  4.462   -0.479  1.00 64.20  ? 147 ILE A CG1 1 
ATOM   1160 C CG2 . ILE A 1 147 ? 9.068   3.152   -1.228  1.00 59.72  ? 147 ILE A CG2 1 
ATOM   1161 C CD1 . ILE A 1 147 ? 9.858   5.526   -0.132  1.00 59.72  ? 147 ILE A CD1 1 
ATOM   1162 N N   . GLN A 1 148 ? 8.032   1.200   1.212   1.00 71.30  ? 148 GLN A N   1 
ATOM   1163 C CA  . GLN A 1 148 ? 7.459   -0.162  1.263   1.00 83.35  ? 148 GLN A CA  1 
ATOM   1164 C C   . GLN A 1 148 ? 6.320   -0.478  0.356   1.00 75.90  ? 148 GLN A C   1 
ATOM   1165 O O   . GLN A 1 148 ? 5.573   0.400   -0.131  1.00 66.49  ? 148 GLN A O   1 
ATOM   1166 C CB  . GLN A 1 148 ? 6.980   -0.532  2.651   1.00 65.08  ? 148 GLN A CB  1 
ATOM   1167 C CG  . GLN A 1 148 ? 7.928   -0.069  3.679   1.00 60.90  ? 148 GLN A CG  1 
ATOM   1168 C CD  . GLN A 1 148 ? 7.639   -0.691  4.959   1.00 66.41  ? 148 GLN A CD  1 
ATOM   1169 O OE1 . GLN A 1 148 ? 8.460   -1.480  5.457   1.00 81.43  ? 148 GLN A OE1 1 
ATOM   1170 N NE2 . GLN A 1 148 ? 6.455   -0.362  5.537   1.00 47.43  ? 148 GLN A NE2 1 
ATOM   1171 N N   . TYR A 1 149 ? 6.184   -1.776  0.163   1.00 69.39  ? 149 TYR A N   1 
ATOM   1172 C CA  . TYR A 1 149 ? 5.140   -2.274  -0.683  1.00 54.15  ? 149 TYR A CA  1 
ATOM   1173 C C   . TYR A 1 149 ? 4.454   -3.270  0.144   1.00 59.14  ? 149 TYR A C   1 
ATOM   1174 O O   . TYR A 1 149 ? 4.929   -3.852  1.130   1.00 59.08  ? 149 TYR A O   1 
ATOM   1175 C CB  . TYR A 1 149 ? 5.683   -2.966  -1.924  1.00 60.29  ? 149 TYR A CB  1 
ATOM   1176 C CG  . TYR A 1 149 ? 6.584   -4.159  -1.660  1.00 58.47  ? 149 TYR A CG  1 
ATOM   1177 C CD1 . TYR A 1 149 ? 7.937   -3.995  -1.663  1.00 58.89  ? 149 TYR A CD1 1 
ATOM   1178 C CD2 . TYR A 1 149 ? 6.064   -5.444  -1.409  1.00 62.77  ? 149 TYR A CD2 1 
ATOM   1179 C CE1 . TYR A 1 149 ? 8.788   -5.025  -1.437  1.00 64.21  ? 149 TYR A CE1 1 
ATOM   1180 C CE2 . TYR A 1 149 ? 6.902   -6.517  -1.177  1.00 75.55  ? 149 TYR A CE2 1 
ATOM   1181 C CZ  . TYR A 1 149 ? 8.290   -6.280  -1.194  1.00 83.18  ? 149 TYR A CZ  1 
ATOM   1182 O OH  . TYR A 1 149 ? 9.235   -7.250  -0.957  1.00 69.59  ? 149 TYR A OH  1 
ATOM   1183 N N   . PHE A 1 150 ? 3.270   -3.467  -0.281  1.00 51.07  ? 150 PHE A N   1 
ATOM   1184 C CA  . PHE A 1 150 ? 2.525   -4.446  0.384   1.00 59.02  ? 150 PHE A CA  1 
ATOM   1185 C C   . PHE A 1 150 ? 2.563   -5.778  -0.295  1.00 66.24  ? 150 PHE A C   1 
ATOM   1186 O O   . PHE A 1 150 ? 1.984   -5.967  -1.433  1.00 58.02  ? 150 PHE A O   1 
ATOM   1187 C CB  . PHE A 1 150 ? 1.156   -4.026  0.210   1.00 51.57  ? 150 PHE A CB  1 
ATOM   1188 C CG  . PHE A 1 150 ? 0.245   -4.891  0.852   1.00 51.56  ? 150 PHE A CG  1 
ATOM   1189 C CD1 . PHE A 1 150 ? 0.294   -5.026  2.212   1.00 81.56  ? 150 PHE A CD1 1 
ATOM   1190 C CD2 . PHE A 1 150 ? -0.710  -5.533  0.160   1.00 67.19  ? 150 PHE A CD2 1 
ATOM   1191 C CE1 . PHE A 1 150 ? -0.610  -5.758  2.869   1.00 74.17  ? 150 PHE A CE1 1 
ATOM   1192 C CE2 . PHE A 1 150 ? -1.637  -6.272  0.819   1.00 78.26  ? 150 PHE A CE2 1 
ATOM   1193 C CZ  . PHE A 1 150 ? -1.567  -6.398  2.174   1.00 68.38  ? 150 PHE A CZ  1 
ATOM   1194 N N   . SER A 1 151 ? 3.240   -6.719  0.349   1.00 63.93  ? 151 SER A N   1 
ATOM   1195 C CA  . SER A 1 151 ? 3.030   -8.108  -0.071  1.00 63.47  ? 151 SER A CA  1 
ATOM   1196 C C   . SER A 1 151 ? 3.782   -8.628  -1.264  1.00 63.58  ? 151 SER A C   1 
ATOM   1197 O O   . SER A 1 151 ? 4.191   -9.772  -1.146  1.00 63.87  ? 151 SER A O   1 
ATOM   1198 C CB  . SER A 1 151 ? 1.541   -8.354  -0.361  1.00 74.52  ? 151 SER A CB  1 
ATOM   1199 O OG  . SER A 1 151 ? 1.335   -9.594  -0.962  1.00 53.25  ? 151 SER A OG  1 
ATOM   1200 N N   . VAL A 1 152 ? 3.936   -7.861  -2.381  1.00 45.75  ? 152 VAL A N   1 
ATOM   1201 C CA  . VAL A 1 152 ? 4.798   -8.299  -3.485  1.00 61.68  ? 152 VAL A CA  1 
ATOM   1202 C C   . VAL A 1 152 ? 5.475   -7.131  -4.186  1.00 70.44  ? 152 VAL A C   1 
ATOM   1203 O O   . VAL A 1 152 ? 4.756   -6.142  -4.448  1.00 44.92  ? 152 VAL A O   1 
ATOM   1204 C CB  . VAL A 1 152 ? 3.963   -9.103  -4.622  1.00 65.32  ? 152 VAL A CB  1 
ATOM   1205 C CG1 . VAL A 1 152 ? 2.745   -9.776  -4.083  1.00 66.25  ? 152 VAL A CG1 1 
ATOM   1206 C CG2 . VAL A 1 152 ? 3.377   -8.215  -5.577  1.00 56.42  ? 152 VAL A CG2 1 
ATOM   1207 N N   . LYS A 1 153 ? 6.785   -7.274  -4.569  1.00 63.06  ? 153 LYS A N   1 
ATOM   1208 C CA  . LYS A 1 153 ? 7.600   -6.124  -5.085  1.00 54.42  ? 153 LYS A CA  1 
ATOM   1209 C C   . LYS A 1 153 ? 6.753   -5.337  -6.037  1.00 51.15  ? 153 LYS A C   1 
ATOM   1210 O O   . LYS A 1 153 ? 6.794   -4.106  -6.063  1.00 71.47  ? 153 LYS A O   1 
ATOM   1211 C CB  . LYS A 1 153 ? 8.965   -6.399  -5.839  1.00 61.66  ? 153 LYS A CB  1 
ATOM   1212 C CG  . LYS A 1 153 ? 10.049  -7.281  -5.157  1.00 85.12  ? 153 LYS A CG  1 
ATOM   1213 C CD  . LYS A 1 153 ? 9.415   -8.487  -4.260  1.00 88.06  ? 153 LYS A CD  1 
ATOM   1214 C CE  . LYS A 1 153 ? 8.816   -9.747  -5.017  1.00 81.32  ? 153 LYS A CE  1 
ATOM   1215 N NZ  . LYS A 1 153 ? 8.362   -10.846 -4.109  1.00 78.62  ? 153 LYS A NZ  1 
ATOM   1216 N N   . GLU A 1 154 ? 5.978   -6.005  -6.857  1.00 45.97  ? 154 GLU A N   1 
ATOM   1217 C CA  . GLU A 1 154 ? 5.583   -5.244  -8.040  1.00 63.40  ? 154 GLU A CA  1 
ATOM   1218 C C   . GLU A 1 154 ? 4.270   -4.642  -7.852  1.00 45.31  ? 154 GLU A C   1 
ATOM   1219 O O   . GLU A 1 154 ? 3.717   -4.152  -8.786  1.00 53.34  ? 154 GLU A O   1 
ATOM   1220 C CB  . GLU A 1 154 ? 5.751   -5.930  -9.438  1.00 50.64  ? 154 GLU A CB  1 
ATOM   1221 C CG  . GLU A 1 154 ? 5.822   -7.440  -9.490  1.00 60.60  ? 154 GLU A CG  1 
ATOM   1222 C CD  . GLU A 1 154 ? 7.078   -8.035  -8.972  1.00 58.34  ? 154 GLU A CD  1 
ATOM   1223 O OE1 . GLU A 1 154 ? 7.013   -8.753  -8.008  1.00 64.26  ? 154 GLU A OE1 1 
ATOM   1224 O OE2 . GLU A 1 154 ? 8.146   -7.821  -9.520  1.00 78.46  ? 154 GLU A OE2 1 
ATOM   1225 N N   . SER A 1 155 ? 3.769   -4.678  -6.622  1.00 54.13  ? 155 SER A N   1 
ATOM   1226 C CA  . SER A 1 155 ? 2.454   -4.067  -6.350  1.00 43.20  ? 155 SER A CA  1 
ATOM   1227 C C   . SER A 1 155 ? 2.505   -2.586  -6.609  1.00 51.35  ? 155 SER A C   1 
ATOM   1228 O O   . SER A 1 155 ? 3.568   -1.904  -6.483  1.00 45.55  ? 155 SER A O   1 
ATOM   1229 C CB  . SER A 1 155 ? 2.061   -4.263  -4.899  1.00 52.44  ? 155 SER A CB  1 
ATOM   1230 O OG  . SER A 1 155 ? 0.838   -3.636  -4.553  1.00 52.41  ? 155 SER A OG  1 
ATOM   1231 N N   . TRP A 1 156 ? 1.316   -2.109  -6.903  1.00 34.71  ? 156 TRP A N   1 
ATOM   1232 C CA  . TRP A 1 156 ? 1.069   -0.689  -6.803  1.00 53.04  ? 156 TRP A CA  1 
ATOM   1233 C C   . TRP A 1 156 ? 0.774   -0.077  -5.433  1.00 67.23  ? 156 TRP A C   1 
ATOM   1234 O O   . TRP A 1 156 ? 0.408   1.101   -5.377  1.00 67.39  ? 156 TRP A O   1 
ATOM   1235 C CB  . TRP A 1 156 ? -0.109  -0.261  -7.658  1.00 42.49  ? 156 TRP A CB  1 
ATOM   1236 C CG  . TRP A 1 156 ? -1.375  -0.668  -7.170  1.00 54.59  ? 156 TRP A CG  1 
ATOM   1237 C CD1 . TRP A 1 156 ? -2.301  0.078   -6.466  1.00 64.58  ? 156 TRP A CD1 1 
ATOM   1238 C CD2 . TRP A 1 156 ? -1.951  -1.941  -7.337  1.00 67.83  ? 156 TRP A CD2 1 
ATOM   1239 N NE1 . TRP A 1 156 ? -3.424  -0.672  -6.192  1.00 49.56  ? 156 TRP A NE1 1 
ATOM   1240 C CE2 . TRP A 1 156 ? -3.224  -1.923  -6.705  1.00 60.17  ? 156 TRP A CE2 1 
ATOM   1241 C CE3 . TRP A 1 156 ? -1.518  -3.117  -7.950  1.00 55.62  ? 156 TRP A CE3 1 
ATOM   1242 C CZ2 . TRP A 1 156 ? -4.049  -3.012  -6.707  1.00 53.05  ? 156 TRP A CZ2 1 
ATOM   1243 C CZ3 . TRP A 1 156 ? -2.362  -4.212  -7.928  1.00 69.50  ? 156 TRP A CZ3 1 
ATOM   1244 C CH2 . TRP A 1 156 ? -3.601  -4.154  -7.322  1.00 60.54  ? 156 TRP A CH2 1 
ATOM   1245 N N   . ILE A 1 157 ? 0.885   -0.851  -4.358  1.00 58.59  ? 157 ILE A N   1 
ATOM   1246 C CA  . ILE A 1 157 ? 0.484   -0.376  -3.068  1.00 49.85  ? 157 ILE A CA  1 
ATOM   1247 C C   . ILE A 1 157 ? 1.713   -0.217  -2.288  1.00 53.85  ? 157 ILE A C   1 
ATOM   1248 O O   . ILE A 1 157 ? 2.343   -1.222  -1.862  1.00 60.75  ? 157 ILE A O   1 
ATOM   1249 C CB  . ILE A 1 157 ? -0.435  -1.334  -2.385  1.00 47.71  ? 157 ILE A CB  1 
ATOM   1250 C CG1 . ILE A 1 157 ? -1.805  -1.203  -2.959  1.00 48.24  ? 157 ILE A CG1 1 
ATOM   1251 C CG2 . ILE A 1 157 ? -0.554  -1.077  -0.932  1.00 51.22  ? 157 ILE A CG2 1 
ATOM   1252 C CD1 . ILE A 1 157 ? -2.354  -2.527  -3.298  1.00 48.79  ? 157 ILE A CD1 1 
ATOM   1253 N N   . ARG A 1 158 ? 2.010   1.059   -2.074  1.00 52.61  ? 158 ARG A N   1 
ATOM   1254 C CA  . ARG A 1 158 ? 3.166   1.522   -1.315  1.00 60.67  ? 158 ARG A CA  1 
ATOM   1255 C C   . ARG A 1 158 ? 2.851   2.340   -0.098  1.00 54.43  ? 158 ARG A C   1 
ATOM   1256 O O   . ARG A 1 158 ? 1.709   2.859   0.129   1.00 54.83  ? 158 ARG A O   1 
ATOM   1257 C CB  . ARG A 1 158 ? 4.138   2.276   -2.179  1.00 39.23  ? 158 ARG A CB  1 
ATOM   1258 C CG  . ARG A 1 158 ? 4.902   1.313   -2.908  1.00 45.37  ? 158 ARG A CG  1 
ATOM   1259 C CD  . ARG A 1 158 ? 5.689   2.039   -4.023  1.00 57.90  ? 158 ARG A CD  1 
ATOM   1260 N NE  . ARG A 1 158 ? 6.631   1.165   -4.773  1.00 72.59  ? 158 ARG A NE  1 
ATOM   1261 C CZ  . ARG A 1 158 ? 7.631   1.544   -5.609  1.00 73.16  ? 158 ARG A CZ  1 
ATOM   1262 N NH1 . ARG A 1 158 ? 7.927   2.802   -5.931  1.00 74.30  ? 158 ARG A NH1 1 
ATOM   1263 N NH2 . ARG A 1 158 ? 8.367   0.625   -6.164  1.00 73.23  ? 158 ARG A NH2 1 
ATOM   1264 N N   . HIS A 1 159 ? 3.934   2.450   0.647   1.00 49.59  ? 159 HIS A N   1 
ATOM   1265 C CA  . HIS A 1 159 ? 3.864   3.049   1.907   1.00 45.26  ? 159 HIS A CA  1 
ATOM   1266 C C   . HIS A 1 159 ? 5.240   3.529   2.354   1.00 60.94  ? 159 HIS A C   1 
ATOM   1267 O O   . HIS A 1 159 ? 6.268   2.957   2.036   1.00 63.35  ? 159 HIS A O   1 
ATOM   1268 C CB  . HIS A 1 159 ? 3.262   2.069   2.837   1.00 45.81  ? 159 HIS A CB  1 
ATOM   1269 C CG  . HIS A 1 159 ? 2.916   2.644   4.156   1.00 56.87  ? 159 HIS A CG  1 
ATOM   1270 N ND1 . HIS A 1 159 ? 3.690   2.430   5.271   1.00 51.38  ? 159 HIS A ND1 1 
ATOM   1271 C CD2 . HIS A 1 159 ? 1.860   3.390   4.548   1.00 54.03  ? 159 HIS A CD2 1 
ATOM   1272 C CE1 . HIS A 1 159 ? 3.137   3.064   6.295   1.00 64.54  ? 159 HIS A CE1 1 
ATOM   1273 N NE2 . HIS A 1 159 ? 2.020   3.635   5.884   1.00 70.56  ? 159 HIS A NE2 1 
ATOM   1274 N N   . LEU A 1 160 ? 5.301   4.608   3.092   1.00 47.30  ? 160 LEU A N   1 
ATOM   1275 C CA  . LEU A 1 160 ? 6.564   4.742   3.735   1.00 62.14  ? 160 LEU A CA  1 
ATOM   1276 C C   . LEU A 1 160 ? 6.437   5.060   5.246   1.00 67.49  ? 160 LEU A C   1 
ATOM   1277 O O   . LEU A 1 160 ? 5.356   5.359   5.764   1.00 60.16  ? 160 LEU A O   1 
ATOM   1278 C CB  . LEU A 1 160 ? 7.421   5.706   2.964   1.00 59.70  ? 160 LEU A CB  1 
ATOM   1279 C CG  . LEU A 1 160 ? 6.475   6.907   2.937   1.00 68.71  ? 160 LEU A CG  1 
ATOM   1280 C CD1 . LEU A 1 160 ? 6.743   7.703   4.192   1.00 81.13  ? 160 LEU A CD1 1 
ATOM   1281 C CD2 . LEU A 1 160 ? 6.676   7.826   1.777   1.00 48.35  ? 160 LEU A CD2 1 
ATOM   1282 N N   . LYS A 1 161 ? 7.556   4.953   5.943   1.00 62.78  ? 161 LYS A N   1 
ATOM   1283 C CA  . LYS A 1 161 ? 7.551   4.984   7.369   1.00 66.77  ? 161 LYS A CA  1 
ATOM   1284 C C   . LYS A 1 161 ? 9.005   5.208   7.661   1.00 73.45  ? 161 LYS A C   1 
ATOM   1285 O O   . LYS A 1 161 ? 9.855   5.008   6.760   1.00 55.67  ? 161 LYS A O   1 
ATOM   1286 C CB  . LYS A 1 161 ? 7.057   3.644   7.916   1.00 58.72  ? 161 LYS A CB  1 
ATOM   1287 C CG  . LYS A 1 161 ? 8.107   2.519   8.006   1.00 57.33  ? 161 LYS A CG  1 
ATOM   1288 C CD  . LYS A 1 161 ? 7.533   1.233   8.710   1.00 69.89  ? 161 LYS A CD  1 
ATOM   1289 C CE  . LYS A 1 161 ? 8.630   0.257   9.330   1.00 80.40  ? 161 LYS A CE  1 
ATOM   1290 N NZ  . LYS A 1 161 ? 10.059  0.263   8.787   1.00 74.42  ? 161 LYS A NZ  1 
ATOM   1291 N N   . LEU A 1 162 ? 9.308   5.628   8.884   1.00 61.06  ? 162 LEU A N   1 
ATOM   1292 C CA  . LEU A 1 162 ? 10.698  5.813   9.211   1.00 69.13  ? 162 LEU A CA  1 
ATOM   1293 C C   . LEU A 1 162 ? 11.296  4.503   9.610   1.00 77.36  ? 162 LEU A C   1 
ATOM   1294 O O   . LEU A 1 162 ? 10.580  3.605   10.111  1.00 65.31  ? 162 LEU A O   1 
ATOM   1295 C CB  . LEU A 1 162 ? 10.850  6.719   10.383  1.00 80.04  ? 162 LEU A CB  1 
ATOM   1296 C CG  . LEU A 1 162 ? 10.015  7.953   10.363  1.00 79.84  ? 162 LEU A CG  1 
ATOM   1297 C CD1 . LEU A 1 162 ? 9.536   8.259   11.754  1.00 71.33  ? 162 LEU A CD1 1 
ATOM   1298 C CD2 . LEU A 1 162 ? 10.968  8.951   9.857   1.00 65.09  ? 162 LEU A CD2 1 
ATOM   1299 N N   . VAL A 1 163 ? 12.627  4.459   9.472   1.00 75.13  ? 163 VAL A N   1 
ATOM   1300 C CA  . VAL A 1 163 ? 13.451  3.242   9.608   1.00 78.43  ? 163 VAL A CA  1 
ATOM   1301 C C   . VAL A 1 163 ? 13.183  2.538   10.921  1.00 77.49  ? 163 VAL A C   1 
ATOM   1302 O O   . VAL A 1 163 ? 13.085  1.305   11.003  1.00 89.18  ? 163 VAL A O   1 
ATOM   1303 C CB  . VAL A 1 163 ? 14.982  3.525   9.409   1.00 81.23  ? 163 VAL A CB  1 
ATOM   1304 C CG1 . VAL A 1 163 ? 15.367  3.177   8.046   1.00 71.55  ? 163 VAL A CG1 1 
ATOM   1305 C CG2 . VAL A 1 163 ? 15.373  5.030   9.715   1.00 94.78  ? 163 VAL A CG2 1 
ATOM   1306 N N   . GLU A 1 164 ? 12.951  3.355   11.918  1.00 73.97  ? 164 GLU A N   1 
ATOM   1307 C CA  . GLU A 1 164 ? 12.792  2.891   13.267  1.00 93.76  ? 164 GLU A CA  1 
ATOM   1308 C C   . GLU A 1 164 ? 11.371  2.587   13.702  1.00 88.41  ? 164 GLU A C   1 
ATOM   1309 O O   . GLU A 1 164 ? 11.164  1.926   14.724  1.00 97.43  ? 164 GLU A O   1 
ATOM   1310 C CB  . GLU A 1 164 ? 13.350  3.970   14.138  1.00 88.86  ? 164 GLU A CB  1 
ATOM   1311 C CG  . GLU A 1 164 ? 13.745  5.138   13.284  1.00 111.94 ? 164 GLU A CG  1 
ATOM   1312 C CD  . GLU A 1 164 ? 13.200  6.458   13.839  1.00 131.96 ? 164 GLU A CD  1 
ATOM   1313 O OE1 . GLU A 1 164 ? 12.891  6.511   15.061  1.00 124.67 ? 164 GLU A OE1 1 
ATOM   1314 O OE2 . GLU A 1 164 ? 13.085  7.432   13.043  1.00 120.34 ? 164 GLU A OE2 1 
ATOM   1315 N N   . GLU A 1 165 ? 10.378  3.049   12.967  1.00 78.98  ? 165 GLU A N   1 
ATOM   1316 C CA  . GLU A 1 165 ? 9.034   2.556   13.286  1.00 82.97  ? 165 GLU A CA  1 
ATOM   1317 C C   . GLU A 1 165 ? 8.889   1.109   12.890  1.00 77.70  ? 165 GLU A C   1 
ATOM   1318 O O   . GLU A 1 165 ? 9.721   0.525   12.192  1.00 105.37 ? 165 GLU A O   1 
ATOM   1319 C CB  . GLU A 1 165 ? 7.933   3.372   12.620  1.00 82.19  ? 165 GLU A CB  1 
ATOM   1320 C CG  . GLU A 1 165 ? 8.060   4.808   12.950  1.00 91.96  ? 165 GLU A CG  1 
ATOM   1321 C CD  . GLU A 1 165 ? 7.316   5.732   12.014  1.00 104.72 ? 165 GLU A CD  1 
ATOM   1322 O OE1 . GLU A 1 165 ? 7.652   5.832   10.782  1.00 97.51  ? 165 GLU A OE1 1 
ATOM   1323 O OE2 . GLU A 1 165 ? 6.402   6.390   12.556  1.00 93.65  ? 165 GLU A OE2 1 
ATOM   1324 N N   . PRO A 1 166 ? 7.813   0.520   13.337  1.00 87.37  ? 166 PRO A N   1 
ATOM   1325 C CA  . PRO A 1 166 ? 7.474   -0.891  13.123  1.00 106.47 ? 166 PRO A CA  1 
ATOM   1326 C C   . PRO A 1 166 ? 6.630   -1.091  11.866  1.00 98.07  ? 166 PRO A C   1 
ATOM   1327 O O   . PRO A 1 166 ? 5.604   -0.358  11.799  1.00 86.37  ? 166 PRO A O   1 
ATOM   1328 C CB  . PRO A 1 166 ? 6.551   -1.199  14.335  1.00 108.27 ? 166 PRO A CB  1 
ATOM   1329 C CG  . PRO A 1 166 ? 6.293   0.186   15.050  1.00 69.10  ? 166 PRO A CG  1 
ATOM   1330 C CD  . PRO A 1 166 ? 6.784   1.237   14.114  1.00 91.65  ? 166 PRO A CD  1 
ATOM   1331 N N   . SER A 1 167 ? 6.973   -2.055  10.985  1.00 78.92  ? 167 SER A N   1 
ATOM   1332 C CA  . SER A 1 167 ? 6.209   -2.310  9.739   1.00 61.02  ? 167 SER A CA  1 
ATOM   1333 C C   . SER A 1 167 ? 4.745   -2.663  10.015  1.00 76.21  ? 167 SER A C   1 
ATOM   1334 O O   . SER A 1 167 ? 4.401   -3.333  11.020  1.00 61.49  ? 167 SER A O   1 
ATOM   1335 C CB  . SER A 1 167 ? 6.891   -3.325  8.836   1.00 61.78  ? 167 SER A CB  1 
ATOM   1336 O OG  . SER A 1 167 ? 8.203   -2.859  8.421   1.00 77.64  ? 167 SER A OG  1 
ATOM   1337 N N   . LEU A 1 168 ? 3.850   -2.100  9.201   1.00 73.67  ? 168 LEU A N   1 
ATOM   1338 C CA  . LEU A 1 168 ? 2.519   -2.635  9.252   1.00 65.71  ? 168 LEU A CA  1 
ATOM   1339 C C   . LEU A 1 168 ? 2.591   -4.058  8.645   1.00 75.55  ? 168 LEU A C   1 
ATOM   1340 O O   . LEU A 1 168 ? 3.619   -4.559  8.099   1.00 85.04  ? 168 LEU A O   1 
ATOM   1341 C CB  . LEU A 1 168 ? 1.556   -1.758  8.515   1.00 64.29  ? 168 LEU A CB  1 
ATOM   1342 C CG  . LEU A 1 168 ? 0.869   -0.572  9.183   1.00 66.31  ? 168 LEU A CG  1 
ATOM   1343 C CD1 . LEU A 1 168 ? 0.286   0.325   8.112   1.00 67.56  ? 168 LEU A CD1 1 
ATOM   1344 C CD2 . LEU A 1 168 ? -0.306  -0.966  9.992   1.00 62.60  ? 168 LEU A CD2 1 
ATOM   1345 N N   . PRO A 1 169 ? 1.526   -4.757  8.798   1.00 67.09  ? 169 PRO A N   1 
ATOM   1346 C CA  . PRO A 1 169 ? 1.424   -6.187  8.513   1.00 61.03  ? 169 PRO A CA  1 
ATOM   1347 C C   . PRO A 1 169 ? 1.388   -6.388  7.035   1.00 73.18  ? 169 PRO A C   1 
ATOM   1348 O O   . PRO A 1 169 ? 0.518   -5.750  6.413   1.00 59.50  ? 169 PRO A O   1 
ATOM   1349 C CB  . PRO A 1 169 ? 0.032   -6.561  9.053   1.00 53.88  ? 169 PRO A CB  1 
ATOM   1350 C CG  . PRO A 1 169 ? -0.344  -5.479  9.926   1.00 69.22  ? 169 PRO A CG  1 
ATOM   1351 C CD  . PRO A 1 169 ? 0.426   -4.238  9.594   1.00 67.73  ? 169 PRO A CD  1 
ATOM   1352 N N   . GLY A 1 170 ? 2.239   -7.269  6.497   1.00 71.81  ? 170 GLY A N   1 
ATOM   1353 C CA  . GLY A 1 170 ? 2.291   -7.422  5.055   1.00 66.76  ? 170 GLY A CA  1 
ATOM   1354 C C   . GLY A 1 170 ? 3.069   -6.332  4.346   1.00 68.53  ? 170 GLY A C   1 
ATOM   1355 O O   . GLY A 1 170 ? 3.108   -6.281  3.139   1.00 75.56  ? 170 GLY A O   1 
ATOM   1356 N N   . PHE A 1 171 ? 3.679   -5.429  5.085   1.00 65.21  ? 171 PHE A N   1 
ATOM   1357 C CA  . PHE A 1 171 ? 4.562   -4.533  4.403   1.00 64.88  ? 171 PHE A CA  1 
ATOM   1358 C C   . PHE A 1 171 ? 6.033   -4.864  4.554   1.00 66.68  ? 171 PHE A C   1 
ATOM   1359 O O   . PHE A 1 171 ? 6.554   -5.358  5.593   1.00 83.60  ? 171 PHE A O   1 
ATOM   1360 C CB  . PHE A 1 171 ? 4.317   -3.096  4.804   1.00 55.09  ? 171 PHE A CB  1 
ATOM   1361 C CG  . PHE A 1 171 ? 3.032   -2.553  4.314   1.00 53.18  ? 171 PHE A CG  1 
ATOM   1362 C CD1 . PHE A 1 171 ? 1.909   -2.720  5.023   1.00 49.91  ? 171 PHE A CD1 1 
ATOM   1363 C CD2 . PHE A 1 171 ? 2.963   -1.828  3.102   1.00 61.69  ? 171 PHE A CD2 1 
ATOM   1364 C CE1 . PHE A 1 171 ? 0.653   -2.143  4.509   1.00 70.53  ? 171 PHE A CE1 1 
ATOM   1365 C CE2 . PHE A 1 171 ? 1.765   -1.306  2.584   1.00 37.91  ? 171 PHE A CE2 1 
ATOM   1366 C CZ  . PHE A 1 171 ? 0.611   -1.430  3.281   1.00 34.71  ? 171 PHE A CZ  1 
ATOM   1367 N N   . GLU A 1 172 ? 6.715   -4.481  3.523   1.00 56.01  ? 172 GLU A N   1 
ATOM   1368 C CA  . GLU A 1 172 ? 7.938   -5.096  3.202   1.00 68.04  ? 172 GLU A CA  1 
ATOM   1369 C C   . GLU A 1 172 ? 8.864   -4.041  2.631   1.00 70.39  ? 172 GLU A C   1 
ATOM   1370 O O   . GLU A 1 172 ? 8.555   -3.342  1.694   1.00 70.15  ? 172 GLU A O   1 
ATOM   1371 C CB  . GLU A 1 172 ? 7.559   -6.112  2.158   1.00 74.59  ? 172 GLU A CB  1 
ATOM   1372 C CG  . GLU A 1 172 ? 6.359   -6.961  2.621   1.00 94.07  ? 172 GLU A CG  1 
ATOM   1373 C CD  . GLU A 1 172 ? 6.836   -8.174  3.484   1.00 118.79 ? 172 GLU A CD  1 
ATOM   1374 O OE1 . GLU A 1 172 ? 8.106   -8.301  3.379   1.00 68.93  ? 172 GLU A OE1 1 
ATOM   1375 O OE2 . GLU A 1 172 ? 6.017   -8.940  4.196   1.00 84.38  ? 172 GLU A OE2 1 
ATOM   1376 N N   . ASP A 1 173 ? 9.999   -3.912  3.263   1.00 79.44  ? 173 ASP A N   1 
ATOM   1377 C CA  . ASP A 1 173 ? 10.869  -2.812  3.004   1.00 64.63  ? 173 ASP A CA  1 
ATOM   1378 C C   . ASP A 1 173 ? 11.318  -2.989  1.592   1.00 58.99  ? 173 ASP A C   1 
ATOM   1379 O O   . ASP A 1 173 ? 11.892  -3.963  1.237   1.00 65.34  ? 173 ASP A O   1 
ATOM   1380 C CB  . ASP A 1 173 ? 12.126  -2.915  3.905   1.00 55.63  ? 173 ASP A CB  1 
ATOM   1381 C CG  . ASP A 1 173 ? 11.864  -2.554  5.359   1.00 77.05  ? 173 ASP A CG  1 
ATOM   1382 O OD1 . ASP A 1 173 ? 12.895  -2.248  5.965   1.00 89.20  ? 173 ASP A OD1 1 
ATOM   1383 O OD2 . ASP A 1 173 ? 10.724  -2.588  5.926   1.00 70.47  ? 173 ASP A OD2 1 
ATOM   1384 N N   . LEU A 1 174 ? 11.144  -1.969  0.806   1.00 76.17  ? 174 LEU A N   1 
ATOM   1385 C CA  . LEU A 1 174 ? 11.695  -1.921  -0.523  1.00 57.83  ? 174 LEU A CA  1 
ATOM   1386 C C   . LEU A 1 174 ? 13.029  -1.217  -0.631  1.00 73.61  ? 174 LEU A C   1 
ATOM   1387 O O   . LEU A 1 174 ? 14.011  -1.855  -0.985  1.00 74.05  ? 174 LEU A O   1 
ATOM   1388 C CB  . LEU A 1 174 ? 10.775  -1.071  -1.317  1.00 69.04  ? 174 LEU A CB  1 
ATOM   1389 C CG  . LEU A 1 174 ? 10.638  -1.526  -2.738  1.00 80.71  ? 174 LEU A CG  1 
ATOM   1390 C CD1 . LEU A 1 174 ? 10.449  -0.326  -3.571  1.00 65.08  ? 174 LEU A CD1 1 
ATOM   1391 C CD2 . LEU A 1 174 ? 11.846  -2.240  -3.185  1.00 63.45  ? 174 LEU A CD2 1 
ATOM   1392 N N   . LEU A 1 175 ? 13.062  0.119   -0.468  1.00 81.15  ? 175 LEU A N   1 
ATOM   1393 C CA  . LEU A 1 175 ? 14.357  0.866   -0.206  1.00 80.96  ? 175 LEU A CA  1 
ATOM   1394 C C   . LEU A 1 175 ? 14.315  2.068   0.654   1.00 80.06  ? 175 LEU A C   1 
ATOM   1395 O O   . LEU A 1 175 ? 13.262  2.383   1.325   1.00 71.61  ? 175 LEU A O   1 
ATOM   1396 C CB  . LEU A 1 175 ? 15.121  1.361   -1.408  1.00 62.76  ? 175 LEU A CB  1 
ATOM   1397 C CG  . LEU A 1 175 ? 14.193  1.913   -2.482  1.00 98.35  ? 175 LEU A CG  1 
ATOM   1398 C CD1 . LEU A 1 175 ? 13.940  3.364   -2.486  1.00 53.07  ? 175 LEU A CD1 1 
ATOM   1399 C CD2 . LEU A 1 175 ? 14.738  1.559   -3.835  1.00 97.49  ? 175 LEU A CD2 1 
ATOM   1400 N N   . ARG A 1 176 ? 15.499  2.720   0.632   1.00 64.48  ? 176 ARG A N   1 
ATOM   1401 C CA  . ARG A 1 176 ? 15.760  3.740   1.651   1.00 60.47  ? 176 ARG A CA  1 
ATOM   1402 C C   . ARG A 1 176 ? 16.132  4.920   0.950   1.00 65.73  ? 176 ARG A C   1 
ATOM   1403 O O   . ARG A 1 176 ? 16.874  4.838   -0.053  1.00 61.90  ? 176 ARG A O   1 
ATOM   1404 C CB  . ARG A 1 176 ? 16.770  3.321   2.725   1.00 77.00  ? 176 ARG A CB  1 
ATOM   1405 C CG  . ARG A 1 176 ? 16.037  2.363   3.799   1.00 74.64  ? 176 ARG A CG  1 
ATOM   1406 C CD  . ARG A 1 176 ? 16.834  2.117   5.095   1.00 73.31  ? 176 ARG A CD  1 
ATOM   1407 N NE  . ARG A 1 176 ? 18.250  2.523   4.971   1.00 99.55  ? 176 ARG A NE  1 
ATOM   1408 C CZ  . ARG A 1 176 ? 19.031  2.772   6.011   1.00 96.06  ? 176 ARG A CZ  1 
ATOM   1409 N NH1 . ARG A 1 176 ? 18.564  2.661   7.249   1.00 77.97  ? 176 ARG A NH1 1 
ATOM   1410 N NH2 . ARG A 1 176 ? 20.272  3.131   5.806   1.00 91.75  ? 176 ARG A NH2 1 
ATOM   1411 N N   . ILE A 1 177 ? 15.499  6.003   1.412   1.00 59.81  ? 177 ILE A N   1 
ATOM   1412 C CA  . ILE A 1 177 ? 15.848  7.358   0.924   1.00 74.61  ? 177 ILE A CA  1 
ATOM   1413 C C   . ILE A 1 177 ? 15.884  8.461   1.986   1.00 71.59  ? 177 ILE A C   1 
ATOM   1414 O O   . ILE A 1 177 ? 15.621  8.235   3.162   1.00 71.44  ? 177 ILE A O   1 
ATOM   1415 C CB  . ILE A 1 177 ? 14.845  7.844   -0.109  1.00 67.60  ? 177 ILE A CB  1 
ATOM   1416 C CG1 . ILE A 1 177 ? 13.471  7.377   0.269   1.00 54.52  ? 177 ILE A CG1 1 
ATOM   1417 C CG2 . ILE A 1 177 ? 15.105  7.264   -1.470  1.00 65.24  ? 177 ILE A CG2 1 
ATOM   1418 C CD1 . ILE A 1 177 ? 12.442  8.394   0.083   1.00 46.65  ? 177 ILE A CD1 1 
ATOM   1419 N N   . ARG A 1 178 ? 16.132  9.661   1.497   1.00 58.07  ? 178 ARG A N   1 
ATOM   1420 C CA  . ARG A 1 178 ? 16.335  10.861  2.272   1.00 58.32  ? 178 ARG A CA  1 
ATOM   1421 C C   . ARG A 1 178 ? 15.579  11.992  1.524   1.00 75.67  ? 178 ARG A C   1 
ATOM   1422 O O   . ARG A 1 178 ? 15.508  11.991  0.308   1.00 61.68  ? 178 ARG A O   1 
ATOM   1423 C CB  . ARG A 1 178 ? 17.836  11.245  2.179   1.00 52.67  ? 178 ARG A CB  1 
ATOM   1424 C CG  . ARG A 1 178 ? 18.335  12.440  3.023   1.00 66.27  ? 178 ARG A CG  1 
ATOM   1425 C CD  . ARG A 1 178 ? 19.664  13.037  2.515   1.00 48.39  ? 178 ARG A CD  1 
ATOM   1426 N NE  . ARG A 1 178 ? 20.391  12.027  1.811   1.00 68.82  ? 178 ARG A NE  1 
ATOM   1427 C CZ  . ARG A 1 178 ? 21.254  12.290  0.839   1.00 75.00  ? 178 ARG A CZ  1 
ATOM   1428 N NH1 . ARG A 1 178 ? 21.489  13.536  0.506   1.00 57.32  ? 178 ARG A NH1 1 
ATOM   1429 N NH2 . ARG A 1 178 ? 21.885  11.314  0.196   1.00 71.21  ? 178 ARG A NH2 1 
ATOM   1430 N N   . VAL A 1 179 ? 15.110  13.039  2.196   1.00 67.38  ? 179 VAL A N   1 
ATOM   1431 C CA  . VAL A 1 179 ? 14.577  14.164  1.453   1.00 60.64  ? 179 VAL A CA  1 
ATOM   1432 C C   . VAL A 1 179 ? 15.373  15.451  1.610   1.00 65.67  ? 179 VAL A C   1 
ATOM   1433 O O   . VAL A 1 179 ? 15.577  15.844  2.721   1.00 80.15  ? 179 VAL A O   1 
ATOM   1434 C CB  . VAL A 1 179 ? 13.212  14.435  2.049   1.00 60.91  ? 179 VAL A CB  1 
ATOM   1435 C CG1 . VAL A 1 179 ? 12.548  15.642  1.412   1.00 54.65  ? 179 VAL A CG1 1 
ATOM   1436 C CG2 . VAL A 1 179 ? 12.357  13.233  1.857   1.00 45.41  ? 179 VAL A CG2 1 
ATOM   1437 N N   . GLU A 1 180 ? 15.772  16.153  0.551   1.00 65.59  ? 180 GLU A N   1 
ATOM   1438 C CA  . GLU A 1 180 ? 16.603  17.332  0.745   1.00 60.05  ? 180 GLU A CA  1 
ATOM   1439 C C   . GLU A 1 180 ? 16.258  18.486  -0.206  1.00 64.24  ? 180 GLU A C   1 
ATOM   1440 O O   . GLU A 1 180 ? 15.502  18.334  -1.134  1.00 67.30  ? 180 GLU A O   1 
ATOM   1441 C CB  . GLU A 1 180 ? 18.080  16.921  0.624   1.00 57.11  ? 180 GLU A CB  1 
ATOM   1442 C CG  . GLU A 1 180 ? 18.604  16.806  -0.848  1.00 71.41  ? 180 GLU A CG  1 
ATOM   1443 C CD  . GLU A 1 180 ? 20.016  16.167  -0.981  1.00 68.65  ? 180 GLU A CD  1 
ATOM   1444 O OE1 . GLU A 1 180 ? 20.486  15.689  0.091   1.00 73.10  ? 180 GLU A OE1 1 
ATOM   1445 O OE2 . GLU A 1 180 ? 20.636  16.114  -2.122  1.00 65.55  ? 180 GLU A OE2 1 
ATOM   1446 N N   . PRO A 1 181 ? 16.789  19.669  0.076   1.00 66.86  ? 181 PRO A N   1 
ATOM   1447 C CA  . PRO A 1 181 ? 16.456  20.763  -0.801  1.00 56.39  ? 181 PRO A CA  1 
ATOM   1448 C C   . PRO A 1 181 ? 17.093  20.513  -2.119  1.00 74.12  ? 181 PRO A C   1 
ATOM   1449 O O   . PRO A 1 181 ? 18.232  20.028  -2.132  1.00 71.88  ? 181 PRO A O   1 
ATOM   1450 C CB  . PRO A 1 181 ? 17.073  21.995  -0.107  1.00 78.63  ? 181 PRO A CB  1 
ATOM   1451 C CG  . PRO A 1 181 ? 17.148  21.677  1.413   1.00 45.06  ? 181 PRO A CG  1 
ATOM   1452 C CD  . PRO A 1 181 ? 17.399  20.130  1.348   1.00 85.84  ? 181 PRO A CD  1 
ATOM   1453 N N   . ASN A 1 182 ? 16.362  20.859  -3.187  1.00 71.50  ? 182 ASN A N   1 
ATOM   1454 C CA  . ASN A 1 182 ? 16.705  20.453  -4.525  1.00 51.69  ? 182 ASN A CA  1 
ATOM   1455 C C   . ASN A 1 182 ? 17.344  21.668  -5.049  1.00 60.50  ? 182 ASN A C   1 
ATOM   1456 O O   . ASN A 1 182 ? 16.956  22.133  -6.126  1.00 65.69  ? 182 ASN A O   1 
ATOM   1457 C CB  . ASN A 1 182 ? 15.447  20.186  -5.380  1.00 71.81  ? 182 ASN A CB  1 
ATOM   1458 C CG  . ASN A 1 182 ? 15.815  19.568  -6.705  1.00 57.94  ? 182 ASN A CG  1 
ATOM   1459 O OD1 . ASN A 1 182 ? 16.862  19.038  -6.760  1.00 75.45  ? 182 ASN A OD1 1 
ATOM   1460 N ND2 . ASN A 1 182 ? 15.013  19.676  -7.765  1.00 71.33  ? 182 ASN A ND2 1 
ATOM   1461 N N   . THR A 1 183 ? 18.359  22.176  -4.334  1.00 81.99  ? 183 THR A N   1 
ATOM   1462 C CA  . THR A 1 183 ? 18.812  23.554  -4.518  1.00 66.62  ? 183 THR A CA  1 
ATOM   1463 C C   . THR A 1 183 ? 20.276  23.703  -4.999  1.00 83.92  ? 183 THR A C   1 
ATOM   1464 O O   . THR A 1 183 ? 20.791  24.815  -5.288  1.00 82.54  ? 183 THR A O   1 
ATOM   1465 C CB  . THR A 1 183 ? 18.634  24.267  -3.199  1.00 82.61  ? 183 THR A CB  1 
ATOM   1466 O OG1 . THR A 1 183 ? 18.429  25.659  -3.447  1.00 75.11  ? 183 THR A OG1 1 
ATOM   1467 C CG2 . THR A 1 183 ? 19.847  23.911  -2.146  1.00 84.79  ? 183 THR A CG2 1 
ATOM   1468 N N   . SER A 1 184 ? 20.931  22.560  -5.087  1.00 83.19  ? 184 SER A N   1 
ATOM   1469 C CA  . SER A 1 184 ? 22.360  22.502  -5.238  1.00 76.01  ? 184 SER A CA  1 
ATOM   1470 C C   . SER A 1 184 ? 22.582  21.200  -5.858  1.00 74.39  ? 184 SER A C   1 
ATOM   1471 O O   . SER A 1 184 ? 21.712  20.338  -5.777  1.00 70.57  ? 184 SER A O   1 
ATOM   1472 C CB  . SER A 1 184 ? 22.993  22.440  -3.865  1.00 65.30  ? 184 SER A CB  1 
ATOM   1473 O OG  . SER A 1 184 ? 22.812  23.726  -3.315  1.00 97.87  ? 184 SER A OG  1 
ATOM   1474 N N   . PRO A 1 185 ? 23.771  21.010  -6.450  1.00 74.45  ? 185 PRO A N   1 
ATOM   1475 C CA  . PRO A 1 185 ? 23.960  19.831  -7.289  1.00 73.80  ? 185 PRO A CA  1 
ATOM   1476 C C   . PRO A 1 185 ? 23.947  18.554  -6.533  1.00 71.20  ? 185 PRO A C   1 
ATOM   1477 O O   . PRO A 1 185 ? 24.117  18.482  -5.338  1.00 72.59  ? 185 PRO A O   1 
ATOM   1478 C CB  . PRO A 1 185 ? 25.304  20.081  -7.915  1.00 50.13  ? 185 PRO A CB  1 
ATOM   1479 C CG  . PRO A 1 185 ? 25.313  21.512  -8.091  1.00 76.06  ? 185 PRO A CG  1 
ATOM   1480 C CD  . PRO A 1 185 ? 24.801  22.013  -6.750  1.00 76.30  ? 185 PRO A CD  1 
ATOM   1481 N N   . LEU A 1 186 ? 23.698  17.505  -7.266  1.00 78.18  ? 186 LEU A N   1 
ATOM   1482 C CA  . LEU A 1 186 ? 23.612  16.261  -6.582  1.00 100.60 ? 186 LEU A CA  1 
ATOM   1483 C C   . LEU A 1 186 ? 25.038  15.901  -6.069  1.00 105.67 ? 186 LEU A C   1 
ATOM   1484 O O   . LEU A 1 186 ? 26.014  15.985  -6.835  1.00 80.90  ? 186 LEU A O   1 
ATOM   1485 C CB  . LEU A 1 186 ? 22.953  15.216  -7.495  1.00 76.87  ? 186 LEU A CB  1 
ATOM   1486 C CG  . LEU A 1 186 ? 22.320  14.078  -6.705  1.00 100.86 ? 186 LEU A CG  1 
ATOM   1487 C CD1 . LEU A 1 186 ? 22.735  14.115  -5.185  1.00 115.44 ? 186 LEU A CD1 1 
ATOM   1488 C CD2 . LEU A 1 186 ? 20.842  14.140  -6.867  1.00 83.04  ? 186 LEU A CD2 1 
ATOM   1489 N N   . ALA A 1 187 ? 25.107  15.523  -4.779  1.00 94.44  ? 187 ALA A N   1 
ATOM   1490 C CA  . ALA A 1 187 ? 26.340  15.266  -4.045  1.00 104.11 ? 187 ALA A CA  1 
ATOM   1491 C C   . ALA A 1 187 ? 27.030  13.896  -4.318  1.00 111.16 ? 187 ALA A C   1 
ATOM   1492 O O   . ALA A 1 187 ? 26.759  12.895  -3.618  1.00 79.09  ? 187 ALA A O   1 
ATOM   1493 C CB  . ALA A 1 187 ? 26.042  15.428  -2.552  1.00 102.81 ? 187 ALA A CB  1 
ATOM   1494 N N   . GLY A 1 188 ? 27.929  13.853  -5.314  1.00 91.83  ? 188 GLY A N   1 
ATOM   1495 C CA  . GLY A 1 188 ? 28.663  12.624  -5.611  1.00 94.90  ? 188 GLY A CA  1 
ATOM   1496 C C   . GLY A 1 188 ? 28.230  12.159  -6.973  1.00 129.73 ? 188 GLY A C   1 
ATOM   1497 O O   . GLY A 1 188 ? 28.071  13.020  -7.844  1.00 119.91 ? 188 GLY A O   1 
ATOM   1498 N N   . LYS A 1 189 ? 28.023  10.849  -7.176  1.00 132.07 ? 189 LYS A N   1 
ATOM   1499 C CA  . LYS A 1 189 ? 27.409  10.351  -8.438  1.00 125.50 ? 189 LYS A CA  1 
ATOM   1500 C C   . LYS A 1 189 ? 26.976  8.865   -8.395  1.00 114.87 ? 189 LYS A C   1 
ATOM   1501 O O   . LYS A 1 189 ? 26.217  8.395   -9.275  1.00 106.76 ? 189 LYS A O   1 
ATOM   1502 C CB  . LYS A 1 189 ? 28.221  10.745  -9.722  1.00 113.42 ? 189 LYS A CB  1 
ATOM   1503 C CG  . LYS A 1 189 ? 29.746  10.646  -9.593  1.00 125.05 ? 189 LYS A CG  1 
ATOM   1504 C CD  . LYS A 1 189 ? 30.301  9.226   -9.899  1.00 119.91 ? 189 LYS A CD  1 
ATOM   1505 C CE  . LYS A 1 189 ? 30.814  9.127   -11.381 1.00 131.63 ? 189 LYS A CE  1 
ATOM   1506 N NZ  . LYS A 1 189 ? 31.643  10.302  -12.002 1.00 85.94  ? 189 LYS A NZ  1 
ATOM   1507 N N   . ASP A 1 190 ? 27.489  8.145   -7.389  1.00 95.83  ? 190 ASP A N   1 
ATOM   1508 C CA  . ASP A 1 190 ? 26.739  7.060   -6.714  1.00 119.64 ? 190 ASP A CA  1 
ATOM   1509 C C   . ASP A 1 190 ? 25.206  7.414   -6.479  1.00 114.98 ? 190 ASP A C   1 
ATOM   1510 O O   . ASP A 1 190 ? 24.302  6.638   -6.778  1.00 99.64  ? 190 ASP A O   1 
ATOM   1511 C CB  . ASP A 1 190 ? 27.425  6.691   -5.362  1.00 112.93 ? 190 ASP A CB  1 
ATOM   1512 C CG  . ASP A 1 190 ? 27.995  7.960   -4.589  1.00 139.86 ? 190 ASP A CG  1 
ATOM   1513 O OD1 . ASP A 1 190 ? 29.019  8.543   -5.057  1.00 114.64 ? 190 ASP A OD1 1 
ATOM   1514 O OD2 . ASP A 1 190 ? 27.431  8.383   -3.521  1.00 107.49 ? 190 ASP A OD2 1 
ATOM   1515 N N   . GLU A 1 191 ? 24.933  8.620   -5.990  1.00 129.30 ? 191 GLU A N   1 
ATOM   1516 C CA  . GLU A 1 191 ? 23.592  9.091   -5.613  1.00 106.47 ? 191 GLU A CA  1 
ATOM   1517 C C   . GLU A 1 191 ? 22.560  9.254   -6.733  1.00 113.57 ? 191 GLU A C   1 
ATOM   1518 O O   . GLU A 1 191 ? 22.886  9.779   -7.841  1.00 84.91  ? 191 GLU A O   1 
ATOM   1519 C CB  . GLU A 1 191 ? 23.732  10.509  -5.059  1.00 110.55 ? 191 GLU A CB  1 
ATOM   1520 C CG  . GLU A 1 191 ? 24.603  10.668  -3.850  1.00 126.35 ? 191 GLU A CG  1 
ATOM   1521 C CD  . GLU A 1 191 ? 23.774  10.836  -2.605  1.00 112.61 ? 191 GLU A CD  1 
ATOM   1522 O OE1 . GLU A 1 191 ? 23.442  9.788   -1.962  1.00 109.09 ? 191 GLU A OE1 1 
ATOM   1523 O OE2 . GLU A 1 191 ? 23.457  12.024  -2.307  1.00 96.72  ? 191 GLU A OE2 1 
ATOM   1524 N N   . LYS A 1 192 ? 21.295  8.937   -6.410  1.00 84.19  ? 192 LYS A N   1 
ATOM   1525 C CA  . LYS A 1 192 ? 20.263  9.264   -7.367  1.00 73.92  ? 192 LYS A CA  1 
ATOM   1526 C C   . LYS A 1 192 ? 18.885  9.741   -6.884  1.00 69.19  ? 192 LYS A C   1 
ATOM   1527 O O   . LYS A 1 192 ? 18.344  9.373   -5.867  1.00 67.00  ? 192 LYS A O   1 
ATOM   1528 C CB  . LYS A 1 192 ? 20.105  8.110   -8.326  1.00 89.55  ? 192 LYS A CB  1 
ATOM   1529 C CG  . LYS A 1 192 ? 19.849  8.555   -9.732  1.00 97.89  ? 192 LYS A CG  1 
ATOM   1530 C CD  . LYS A 1 192 ? 20.258  7.398   -10.628 1.00 134.55 ? 192 LYS A CD  1 
ATOM   1531 C CE  . LYS A 1 192 ? 21.471  6.589   -10.068 1.00 112.26 ? 192 LYS A CE  1 
ATOM   1532 N NZ  . LYS A 1 192 ? 22.795  7.227   -10.431 1.00 98.51  ? 192 LYS A NZ  1 
ATOM   1533 N N   . ILE A 1 193 ? 18.324  10.582  -7.694  1.00 59.07  ? 193 ILE A N   1 
ATOM   1534 C CA  . ILE A 1 193 ? 16.991  11.116  -7.552  1.00 62.83  ? 193 ILE A CA  1 
ATOM   1535 C C   . ILE A 1 193 ? 16.055  9.936   -7.656  1.00 62.87  ? 193 ILE A C   1 
ATOM   1536 O O   . ILE A 1 193 ? 16.121  9.125   -8.589  1.00 87.93  ? 193 ILE A O   1 
ATOM   1537 C CB  . ILE A 1 193 ? 16.814  12.079  -8.762  1.00 69.96  ? 193 ILE A CB  1 
ATOM   1538 C CG1 . ILE A 1 193 ? 18.234  12.337  -9.491  1.00 102.15 ? 193 ILE A CG1 1 
ATOM   1539 C CG2 . ILE A 1 193 ? 16.387  13.393  -8.316  1.00 45.95  ? 193 ILE A CG2 1 
ATOM   1540 C CD1 . ILE A 1 193 ? 18.989  11.351  -10.749 1.00 59.80  ? 193 ILE A CD1 1 
ATOM   1541 N N   . PHE A 1 194 ? 15.256  9.773   -6.641  1.00 58.55  ? 194 PHE A N   1 
ATOM   1542 C CA  . PHE A 1 194 ? 14.133  8.821   -6.607  1.00 55.03  ? 194 PHE A CA  1 
ATOM   1543 C C   . PHE A 1 194 ? 12.872  9.247   -7.434  1.00 67.00  ? 194 PHE A C   1 
ATOM   1544 O O   . PHE A 1 194 ? 12.270  10.350  -7.292  1.00 52.44  ? 194 PHE A O   1 
ATOM   1545 C CB  . PHE A 1 194 ? 13.737  8.595   -5.143  1.00 53.80  ? 194 PHE A CB  1 
ATOM   1546 C CG  . PHE A 1 194 ? 12.675  7.531   -4.923  1.00 60.39  ? 194 PHE A CG  1 
ATOM   1547 C CD1 . PHE A 1 194 ? 12.907  6.222   -5.220  1.00 61.16  ? 194 PHE A CD1 1 
ATOM   1548 C CD2 . PHE A 1 194 ? 11.434  7.871   -4.373  1.00 61.93  ? 194 PHE A CD2 1 
ATOM   1549 C CE1 . PHE A 1 194 ? 11.945  5.293   -5.017  1.00 51.03  ? 194 PHE A CE1 1 
ATOM   1550 C CE2 . PHE A 1 194 ? 10.490  6.985   -4.238  1.00 47.01  ? 194 PHE A CE2 1 
ATOM   1551 C CZ  . PHE A 1 194 ? 10.746  5.673   -4.584  1.00 50.27  ? 194 PHE A CZ  1 
ATOM   1552 N N   . ARG A 1 195 ? 12.521  8.323   -8.298  1.00 57.70  ? 195 ARG A N   1 
ATOM   1553 C CA  . ARG A 1 195 ? 11.459  8.429   -9.239  1.00 80.34  ? 195 ARG A CA  1 
ATOM   1554 C C   . ARG A 1 195 ? 10.458  7.440   -8.684  1.00 93.54  ? 195 ARG A C   1 
ATOM   1555 O O   . ARG A 1 195 ? 10.628  6.216   -8.835  1.00 97.98  ? 195 ARG A O   1 
ATOM   1556 C CB  . ARG A 1 195 ? 11.928  7.978   -10.637 1.00 97.19  ? 195 ARG A CB  1 
ATOM   1557 C CG  . ARG A 1 195 ? 12.884  9.010   -11.418 1.00 113.87 ? 195 ARG A CG  1 
ATOM   1558 C CD  . ARG A 1 195 ? 13.005  8.733   -13.005 1.00 135.63 ? 195 ARG A CD  1 
ATOM   1559 N NE  . ARG A 1 195 ? 12.432  7.468   -13.585 1.00 143.60 ? 195 ARG A NE  1 
ATOM   1560 C CZ  . ARG A 1 195 ? 13.063  6.267   -13.725 1.00 145.64 ? 195 ARG A CZ  1 
ATOM   1561 N NH1 . ARG A 1 195 ? 14.329  6.097   -13.299 1.00 115.30 ? 195 ARG A NH1 1 
ATOM   1562 N NH2 . ARG A 1 195 ? 12.430  5.189   -14.280 1.00 92.79  ? 195 ARG A NH2 1 
ATOM   1563 N N   . PHE A 1 196 ? 9.458   8.010   -8.001  1.00 68.39  ? 196 PHE A N   1 
ATOM   1564 C CA  . PHE A 1 196 ? 8.270   7.409   -7.414  1.00 50.27  ? 196 PHE A CA  1 
ATOM   1565 C C   . PHE A 1 196 ? 7.441   6.378   -8.150  1.00 62.52  ? 196 PHE A C   1 
ATOM   1566 O O   . PHE A 1 196 ? 6.413   5.968   -7.619  1.00 54.95  ? 196 PHE A O   1 
ATOM   1567 C CB  . PHE A 1 196 ? 7.330   8.576   -7.100  1.00 63.28  ? 196 PHE A CB  1 
ATOM   1568 C CG  . PHE A 1 196 ? 7.839   9.387   -5.968  1.00 54.46  ? 196 PHE A CG  1 
ATOM   1569 C CD1 . PHE A 1 196 ? 7.567   8.998   -4.634  1.00 62.81  ? 196 PHE A CD1 1 
ATOM   1570 C CD2 . PHE A 1 196 ? 8.667   10.471  -6.178  1.00 63.10  ? 196 PHE A CD2 1 
ATOM   1571 C CE1 . PHE A 1 196 ? 8.087   9.638   -3.532  1.00 42.72  ? 196 PHE A CE1 1 
ATOM   1572 C CE2 . PHE A 1 196 ? 9.214   11.210  -5.029  1.00 49.57  ? 196 PHE A CE2 1 
ATOM   1573 C CZ  . PHE A 1 196 ? 8.918   10.749  -3.741  1.00 63.49  ? 196 PHE A CZ  1 
ATOM   1574 N N   . GLY A 1 197 ? 7.902   5.961   -9.330  1.00 60.82  ? 197 GLY A N   1 
ATOM   1575 C CA  . GLY A 1 197 ? 7.201   5.102   -10.265 1.00 48.01  ? 197 GLY A CA  1 
ATOM   1576 C C   . GLY A 1 197 ? 5.890   5.679   -10.804 1.00 71.66  ? 197 GLY A C   1 
ATOM   1577 O O   . GLY A 1 197 ? 5.259   6.568   -10.163 1.00 54.36  ? 197 GLY A O   1 
ATOM   1578 N N   . SER A 1 198 ? 5.425   5.147   -11.951 1.00 78.26  ? 198 SER A N   1 
ATOM   1579 C CA  . SER A 1 198 ? 4.091   5.609   -12.425 1.00 96.68  ? 198 SER A CA  1 
ATOM   1580 C C   . SER A 1 198 ? 3.164   4.531   -11.969 1.00 92.66  ? 198 SER A C   1 
ATOM   1581 O O   . SER A 1 198 ? 3.591   3.312   -11.845 1.00 72.01  ? 198 SER A O   1 
ATOM   1582 C CB  . SER A 1 198 ? 3.996   5.758   -13.950 1.00 87.16  ? 198 SER A CB  1 
ATOM   1583 O OG  . SER A 1 198 ? 4.308   7.072   -14.378 1.00 80.84  ? 198 SER A OG  1 
ATOM   1584 N N   . HIS A 1 199 ? 1.943   4.928   -11.639 1.00 73.10  ? 199 HIS A N   1 
ATOM   1585 C CA  . HIS A 1 199 ? 1.071   3.850   -11.217 1.00 78.02  ? 199 HIS A CA  1 
ATOM   1586 C C   . HIS A 1 199 ? 1.404   3.227   -9.837  1.00 60.54  ? 199 HIS A C   1 
ATOM   1587 O O   . HIS A 1 199 ? 0.855   2.253   -9.470  1.00 66.53  ? 199 HIS A O   1 
ATOM   1588 C CB  . HIS A 1 199 ? 1.183   2.752   -12.290 1.00 63.20  ? 199 HIS A CB  1 
ATOM   1589 C CG  . HIS A 1 199 ? 0.572   3.143   -13.591 1.00 83.54  ? 199 HIS A CG  1 
ATOM   1590 N ND1 . HIS A 1 199 ? 1.262   3.102   -14.776 1.00 80.75  ? 199 HIS A ND1 1 
ATOM   1591 C CD2 . HIS A 1 199 ? -0.663  3.630   -13.884 1.00 92.53  ? 199 HIS A CD2 1 
ATOM   1592 C CE1 . HIS A 1 199 ? 0.473   3.540   -15.747 1.00 95.05  ? 199 HIS A CE1 1 
ATOM   1593 N NE2 . HIS A 1 199 ? -0.699  3.865   -15.234 1.00 76.34  ? 199 HIS A NE2 1 
ATOM   1594 N N   . LYS A 1 200 ? 2.364   3.743   -9.118  1.00 58.49  ? 200 LYS A N   1 
ATOM   1595 C CA  . LYS A 1 200 ? 2.555   3.395   -7.755  1.00 39.31  ? 200 LYS A CA  1 
ATOM   1596 C C   . LYS A 1 200 ? 1.607   4.303   -6.959  1.00 50.01  ? 200 LYS A C   1 
ATOM   1597 O O   . LYS A 1 200 ? 1.017   5.233   -7.526  1.00 59.95  ? 200 LYS A O   1 
ATOM   1598 C CB  . LYS A 1 200 ? 3.967   3.739   -7.485  1.00 59.34  ? 200 LYS A CB  1 
ATOM   1599 C CG  . LYS A 1 200 ? 4.909   2.567   -7.584  1.00 48.01  ? 200 LYS A CG  1 
ATOM   1600 C CD  . LYS A 1 200 ? 4.422   1.651   -8.527  1.00 52.48  ? 200 LYS A CD  1 
ATOM   1601 C CE  . LYS A 1 200 ? 5.077   0.322   -8.222  1.00 54.57  ? 200 LYS A CE  1 
ATOM   1602 N NZ  . LYS A 1 200 ? 4.525   -0.767  -9.143  1.00 64.19  ? 200 LYS A NZ  1 
ATOM   1603 N N   . TRP A 1 201 ? 1.365   3.977   -5.692  1.00 54.41  ? 201 TRP A N   1 
ATOM   1604 C CA  . TRP A 1 201 ? 0.608   4.835   -4.751  1.00 50.83  ? 201 TRP A CA  1 
ATOM   1605 C C   . TRP A 1 201 ? 1.187   4.784   -3.393  1.00 63.07  ? 201 TRP A C   1 
ATOM   1606 O O   . TRP A 1 201 ? 1.779   3.769   -3.028  1.00 64.54  ? 201 TRP A O   1 
ATOM   1607 C CB  . TRP A 1 201 ? -0.826  4.478   -4.573  1.00 36.21  ? 201 TRP A CB  1 
ATOM   1608 C CG  . TRP A 1 201 ? -1.595  4.724   -5.821  1.00 49.65  ? 201 TRP A CG  1 
ATOM   1609 C CD1 . TRP A 1 201 ? -1.448  4.076   -7.075  1.00 68.98  ? 201 TRP A CD1 1 
ATOM   1610 C CD2 . TRP A 1 201 ? -2.673  5.641   -5.987  1.00 38.02  ? 201 TRP A CD2 1 
ATOM   1611 N NE1 . TRP A 1 201 ? -2.403  4.556   -7.995  1.00 52.62  ? 201 TRP A NE1 1 
ATOM   1612 C CE2 . TRP A 1 201 ? -3.133  5.539   -7.351  1.00 36.67  ? 201 TRP A CE2 1 
ATOM   1613 C CE3 . TRP A 1 201 ? -3.301  6.555   -5.124  1.00 47.28  ? 201 TRP A CE3 1 
ATOM   1614 C CZ2 . TRP A 1 201 ? -4.133  6.330   -7.856  1.00 21.76  ? 201 TRP A CZ2 1 
ATOM   1615 C CZ3 . TRP A 1 201 ? -4.347  7.347   -5.620  1.00 65.44  ? 201 TRP A CZ3 1 
ATOM   1616 C CH2 . TRP A 1 201 ? -4.745  7.234   -7.011  1.00 48.51  ? 201 TRP A CH2 1 
ATOM   1617 N N   . TYR A 1 202 ? 1.001   5.882   -2.648  1.00 57.14  ? 202 TYR A N   1 
ATOM   1618 C CA  . TYR A 1 202 ? 1.602   6.021   -1.339  1.00 56.25  ? 202 TYR A CA  1 
ATOM   1619 C C   . TYR A 1 202 ? 0.667   6.550   -0.297  1.00 61.79  ? 202 TYR A C   1 
ATOM   1620 O O   . TYR A 1 202 ? 0.296   7.739   -0.360  1.00 39.26  ? 202 TYR A O   1 
ATOM   1621 C CB  . TYR A 1 202 ? 2.718   7.001   -1.506  1.00 40.41  ? 202 TYR A CB  1 
ATOM   1622 C CG  . TYR A 1 202 ? 3.826   6.503   -2.425  1.00 48.03  ? 202 TYR A CG  1 
ATOM   1623 C CD1 . TYR A 1 202 ? 3.742   6.738   -3.803  1.00 50.06  ? 202 TYR A CD1 1 
ATOM   1624 C CD2 . TYR A 1 202 ? 4.969   5.805   -1.919  1.00 46.60  ? 202 TYR A CD2 1 
ATOM   1625 C CE1 . TYR A 1 202 ? 4.772   6.346   -4.673  1.00 51.50  ? 202 TYR A CE1 1 
ATOM   1626 C CE2 . TYR A 1 202 ? 6.023   5.395   -2.790  1.00 51.88  ? 202 TYR A CE2 1 
ATOM   1627 C CZ  . TYR A 1 202 ? 5.887   5.659   -4.165  1.00 53.19  ? 202 TYR A CZ  1 
ATOM   1628 O OH  . TYR A 1 202 ? 6.800   5.270   -5.097  1.00 48.30  ? 202 TYR A OH  1 
ATOM   1629 N N   . GLY A 1 203 ? 0.275   5.693   0.651   1.00 60.74  ? 203 GLY A N   1 
ATOM   1630 C CA  . GLY A 1 203 ? -0.714  6.155   1.623   1.00 60.97  ? 203 GLY A CA  1 
ATOM   1631 C C   . GLY A 1 203 ? -0.406  5.775   3.057   1.00 57.63  ? 203 GLY A C   1 
ATOM   1632 O OXT . GLY A 1 203 ? 0.024   4.643   3.153   1.00 61.29  ? 203 GLY A OXT 1 
HETATM 1633 O O   . HOH B 2 .   ? 5.208   -7.509  7.108   1.00 70.73  ? 204 HOH A O   1 
HETATM 1634 O O   . HOH B 2 .   ? 11.785  -1.857  9.121   1.00 78.30  ? 205 HOH A O   1 
HETATM 1635 O O   . HOH B 2 .   ? -15.825 -27.911 6.457   1.00 97.96  ? 206 HOH A O   1 
HETATM 1636 O O   . HOH B 2 .   ? -3.943  11.530  1.439   1.00 55.35  ? 207 HOH A O   1 
HETATM 1637 O O   . HOH B 2 .   ? 0.401   6.356   7.974   1.00 55.22  ? 208 HOH A O   1 
HETATM 1638 O O   . HOH B 2 .   ? 23.166  5.928   -1.940  1.00 81.32  ? 209 HOH A O   1 
HETATM 1639 O O   . HOH B 2 .   ? -22.289 -2.265  7.593   1.00 60.11  ? 210 HOH A O   1 
HETATM 1640 O O   . HOH B 2 .   ? 23.315  10.054  -10.678 1.00 83.05  ? 211 HOH A O   1 
HETATM 1641 O O   . HOH B 2 .   ? 13.720  5.448   -8.566  1.00 62.61  ? 212 HOH A O   1 
HETATM 1642 O O   . HOH B 2 .   ? 20.954  19.602  -1.513  1.00 77.49  ? 213 HOH A O   1 
HETATM 1643 O O   . HOH B 2 .   ? -17.404 -17.334 -14.214 1.00 81.03  ? 214 HOH A O   1 
HETATM 1644 O O   . HOH B 2 .   ? -12.907 -32.258 9.424   1.00 86.88  ? 215 HOH A O   1 
HETATM 1645 O O   . HOH B 2 .   ? -10.985 13.124  -1.530  1.00 70.93  ? 216 HOH A O   1 
HETATM 1646 O O   . HOH B 2 .   ? 12.209  -1.162  13.047  1.00 78.14  ? 217 HOH A O   1 
HETATM 1647 O O   . HOH B 2 .   ? 2.433   -3.317  13.570  1.00 68.14  ? 218 HOH A O   1 
HETATM 1648 O O   . HOH B 2 .   ? -19.395 -2.171  0.995   1.00 52.79  ? 219 HOH A O   1 
HETATM 1649 O O   . HOH B 2 .   ? 18.760  2.317   -1.584  1.00 59.98  ? 220 HOH A O   1 
HETATM 1650 O O   . HOH B 2 .   ? -3.552  -30.644 -0.242  1.00 84.49  ? 221 HOH A O   1 
HETATM 1651 O O   . HOH B 2 .   ? 18.126  1.250   0.565   1.00 65.59  ? 222 HOH A O   1 
HETATM 1652 O O   . HOH B 2 .   ? -9.384  -0.084  15.189  1.00 67.12  ? 223 HOH A O   1 
# 
